data_9KAP
# 
_entry.id   9KAP 
# 
_audit_conform.dict_name       mmcif_pdbx.dic 
_audit_conform.dict_version    5.403 
_audit_conform.dict_location   http://mmcif.pdb.org/dictionaries/ascii/mmcif_pdbx.dic 
# 
loop_
_database_2.database_id 
_database_2.database_code 
_database_2.pdbx_database_accession 
_database_2.pdbx_DOI 
PDB   9KAP         pdb_00009kap 10.2210/pdb9kap/pdb 
WWPDB D_1300053035 ?            ?                   
EMDB  EMD-62213    ?            ?                   
# 
loop_
_pdbx_audit_revision_history.ordinal 
_pdbx_audit_revision_history.data_content_type 
_pdbx_audit_revision_history.major_revision 
_pdbx_audit_revision_history.minor_revision 
_pdbx_audit_revision_history.revision_date 
_pdbx_audit_revision_history.part_number 
1 'Structure model' 1 0 2025-06-11 ? 
2 'Structure model' 1 1 2025-06-25 ? 
# 
_pdbx_audit_revision_details.ordinal             1 
_pdbx_audit_revision_details.revision_ordinal    1 
_pdbx_audit_revision_details.data_content_type   'Structure model' 
_pdbx_audit_revision_details.provider            repository 
_pdbx_audit_revision_details.type                'Initial release' 
_pdbx_audit_revision_details.description         ? 
_pdbx_audit_revision_details.details             ? 
# 
loop_
_pdbx_audit_revision_group.ordinal 
_pdbx_audit_revision_group.revision_ordinal 
_pdbx_audit_revision_group.data_content_type 
_pdbx_audit_revision_group.group 
1 2 'Structure model' 'Data collection'     
2 2 'Structure model' 'Database references' 
# 
loop_
_pdbx_audit_revision_category.ordinal 
_pdbx_audit_revision_category.revision_ordinal 
_pdbx_audit_revision_category.data_content_type 
_pdbx_audit_revision_category.category 
1 2 'Structure model' citation        
2 2 'Structure model' citation_author 
3 2 'Structure model' em_admin        
# 
loop_
_pdbx_audit_revision_item.ordinal 
_pdbx_audit_revision_item.revision_ordinal 
_pdbx_audit_revision_item.data_content_type 
_pdbx_audit_revision_item.item 
1 2 'Structure model' '_citation.journal_volume'          
2 2 'Structure model' '_citation.page_first'              
3 2 'Structure model' '_citation.page_last'               
4 2 'Structure model' '_citation_author.identifier_ORCID' 
5 2 'Structure model' '_em_admin.last_update'             
# 
_pdbx_database_status.status_code                     REL 
_pdbx_database_status.status_code_sf                  ? 
_pdbx_database_status.status_code_mr                  ? 
_pdbx_database_status.entry_id                        9KAP 
_pdbx_database_status.recvd_initial_deposition_date   2024-10-29 
_pdbx_database_status.SG_entry                        N 
_pdbx_database_status.deposit_site                    PDBJ 
_pdbx_database_status.process_site                    PDBC 
_pdbx_database_status.status_code_cs                  ? 
_pdbx_database_status.status_code_nmr_data            ? 
_pdbx_database_status.methods_development_category    ? 
_pdbx_database_status.pdb_format_compatible           Y 
# 
_pdbx_database_related.db_name        EMDB 
_pdbx_database_related.details        'Cryo-EM structure of glycopeptide fibril' 
_pdbx_database_related.db_id          EMD-62213 
_pdbx_database_related.content_type   'associated EM volume' 
# 
_pdbx_contact_author.id                 2 
_pdbx_contact_author.email              xiawc@sioc.ac.cn 
_pdbx_contact_author.name_first         Cong 
_pdbx_contact_author.name_last          Liu 
_pdbx_contact_author.name_mi            ? 
_pdbx_contact_author.role               'principal investigator/group leader' 
_pdbx_contact_author.identifier_ORCID   0000-0003-3425-6672 
# 
loop_
_audit_author.name 
_audit_author.pdbx_ordinal 
_audit_author.identifier_ORCID 
'Xia, W.C.' 1 ? 
'Liu, C.'   2 ? 
# 
_citation.abstract                  ? 
_citation.abstract_id_CAS           ? 
_citation.book_id_ISBN              ? 
_citation.book_publisher            ? 
_citation.book_publisher_city       ? 
_citation.book_title                ? 
_citation.coordinate_linkage        ? 
_citation.country                   US 
_citation.database_id_Medline       ? 
_citation.details                   ? 
_citation.id                        primary 
_citation.journal_abbrev            J.Am.Chem.Soc. 
_citation.journal_id_ASTM           JACSAT 
_citation.journal_id_CSD            ? 
_citation.journal_id_ISSN           1520-5126 
_citation.journal_full              ? 
_citation.journal_issue             ? 
_citation.journal_volume            147 
_citation.language                  ? 
_citation.page_first                20132 
_citation.page_last                 20143 
_citation.title                     
'Design and Structural Elucidation of Glycopeptide Fibrils: Emulating Glycosaminoglycan Functions for Biomedical Applications.' 
_citation.year                      2025 
_citation.database_id_CSD           ? 
_citation.pdbx_database_id_DOI      10.1021/jacs.5c07039 
_citation.pdbx_database_id_PubMed   40448703 
_citation.pdbx_database_id_patent   ? 
_citation.unpublished_flag          ? 
# 
loop_
_citation_author.citation_id 
_citation_author.name 
_citation_author.ordinal 
_citation_author.identifier_ORCID 
primary 'Xia, W.'   1  ? 
primary 'Xu, Z.'    2  ? 
primary 'Dong, H.'  3  ? 
primary 'Zhang, S.' 4  ? 
primary 'He, C.'    5  ? 
primary 'Li, D.'    6  ? 
primary 'Sun, B.'   7  ? 
primary 'Dai, B.'   8  ? 
primary 'Dong, S.'  9  ? 
primary 'Liu, C.'   10 ? 
# 
loop_
_entity.id 
_entity.type 
_entity.src_method 
_entity.pdbx_description 
_entity.formula_weight 
_entity.pdbx_number_of_molecules 
_entity.pdbx_ec 
_entity.pdbx_mutation 
_entity.pdbx_fragment 
_entity.details 
1 polymer     syn TYR-TYR-CYS-TYR-TYR            773.853 12 ? ? ? ? 
2 non-polymer syn 'beta-D-glucopyranuronic acid' 194.139 12 ? ? ? ? 
# 
_entity_poly.entity_id                      1 
_entity_poly.type                           'polypeptide(L)' 
_entity_poly.nstd_linkage                   no 
_entity_poly.nstd_monomer                   no 
_entity_poly.pdbx_seq_one_letter_code       YYCYY 
_entity_poly.pdbx_seq_one_letter_code_can   YYCYY 
_entity_poly.pdbx_strand_id                 A,B,E,F,I,J,M,N,Q,R,U,V 
_entity_poly.pdbx_target_identifier         ? 
# 
_pdbx_entity_nonpoly.entity_id   2 
_pdbx_entity_nonpoly.name        'beta-D-glucopyranuronic acid' 
_pdbx_entity_nonpoly.comp_id     BDP 
# 
loop_
_entity_poly_seq.entity_id 
_entity_poly_seq.num 
_entity_poly_seq.mon_id 
_entity_poly_seq.hetero 
1 1 TYR n 
1 2 TYR n 
1 3 CYS n 
1 4 TYR n 
1 5 TYR n 
# 
_pdbx_entity_src_syn.entity_id              1 
_pdbx_entity_src_syn.pdbx_src_id            1 
_pdbx_entity_src_syn.pdbx_alt_source_flag   sample 
_pdbx_entity_src_syn.pdbx_beg_seq_num       1 
_pdbx_entity_src_syn.pdbx_end_seq_num       5 
_pdbx_entity_src_syn.organism_scientific    'synthetic construct' 
_pdbx_entity_src_syn.organism_common_name   ? 
_pdbx_entity_src_syn.ncbi_taxonomy_id       32630 
_pdbx_entity_src_syn.details                ? 
# 
loop_
_chem_comp.id 
_chem_comp.type 
_chem_comp.mon_nstd_flag 
_chem_comp.name 
_chem_comp.pdbx_synonyms 
_chem_comp.formula 
_chem_comp.formula_weight 
BDP 'D-saccharide, beta linking' . 'beta-D-glucopyranuronic acid' 'beta-D-glucuronic acid; D-glucuronic acid; glucuronic acid' 
'C6 H10 O7'    194.139 
CYS 'L-peptide linking'          y CYSTEINE                       ?                                                            
'C3 H7 N O2 S' 121.158 
TYR 'L-peptide linking'          y TYROSINE                       ?                                                            
'C9 H11 N O3'  181.189 
# 
loop_
_pdbx_chem_comp_identifier.comp_id 
_pdbx_chem_comp_identifier.type 
_pdbx_chem_comp_identifier.program 
_pdbx_chem_comp_identifier.program_version 
_pdbx_chem_comp_identifier.identifier 
BDP 'CONDENSED IUPAC CARBOHYDRATE SYMBOL' GMML     1.0 DGlcpAb                     
BDP 'COMMON NAME'                         GMML     1.0 'b-D-glucopyranuronic acid' 
BDP 'IUPAC CARBOHYDRATE SYMBOL'           PDB-CARE 1.0 b-D-GlcpA                   
BDP 'SNFG CARBOHYDRATE SYMBOL'            GMML     1.0 GlcA                        
# 
loop_
_pdbx_poly_seq_scheme.asym_id 
_pdbx_poly_seq_scheme.entity_id 
_pdbx_poly_seq_scheme.seq_id 
_pdbx_poly_seq_scheme.mon_id 
_pdbx_poly_seq_scheme.ndb_seq_num 
_pdbx_poly_seq_scheme.pdb_seq_num 
_pdbx_poly_seq_scheme.auth_seq_num 
_pdbx_poly_seq_scheme.pdb_mon_id 
_pdbx_poly_seq_scheme.auth_mon_id 
_pdbx_poly_seq_scheme.pdb_strand_id 
_pdbx_poly_seq_scheme.pdb_ins_code 
_pdbx_poly_seq_scheme.hetero 
A 1 1 TYR 1 1 1 TYR TYR A . n 
A 1 2 TYR 2 2 2 TYR TYR A . n 
A 1 3 CYS 3 3 3 CYS CYS A . n 
A 1 4 TYR 4 4 4 TYR TYR A . n 
A 1 5 TYR 5 5 5 TYR TYR A . n 
B 1 1 TYR 1 1 1 TYR TYR B . n 
B 1 2 TYR 2 2 2 TYR TYR B . n 
B 1 3 CYS 3 3 3 CYS CYS B . n 
B 1 4 TYR 4 4 4 TYR TYR B . n 
B 1 5 TYR 5 5 5 TYR TYR B . n 
C 1 1 TYR 1 1 1 TYR TYR E . n 
C 1 2 TYR 2 2 2 TYR TYR E . n 
C 1 3 CYS 3 3 3 CYS CYS E . n 
C 1 4 TYR 4 4 4 TYR TYR E . n 
C 1 5 TYR 5 5 5 TYR TYR E . n 
D 1 1 TYR 1 1 1 TYR TYR F . n 
D 1 2 TYR 2 2 2 TYR TYR F . n 
D 1 3 CYS 3 3 3 CYS CYS F . n 
D 1 4 TYR 4 4 4 TYR TYR F . n 
D 1 5 TYR 5 5 5 TYR TYR F . n 
E 1 1 TYR 1 1 1 TYR TYR I . n 
E 1 2 TYR 2 2 2 TYR TYR I . n 
E 1 3 CYS 3 3 3 CYS CYS I . n 
E 1 4 TYR 4 4 4 TYR TYR I . n 
E 1 5 TYR 5 5 5 TYR TYR I . n 
F 1 1 TYR 1 1 1 TYR TYR J . n 
F 1 2 TYR 2 2 2 TYR TYR J . n 
F 1 3 CYS 3 3 3 CYS CYS J . n 
F 1 4 TYR 4 4 4 TYR TYR J . n 
F 1 5 TYR 5 5 5 TYR TYR J . n 
G 1 1 TYR 1 1 1 TYR TYR M . n 
G 1 2 TYR 2 2 2 TYR TYR M . n 
G 1 3 CYS 3 3 3 CYS CYS M . n 
G 1 4 TYR 4 4 4 TYR TYR M . n 
G 1 5 TYR 5 5 5 TYR TYR M . n 
H 1 1 TYR 1 1 1 TYR TYR N . n 
H 1 2 TYR 2 2 2 TYR TYR N . n 
H 1 3 CYS 3 3 3 CYS CYS N . n 
H 1 4 TYR 4 4 4 TYR TYR N . n 
H 1 5 TYR 5 5 5 TYR TYR N . n 
I 1 1 TYR 1 1 1 TYR TYR Q . n 
I 1 2 TYR 2 2 2 TYR TYR Q . n 
I 1 3 CYS 3 3 3 CYS CYS Q . n 
I 1 4 TYR 4 4 4 TYR TYR Q . n 
I 1 5 TYR 5 5 5 TYR TYR Q . n 
J 1 1 TYR 1 1 1 TYR TYR R . n 
J 1 2 TYR 2 2 2 TYR TYR R . n 
J 1 3 CYS 3 3 3 CYS CYS R . n 
J 1 4 TYR 4 4 4 TYR TYR R . n 
J 1 5 TYR 5 5 5 TYR TYR R . n 
K 1 1 TYR 1 1 1 TYR TYR U . n 
K 1 2 TYR 2 2 2 TYR TYR U . n 
K 1 3 CYS 3 3 3 CYS CYS U . n 
K 1 4 TYR 4 4 4 TYR TYR U . n 
K 1 5 TYR 5 5 5 TYR TYR U . n 
L 1 1 TYR 1 1 1 TYR TYR V . n 
L 1 2 TYR 2 2 2 TYR TYR V . n 
L 1 3 CYS 3 3 3 CYS CYS V . n 
L 1 4 TYR 4 4 4 TYR TYR V . n 
L 1 5 TYR 5 5 5 TYR TYR V . n 
# 
_pdbx_entity_instance_feature.ordinal        1 
_pdbx_entity_instance_feature.comp_id        BDP 
_pdbx_entity_instance_feature.asym_id        ? 
_pdbx_entity_instance_feature.seq_num        ? 
_pdbx_entity_instance_feature.auth_comp_id   BDP 
_pdbx_entity_instance_feature.auth_asym_id   ? 
_pdbx_entity_instance_feature.auth_seq_num   ? 
_pdbx_entity_instance_feature.feature_type   'SUBJECT OF INVESTIGATION' 
_pdbx_entity_instance_feature.details        ? 
# 
loop_
_pdbx_nonpoly_scheme.asym_id 
_pdbx_nonpoly_scheme.entity_id 
_pdbx_nonpoly_scheme.mon_id 
_pdbx_nonpoly_scheme.ndb_seq_num 
_pdbx_nonpoly_scheme.pdb_seq_num 
_pdbx_nonpoly_scheme.auth_seq_num 
_pdbx_nonpoly_scheme.pdb_mon_id 
_pdbx_nonpoly_scheme.auth_mon_id 
_pdbx_nonpoly_scheme.pdb_strand_id 
_pdbx_nonpoly_scheme.pdb_ins_code 
M 2 BDP 1 101 6 BDP GCA A . 
N 2 BDP 1 101 6 BDP GCA B . 
O 2 BDP 1 101 6 BDP GCA E . 
P 2 BDP 1 101 6 BDP GCA F . 
Q 2 BDP 1 101 6 BDP GCA I . 
R 2 BDP 1 101 6 BDP GCA J . 
S 2 BDP 1 101 6 BDP GCA M . 
T 2 BDP 1 101 6 BDP GCA N . 
U 2 BDP 1 101 6 BDP GCA Q . 
V 2 BDP 1 101 6 BDP GCA R . 
W 2 BDP 1 101 6 BDP GCA U . 
X 2 BDP 1 101 6 BDP GCA V . 
# 
loop_
_pdbx_unobs_or_zero_occ_atoms.id 
_pdbx_unobs_or_zero_occ_atoms.PDB_model_num 
_pdbx_unobs_or_zero_occ_atoms.polymer_flag 
_pdbx_unobs_or_zero_occ_atoms.occupancy_flag 
_pdbx_unobs_or_zero_occ_atoms.auth_asym_id 
_pdbx_unobs_or_zero_occ_atoms.auth_comp_id 
_pdbx_unobs_or_zero_occ_atoms.auth_seq_id 
_pdbx_unobs_or_zero_occ_atoms.PDB_ins_code 
_pdbx_unobs_or_zero_occ_atoms.auth_atom_id 
_pdbx_unobs_or_zero_occ_atoms.label_alt_id 
_pdbx_unobs_or_zero_occ_atoms.label_asym_id 
_pdbx_unobs_or_zero_occ_atoms.label_comp_id 
_pdbx_unobs_or_zero_occ_atoms.label_seq_id 
_pdbx_unobs_or_zero_occ_atoms.label_atom_id 
1  1 Y 1 A TYR 4 ? OH ? A TYR 4 OH 
2  1 Y 1 B TYR 4 ? OH ? B TYR 4 OH 
3  1 Y 1 E TYR 4 ? OH ? C TYR 4 OH 
4  1 Y 1 F TYR 4 ? OH ? D TYR 4 OH 
5  1 Y 1 I TYR 4 ? OH ? E TYR 4 OH 
6  1 Y 1 J TYR 4 ? OH ? F TYR 4 OH 
7  1 Y 1 M TYR 4 ? OH ? G TYR 4 OH 
8  1 Y 1 N TYR 4 ? OH ? H TYR 4 OH 
9  1 Y 1 Q TYR 4 ? OH ? I TYR 4 OH 
10 1 Y 1 R TYR 4 ? OH ? J TYR 4 OH 
11 1 Y 1 U TYR 4 ? OH ? K TYR 4 OH 
12 1 Y 1 V TYR 4 ? OH ? L TYR 4 OH 
# 
_cell.angle_alpha                  90.00 
_cell.angle_alpha_esd              ? 
_cell.angle_beta                   90.00 
_cell.angle_beta_esd               ? 
_cell.angle_gamma                  90.00 
_cell.angle_gamma_esd              ? 
_cell.entry_id                     9KAP 
_cell.details                      ? 
_cell.formula_units_Z              ? 
_cell.length_a                     1.00 
_cell.length_a_esd                 ? 
_cell.length_b                     1.00 
_cell.length_b_esd                 ? 
_cell.length_c                     1.00 
_cell.length_c_esd                 ? 
_cell.volume                       ? 
_cell.volume_esd                   ? 
_cell.Z_PDB                        ? 
_cell.reciprocal_angle_alpha       ? 
_cell.reciprocal_angle_beta        ? 
_cell.reciprocal_angle_gamma       ? 
_cell.reciprocal_angle_alpha_esd   ? 
_cell.reciprocal_angle_beta_esd    ? 
_cell.reciprocal_angle_gamma_esd   ? 
_cell.reciprocal_length_a          ? 
_cell.reciprocal_length_b          ? 
_cell.reciprocal_length_c          ? 
_cell.reciprocal_length_a_esd      ? 
_cell.reciprocal_length_b_esd      ? 
_cell.reciprocal_length_c_esd      ? 
_cell.pdbx_unique_axis             ? 
_cell.pdbx_esd_method              ? 
# 
_symmetry.entry_id                         9KAP 
_symmetry.cell_setting                     ? 
_symmetry.Int_Tables_number                1 
_symmetry.space_group_name_Hall            ? 
_symmetry.space_group_name_H-M             'P 1' 
_symmetry.pdbx_full_space_group_name_H-M   ? 
# 
_exptl.absorpt_coefficient_mu     ? 
_exptl.absorpt_correction_T_max   ? 
_exptl.absorpt_correction_T_min   ? 
_exptl.absorpt_correction_type    ? 
_exptl.absorpt_process_details    ? 
_exptl.entry_id                   9KAP 
_exptl.crystals_number            ? 
_exptl.details                    ? 
_exptl.method                     'ELECTRON MICROSCOPY' 
_exptl.method_details             ? 
# 
_refine.pdbx_refine_id                           'ELECTRON MICROSCOPY' 
_refine.entry_id                                 9KAP 
_refine.pdbx_diffrn_id                           ? 
_refine.pdbx_TLS_residual_ADP_flag               ? 
_refine.ls_number_reflns_obs                     ? 
_refine.ls_number_reflns_all                     ? 
_refine.pdbx_ls_sigma_I                          ? 
_refine.pdbx_ls_sigma_F                          ? 
_refine.pdbx_data_cutoff_high_absF               ? 
_refine.pdbx_data_cutoff_low_absF                ? 
_refine.pdbx_data_cutoff_high_rms_absF           ? 
_refine.ls_d_res_low                             ? 
_refine.ls_d_res_high                            . 
_refine.ls_percent_reflns_obs                    ? 
_refine.ls_R_factor_obs                          ? 
_refine.ls_R_factor_all                          ? 
_refine.ls_R_factor_R_work                       ? 
_refine.ls_R_factor_R_free                       ? 
_refine.ls_R_factor_R_free_error                 ? 
_refine.ls_R_factor_R_free_error_details         ? 
_refine.ls_percent_reflns_R_free                 ? 
_refine.ls_number_reflns_R_free                  ? 
_refine.ls_number_parameters                     ? 
_refine.ls_number_restraints                     ? 
_refine.occupancy_min                            ? 
_refine.occupancy_max                            ? 
_refine.correlation_coeff_Fo_to_Fc               ? 
_refine.correlation_coeff_Fo_to_Fc_free          ? 
_refine.B_iso_mean                               ? 
_refine.aniso_B[1][1]                            ? 
_refine.aniso_B[2][2]                            ? 
_refine.aniso_B[3][3]                            ? 
_refine.aniso_B[1][2]                            ? 
_refine.aniso_B[1][3]                            ? 
_refine.aniso_B[2][3]                            ? 
_refine.solvent_model_details                    ? 
_refine.solvent_model_param_ksol                 ? 
_refine.solvent_model_param_bsol                 ? 
_refine.pdbx_solvent_vdw_probe_radii             ? 
_refine.pdbx_solvent_ion_probe_radii             ? 
_refine.pdbx_solvent_shrinkage_radii             ? 
_refine.pdbx_ls_cross_valid_method               ? 
_refine.details                                  ? 
_refine.pdbx_starting_model                      ? 
_refine.pdbx_method_to_determine_struct          ? 
_refine.pdbx_isotropic_thermal_model             ? 
_refine.pdbx_stereochemistry_target_values       ? 
_refine.pdbx_stereochem_target_val_spec_case     ? 
_refine.pdbx_R_Free_selection_details            ? 
_refine.pdbx_overall_ESU_R                       ? 
_refine.pdbx_overall_ESU_R_Free                  ? 
_refine.overall_SU_ML                            ? 
_refine.pdbx_overall_phase_error                 ? 
_refine.overall_SU_B                             ? 
_refine.overall_SU_R_Cruickshank_DPI             ? 
_refine.pdbx_overall_SU_R_free_Cruickshank_DPI   ? 
_refine.pdbx_overall_SU_R_Blow_DPI               ? 
_refine.pdbx_overall_SU_R_free_Blow_DPI          ? 
# 
loop_
_refine_ls_restr.pdbx_refine_id 
_refine_ls_restr.criterion 
_refine_ls_restr.dev_ideal 
_refine_ls_restr.dev_ideal_target 
_refine_ls_restr.number 
_refine_ls_restr.rejects 
_refine_ls_restr.type 
_refine_ls_restr.weight 
_refine_ls_restr.pdbx_Zscore 
_refine_ls_restr.pdbx_restraint_function 
'ELECTRON MICROSCOPY' ? 0.087  ? 840  ? f_bond_d           ? ? ? 
'ELECTRON MICROSCOPY' ? 2.995  ? 1152 ? f_angle_d          ? ? ? 
'ELECTRON MICROSCOPY' ? 18.465 ? 204  ? f_dihedral_angle_d ? ? ? 
'ELECTRON MICROSCOPY' ? 0.165  ? 120  ? f_chiral_restr     ? ? ? 
'ELECTRON MICROSCOPY' ? 0.015  ? 120  ? f_plane_restr      ? ? ? 
# 
_struct.entry_id                     9KAP 
_struct.title                        'Cryo-EM structure of glycopeptide fibril' 
_struct.pdbx_model_details           ? 
_struct.pdbx_formula_weight          ? 
_struct.pdbx_formula_weight_method   ? 
_struct.pdbx_model_type_details      ? 
_struct.pdbx_CASP_flag               N 
# 
_struct_keywords.entry_id        9KAP 
_struct_keywords.text            'helical fibril, PROTEIN FIBRIL' 
_struct_keywords.pdbx_keywords   'PROTEIN FIBRIL' 
# 
loop_
_struct_asym.id 
_struct_asym.pdbx_blank_PDB_chainid_flag 
_struct_asym.pdbx_modified 
_struct_asym.entity_id 
_struct_asym.details 
A N N 1 ? 
B N N 1 ? 
C N N 1 ? 
D N N 1 ? 
E N N 1 ? 
F N N 1 ? 
G N N 1 ? 
H N N 1 ? 
I N N 1 ? 
J N N 1 ? 
K N N 1 ? 
L N N 1 ? 
M N N 2 ? 
N N N 2 ? 
O N N 2 ? 
P N N 2 ? 
Q N N 2 ? 
R N N 2 ? 
S N N 2 ? 
T N N 2 ? 
U N N 2 ? 
V N N 2 ? 
W N N 2 ? 
X N N 2 ? 
# 
_struct_ref.id                         1 
_struct_ref.db_name                    PDB 
_struct_ref.db_code                    9KAP 
_struct_ref.pdbx_db_accession          9KAP 
_struct_ref.pdbx_db_isoform            ? 
_struct_ref.entity_id                  1 
_struct_ref.pdbx_seq_one_letter_code   ? 
_struct_ref.pdbx_align_begin           1 
# 
loop_
_struct_ref_seq.align_id 
_struct_ref_seq.ref_id 
_struct_ref_seq.pdbx_PDB_id_code 
_struct_ref_seq.pdbx_strand_id 
_struct_ref_seq.seq_align_beg 
_struct_ref_seq.pdbx_seq_align_beg_ins_code 
_struct_ref_seq.seq_align_end 
_struct_ref_seq.pdbx_seq_align_end_ins_code 
_struct_ref_seq.pdbx_db_accession 
_struct_ref_seq.db_align_beg 
_struct_ref_seq.pdbx_db_align_beg_ins_code 
_struct_ref_seq.db_align_end 
_struct_ref_seq.pdbx_db_align_end_ins_code 
_struct_ref_seq.pdbx_auth_seq_align_beg 
_struct_ref_seq.pdbx_auth_seq_align_end 
1  1 9KAP A 1 ? 5 ? 9KAP 1 ? 5 ? 1 5 
2  1 9KAP B 1 ? 5 ? 9KAP 1 ? 5 ? 1 5 
3  1 9KAP E 1 ? 5 ? 9KAP 1 ? 5 ? 1 5 
4  1 9KAP F 1 ? 5 ? 9KAP 1 ? 5 ? 1 5 
5  1 9KAP I 1 ? 5 ? 9KAP 1 ? 5 ? 1 5 
6  1 9KAP J 1 ? 5 ? 9KAP 1 ? 5 ? 1 5 
7  1 9KAP M 1 ? 5 ? 9KAP 1 ? 5 ? 1 5 
8  1 9KAP N 1 ? 5 ? 9KAP 1 ? 5 ? 1 5 
9  1 9KAP Q 1 ? 5 ? 9KAP 1 ? 5 ? 1 5 
10 1 9KAP R 1 ? 5 ? 9KAP 1 ? 5 ? 1 5 
11 1 9KAP U 1 ? 5 ? 9KAP 1 ? 5 ? 1 5 
12 1 9KAP V 1 ? 5 ? 9KAP 1 ? 5 ? 1 5 
# 
_pdbx_struct_assembly.id                   1 
_pdbx_struct_assembly.details              author_defined_assembly 
_pdbx_struct_assembly.method_details       ? 
_pdbx_struct_assembly.oligomeric_details   dodecameric 
_pdbx_struct_assembly.oligomeric_count     12 
# 
_pdbx_struct_assembly_gen.assembly_id       1 
_pdbx_struct_assembly_gen.oper_expression   1 
_pdbx_struct_assembly_gen.asym_id_list      A,B,C,D,E,F,G,H,I,J,K,L,M,N,O,P,Q,R,S,T,U,V,W,X 
# 
_pdbx_struct_assembly_auth_evidence.id                     1 
_pdbx_struct_assembly_auth_evidence.assembly_id            1 
_pdbx_struct_assembly_auth_evidence.experimental_support   'electron microscopy' 
_pdbx_struct_assembly_auth_evidence.details                'not applicable' 
# 
_pdbx_struct_oper_list.id                   1 
_pdbx_struct_oper_list.type                 'identity operation' 
_pdbx_struct_oper_list.name                 1_555 
_pdbx_struct_oper_list.symmetry_operation   ? 
_pdbx_struct_oper_list.matrix[1][1]         1.0000000000 
_pdbx_struct_oper_list.matrix[1][2]         0.0000000000 
_pdbx_struct_oper_list.matrix[1][3]         0.0000000000 
_pdbx_struct_oper_list.vector[1]            0.0000000000 
_pdbx_struct_oper_list.matrix[2][1]         0.0000000000 
_pdbx_struct_oper_list.matrix[2][2]         1.0000000000 
_pdbx_struct_oper_list.matrix[2][3]         0.0000000000 
_pdbx_struct_oper_list.vector[2]            0.0000000000 
_pdbx_struct_oper_list.matrix[3][1]         0.0000000000 
_pdbx_struct_oper_list.matrix[3][2]         0.0000000000 
_pdbx_struct_oper_list.matrix[3][3]         1.0000000000 
_pdbx_struct_oper_list.vector[3]            0.0000000000 
# 
loop_
_struct_conn.id 
_struct_conn.conn_type_id 
_struct_conn.pdbx_leaving_atom_flag 
_struct_conn.pdbx_PDB_id 
_struct_conn.ptnr1_label_asym_id 
_struct_conn.ptnr1_label_comp_id 
_struct_conn.ptnr1_label_seq_id 
_struct_conn.ptnr1_label_atom_id 
_struct_conn.pdbx_ptnr1_label_alt_id 
_struct_conn.pdbx_ptnr1_PDB_ins_code 
_struct_conn.pdbx_ptnr1_standard_comp_id 
_struct_conn.ptnr1_symmetry 
_struct_conn.ptnr2_label_asym_id 
_struct_conn.ptnr2_label_comp_id 
_struct_conn.ptnr2_label_seq_id 
_struct_conn.ptnr2_label_atom_id 
_struct_conn.pdbx_ptnr2_label_alt_id 
_struct_conn.pdbx_ptnr2_PDB_ins_code 
_struct_conn.ptnr1_auth_asym_id 
_struct_conn.ptnr1_auth_comp_id 
_struct_conn.ptnr1_auth_seq_id 
_struct_conn.ptnr2_auth_asym_id 
_struct_conn.ptnr2_auth_comp_id 
_struct_conn.ptnr2_auth_seq_id 
_struct_conn.ptnr2_symmetry 
_struct_conn.pdbx_ptnr3_label_atom_id 
_struct_conn.pdbx_ptnr3_label_seq_id 
_struct_conn.pdbx_ptnr3_label_comp_id 
_struct_conn.pdbx_ptnr3_label_asym_id 
_struct_conn.pdbx_ptnr3_label_alt_id 
_struct_conn.pdbx_ptnr3_PDB_ins_code 
_struct_conn.details 
_struct_conn.pdbx_dist_value 
_struct_conn.pdbx_value_order 
_struct_conn.pdbx_role 
disulf1 disulf ? ? A CYS 3 SG ? ? ? 1_555 B CYS 3 SG ? ? A CYS 3 B CYS 3 1_555 ? ? ? ? ? ? ? 2.094 ? ? 
disulf2 disulf ? ? C CYS 3 SG ? ? ? 1_555 D CYS 3 SG ? ? E CYS 3 F CYS 3 1_555 ? ? ? ? ? ? ? 2.094 ? ? 
disulf3 disulf ? ? E CYS 3 SG ? ? ? 1_555 F CYS 3 SG ? ? I CYS 3 J CYS 3 1_555 ? ? ? ? ? ? ? 2.093 ? ? 
disulf4 disulf ? ? G CYS 3 SG ? ? ? 1_555 H CYS 3 SG ? ? M CYS 3 N CYS 3 1_555 ? ? ? ? ? ? ? 2.094 ? ? 
disulf5 disulf ? ? I CYS 3 SG ? ? ? 1_555 J CYS 3 SG ? ? Q CYS 3 R CYS 3 1_555 ? ? ? ? ? ? ? 2.094 ? ? 
disulf6 disulf ? ? K CYS 3 SG ? ? ? 1_555 L CYS 3 SG ? ? U CYS 3 V CYS 3 1_555 ? ? ? ? ? ? ? 2.095 ? ? 
# 
_struct_conn_type.id          disulf 
_struct_conn_type.criteria    ? 
_struct_conn_type.reference   ? 
# 
loop_
_pdbx_modification_feature.ordinal 
_pdbx_modification_feature.label_comp_id 
_pdbx_modification_feature.label_asym_id 
_pdbx_modification_feature.label_seq_id 
_pdbx_modification_feature.label_alt_id 
_pdbx_modification_feature.modified_residue_label_comp_id 
_pdbx_modification_feature.modified_residue_label_asym_id 
_pdbx_modification_feature.modified_residue_label_seq_id 
_pdbx_modification_feature.modified_residue_label_alt_id 
_pdbx_modification_feature.auth_comp_id 
_pdbx_modification_feature.auth_asym_id 
_pdbx_modification_feature.auth_seq_id 
_pdbx_modification_feature.PDB_ins_code 
_pdbx_modification_feature.symmetry 
_pdbx_modification_feature.modified_residue_auth_comp_id 
_pdbx_modification_feature.modified_residue_auth_asym_id 
_pdbx_modification_feature.modified_residue_auth_seq_id 
_pdbx_modification_feature.modified_residue_PDB_ins_code 
_pdbx_modification_feature.modified_residue_symmetry 
_pdbx_modification_feature.comp_id_linking_atom 
_pdbx_modification_feature.modified_residue_id_linking_atom 
_pdbx_modification_feature.modified_residue_id 
_pdbx_modification_feature.ref_pcm_id 
_pdbx_modification_feature.ref_comp_id 
_pdbx_modification_feature.type 
_pdbx_modification_feature.category 
1 CYS A 3 ? CYS B 3 ? CYS A 3 ? 1_555 CYS B 3 ? 1_555 SG SG . . . None 'Disulfide bridge' 
2 CYS C 3 ? CYS D 3 ? CYS E 3 ? 1_555 CYS F 3 ? 1_555 SG SG . . . None 'Disulfide bridge' 
3 CYS E 3 ? CYS F 3 ? CYS I 3 ? 1_555 CYS J 3 ? 1_555 SG SG . . . None 'Disulfide bridge' 
4 CYS G 3 ? CYS H 3 ? CYS M 3 ? 1_555 CYS N 3 ? 1_555 SG SG . . . None 'Disulfide bridge' 
5 CYS I 3 ? CYS J 3 ? CYS Q 3 ? 1_555 CYS R 3 ? 1_555 SG SG . . . None 'Disulfide bridge' 
6 CYS K 3 ? CYS L 3 ? CYS U 3 ? 1_555 CYS V 3 ? 1_555 SG SG . . . None 'Disulfide bridge' 
# 
loop_
_struct_sheet.id 
_struct_sheet.type 
_struct_sheet.number_strands 
_struct_sheet.details 
AA1 ? 4 ? 
AA2 ? 4 ? 
AA3 ? 4 ? 
# 
loop_
_struct_sheet_order.sheet_id 
_struct_sheet_order.range_id_1 
_struct_sheet_order.range_id_2 
_struct_sheet_order.offset 
_struct_sheet_order.sense 
AA1 1 2 ? anti-parallel 
AA1 2 3 ? anti-parallel 
AA1 3 4 ? anti-parallel 
AA2 1 2 ? anti-parallel 
AA2 2 3 ? anti-parallel 
AA2 3 4 ? anti-parallel 
AA3 1 2 ? anti-parallel 
AA3 2 3 ? anti-parallel 
AA3 3 4 ? anti-parallel 
# 
loop_
_struct_sheet_range.sheet_id 
_struct_sheet_range.id 
_struct_sheet_range.beg_label_comp_id 
_struct_sheet_range.beg_label_asym_id 
_struct_sheet_range.beg_label_seq_id 
_struct_sheet_range.pdbx_beg_PDB_ins_code 
_struct_sheet_range.end_label_comp_id 
_struct_sheet_range.end_label_asym_id 
_struct_sheet_range.end_label_seq_id 
_struct_sheet_range.pdbx_end_PDB_ins_code 
_struct_sheet_range.beg_auth_comp_id 
_struct_sheet_range.beg_auth_asym_id 
_struct_sheet_range.beg_auth_seq_id 
_struct_sheet_range.end_auth_comp_id 
_struct_sheet_range.end_auth_asym_id 
_struct_sheet_range.end_auth_seq_id 
AA1 1 TYR A 2 ? TYR A 4 ? TYR A 2 TYR A 4 
AA1 2 TYR B 2 ? TYR B 4 ? TYR B 2 TYR B 4 
AA1 3 TYR C 2 ? TYR C 4 ? TYR E 2 TYR E 4 
AA1 4 TYR D 2 ? TYR D 4 ? TYR F 2 TYR F 4 
AA2 1 TYR E 2 ? TYR E 4 ? TYR I 2 TYR I 4 
AA2 2 TYR F 2 ? TYR F 4 ? TYR J 2 TYR J 4 
AA2 3 TYR G 2 ? TYR G 4 ? TYR M 2 TYR M 4 
AA2 4 TYR H 2 ? TYR H 4 ? TYR N 2 TYR N 4 
AA3 1 TYR I 2 ? TYR I 4 ? TYR Q 2 TYR Q 4 
AA3 2 TYR J 2 ? TYR J 4 ? TYR R 2 TYR R 4 
AA3 3 TYR K 2 ? TYR K 4 ? TYR U 2 TYR U 4 
AA3 4 TYR L 2 ? TYR L 4 ? TYR V 2 TYR V 4 
# 
loop_
_pdbx_struct_sheet_hbond.sheet_id 
_pdbx_struct_sheet_hbond.range_id_1 
_pdbx_struct_sheet_hbond.range_id_2 
_pdbx_struct_sheet_hbond.range_1_label_atom_id 
_pdbx_struct_sheet_hbond.range_1_label_comp_id 
_pdbx_struct_sheet_hbond.range_1_label_asym_id 
_pdbx_struct_sheet_hbond.range_1_label_seq_id 
_pdbx_struct_sheet_hbond.range_1_PDB_ins_code 
_pdbx_struct_sheet_hbond.range_1_auth_atom_id 
_pdbx_struct_sheet_hbond.range_1_auth_comp_id 
_pdbx_struct_sheet_hbond.range_1_auth_asym_id 
_pdbx_struct_sheet_hbond.range_1_auth_seq_id 
_pdbx_struct_sheet_hbond.range_2_label_atom_id 
_pdbx_struct_sheet_hbond.range_2_label_comp_id 
_pdbx_struct_sheet_hbond.range_2_label_asym_id 
_pdbx_struct_sheet_hbond.range_2_label_seq_id 
_pdbx_struct_sheet_hbond.range_2_PDB_ins_code 
_pdbx_struct_sheet_hbond.range_2_auth_atom_id 
_pdbx_struct_sheet_hbond.range_2_auth_comp_id 
_pdbx_struct_sheet_hbond.range_2_auth_asym_id 
_pdbx_struct_sheet_hbond.range_2_auth_seq_id 
AA1 1 2 N TYR A 2 ? N TYR A 2 O TYR B 4 ? O TYR B 4 
AA1 2 3 N CYS B 3 ? N CYS B 3 O CYS C 3 ? O CYS E 3 
AA1 3 4 N TYR C 2 ? N TYR E 2 O TYR D 4 ? O TYR F 4 
AA2 1 2 N TYR E 2 ? N TYR I 2 O TYR F 4 ? O TYR J 4 
AA2 2 3 N CYS F 3 ? N CYS J 3 O CYS G 3 ? O CYS M 3 
AA2 3 4 N TYR G 2 ? N TYR M 2 O TYR H 4 ? O TYR N 4 
AA3 1 2 N TYR I 2 ? N TYR Q 2 O TYR J 4 ? O TYR R 4 
AA3 2 3 N CYS J 3 ? N CYS R 3 O CYS K 3 ? O CYS U 3 
AA3 3 4 N TYR K 2 ? N TYR U 2 O TYR L 4 ? O TYR V 4 
# 
_pdbx_entry_details.entry_id                   9KAP 
_pdbx_entry_details.nonpolymer_details         ? 
_pdbx_entry_details.sequence_details           ? 
_pdbx_entry_details.compound_details           ? 
_pdbx_entry_details.source_details             ? 
_pdbx_entry_details.has_ligand_of_interest     Y 
_pdbx_entry_details.has_protein_modification   Y 
# 
loop_
_pdbx_validate_close_contact.id 
_pdbx_validate_close_contact.PDB_model_num 
_pdbx_validate_close_contact.auth_atom_id_1 
_pdbx_validate_close_contact.auth_asym_id_1 
_pdbx_validate_close_contact.auth_comp_id_1 
_pdbx_validate_close_contact.auth_seq_id_1 
_pdbx_validate_close_contact.PDB_ins_code_1 
_pdbx_validate_close_contact.label_alt_id_1 
_pdbx_validate_close_contact.auth_atom_id_2 
_pdbx_validate_close_contact.auth_asym_id_2 
_pdbx_validate_close_contact.auth_comp_id_2 
_pdbx_validate_close_contact.auth_seq_id_2 
_pdbx_validate_close_contact.PDB_ins_code_2 
_pdbx_validate_close_contact.label_alt_id_2 
_pdbx_validate_close_contact.dist 
1  1 CZ  U TYR 4 ? ? O1 U BDP 101 ? ? 1.36 
2  1 CZ  I TYR 4 ? ? O1 I BDP 101 ? ? 1.36 
3  1 CZ  B TYR 4 ? ? O1 B BDP 101 ? ? 1.36 
4  1 CZ  J TYR 4 ? ? O1 J BDP 101 ? ? 1.36 
5  1 CZ  R TYR 4 ? ? O1 R BDP 101 ? ? 1.36 
6  1 CZ  E TYR 4 ? ? O1 E BDP 101 ? ? 1.36 
7  1 CZ  Q TYR 4 ? ? O1 Q BDP 101 ? ? 1.36 
8  1 CZ  A TYR 4 ? ? O1 A BDP 101 ? ? 1.36 
9  1 CZ  F TYR 4 ? ? O1 F BDP 101 ? ? 1.36 
10 1 CZ  V TYR 4 ? ? O1 V BDP 101 ? ? 1.36 
11 1 CZ  M TYR 4 ? ? O1 M BDP 101 ? ? 1.36 
12 1 CZ  N TYR 4 ? ? O1 N BDP 101 ? ? 1.36 
13 1 CE2 I TYR 4 ? ? O5 I BDP 101 ? ? 2.18 
14 1 CE2 A TYR 4 ? ? O5 A BDP 101 ? ? 2.18 
15 1 CE2 U TYR 4 ? ? O5 U BDP 101 ? ? 2.18 
16 1 CE2 E TYR 4 ? ? O5 E BDP 101 ? ? 2.18 
17 1 CE2 Q TYR 4 ? ? O5 Q BDP 101 ? ? 2.18 
18 1 CE2 M TYR 4 ? ? O5 M BDP 101 ? ? 2.18 
# 
loop_
_pdbx_validate_rmsd_bond.id 
_pdbx_validate_rmsd_bond.PDB_model_num 
_pdbx_validate_rmsd_bond.auth_atom_id_1 
_pdbx_validate_rmsd_bond.auth_asym_id_1 
_pdbx_validate_rmsd_bond.auth_comp_id_1 
_pdbx_validate_rmsd_bond.auth_seq_id_1 
_pdbx_validate_rmsd_bond.PDB_ins_code_1 
_pdbx_validate_rmsd_bond.label_alt_id_1 
_pdbx_validate_rmsd_bond.auth_atom_id_2 
_pdbx_validate_rmsd_bond.auth_asym_id_2 
_pdbx_validate_rmsd_bond.auth_comp_id_2 
_pdbx_validate_rmsd_bond.auth_seq_id_2 
_pdbx_validate_rmsd_bond.PDB_ins_code_2 
_pdbx_validate_rmsd_bond.label_alt_id_2 
_pdbx_validate_rmsd_bond.bond_value 
_pdbx_validate_rmsd_bond.bond_target_value 
_pdbx_validate_rmsd_bond.bond_deviation 
_pdbx_validate_rmsd_bond.bond_standard_deviation 
_pdbx_validate_rmsd_bond.linker_flag 
1   1 CB  A TYR 1 ? ? CG  A TYR 1 ? ? 1.387 1.512 -0.125 0.015 N 
2   1 CG  A TYR 1 ? ? CD2 A TYR 1 ? ? 1.271 1.387 -0.116 0.013 N 
3   1 CG  A TYR 1 ? ? CD1 A TYR 1 ? ? 1.256 1.387 -0.131 0.013 N 
4   1 CD1 A TYR 1 ? ? CE1 A TYR 1 ? ? 1.225 1.389 -0.164 0.015 N 
5   1 CE1 A TYR 1 ? ? CZ  A TYR 1 ? ? 1.218 1.381 -0.163 0.013 N 
6   1 CZ  A TYR 1 ? ? CE2 A TYR 1 ? ? 1.237 1.381 -0.144 0.013 N 
7   1 CE2 A TYR 1 ? ? CD2 A TYR 1 ? ? 1.231 1.389 -0.158 0.015 N 
8   1 CB  A TYR 2 ? ? CG  A TYR 2 ? ? 1.417 1.512 -0.095 0.015 N 
9   1 CG  A TYR 2 ? ? CD2 A TYR 2 ? ? 1.284 1.387 -0.103 0.013 N 
10  1 CG  A TYR 2 ? ? CD1 A TYR 2 ? ? 1.286 1.387 -0.101 0.013 N 
11  1 CD1 A TYR 2 ? ? CE1 A TYR 2 ? ? 1.224 1.389 -0.165 0.015 N 
12  1 CE1 A TYR 2 ? ? CZ  A TYR 2 ? ? 1.232 1.381 -0.149 0.013 N 
13  1 CZ  A TYR 2 ? ? CE2 A TYR 2 ? ? 1.262 1.381 -0.119 0.013 N 
14  1 CE2 A TYR 2 ? ? CD2 A TYR 2 ? ? 1.244 1.389 -0.145 0.015 N 
15  1 CB  A TYR 5 ? ? CG  A TYR 5 ? ? 1.372 1.512 -0.140 0.015 N 
16  1 CG  A TYR 5 ? ? CD2 A TYR 5 ? ? 1.255 1.387 -0.132 0.013 N 
17  1 CG  A TYR 5 ? ? CD1 A TYR 5 ? ? 1.260 1.387 -0.127 0.013 N 
18  1 CD1 A TYR 5 ? ? CE1 A TYR 5 ? ? 1.183 1.389 -0.206 0.015 N 
19  1 CE1 A TYR 5 ? ? CZ  A TYR 5 ? ? 1.217 1.381 -0.164 0.013 N 
20  1 CZ  A TYR 5 ? ? CE2 A TYR 5 ? ? 1.250 1.381 -0.131 0.013 N 
21  1 CE2 A TYR 5 ? ? CD2 A TYR 5 ? ? 1.219 1.389 -0.170 0.015 N 
22  1 CB  B TYR 1 ? ? CG  B TYR 1 ? ? 1.387 1.512 -0.125 0.015 N 
23  1 CG  B TYR 1 ? ? CD2 B TYR 1 ? ? 1.272 1.387 -0.115 0.013 N 
24  1 CG  B TYR 1 ? ? CD1 B TYR 1 ? ? 1.257 1.387 -0.130 0.013 N 
25  1 CD1 B TYR 1 ? ? CE1 B TYR 1 ? ? 1.224 1.389 -0.165 0.015 N 
26  1 CE1 B TYR 1 ? ? CZ  B TYR 1 ? ? 1.217 1.381 -0.164 0.013 N 
27  1 CZ  B TYR 1 ? ? CE2 B TYR 1 ? ? 1.238 1.381 -0.143 0.013 N 
28  1 CE2 B TYR 1 ? ? CD2 B TYR 1 ? ? 1.231 1.389 -0.158 0.015 N 
29  1 CB  B TYR 2 ? ? CG  B TYR 2 ? ? 1.417 1.512 -0.095 0.015 N 
30  1 CG  B TYR 2 ? ? CD2 B TYR 2 ? ? 1.284 1.387 -0.103 0.013 N 
31  1 CG  B TYR 2 ? ? CD1 B TYR 2 ? ? 1.287 1.387 -0.100 0.013 N 
32  1 CD1 B TYR 2 ? ? CE1 B TYR 2 ? ? 1.225 1.389 -0.164 0.015 N 
33  1 CE1 B TYR 2 ? ? CZ  B TYR 2 ? ? 1.232 1.381 -0.149 0.013 N 
34  1 CZ  B TYR 2 ? ? CE2 B TYR 2 ? ? 1.262 1.381 -0.119 0.013 N 
35  1 CE2 B TYR 2 ? ? CD2 B TYR 2 ? ? 1.244 1.389 -0.145 0.015 N 
36  1 CB  B TYR 5 ? ? CG  B TYR 5 ? ? 1.371 1.512 -0.141 0.015 N 
37  1 CG  B TYR 5 ? ? CD2 B TYR 5 ? ? 1.255 1.387 -0.132 0.013 N 
38  1 CG  B TYR 5 ? ? CD1 B TYR 5 ? ? 1.260 1.387 -0.127 0.013 N 
39  1 CD1 B TYR 5 ? ? CE1 B TYR 5 ? ? 1.183 1.389 -0.206 0.015 N 
40  1 CE1 B TYR 5 ? ? CZ  B TYR 5 ? ? 1.216 1.381 -0.165 0.013 N 
41  1 CZ  B TYR 5 ? ? CE2 B TYR 5 ? ? 1.250 1.381 -0.131 0.013 N 
42  1 CE2 B TYR 5 ? ? CD2 B TYR 5 ? ? 1.218 1.389 -0.171 0.015 N 
43  1 CB  E TYR 1 ? ? CG  E TYR 1 ? ? 1.387 1.512 -0.125 0.015 N 
44  1 CG  E TYR 1 ? ? CD2 E TYR 1 ? ? 1.271 1.387 -0.116 0.013 N 
45  1 CG  E TYR 1 ? ? CD1 E TYR 1 ? ? 1.256 1.387 -0.131 0.013 N 
46  1 CD1 E TYR 1 ? ? CE1 E TYR 1 ? ? 1.226 1.389 -0.163 0.015 N 
47  1 CE1 E TYR 1 ? ? CZ  E TYR 1 ? ? 1.218 1.381 -0.163 0.013 N 
48  1 CZ  E TYR 1 ? ? CE2 E TYR 1 ? ? 1.236 1.381 -0.145 0.013 N 
49  1 CE2 E TYR 1 ? ? CD2 E TYR 1 ? ? 1.232 1.389 -0.157 0.015 N 
50  1 CB  E TYR 2 ? ? CG  E TYR 2 ? ? 1.418 1.512 -0.094 0.015 N 
51  1 CG  E TYR 2 ? ? CD2 E TYR 2 ? ? 1.283 1.387 -0.104 0.013 N 
52  1 CG  E TYR 2 ? ? CD1 E TYR 2 ? ? 1.287 1.387 -0.100 0.013 N 
53  1 CD1 E TYR 2 ? ? CE1 E TYR 2 ? ? 1.224 1.389 -0.165 0.015 N 
54  1 CE1 E TYR 2 ? ? CZ  E TYR 2 ? ? 1.233 1.381 -0.148 0.013 N 
55  1 CZ  E TYR 2 ? ? CE2 E TYR 2 ? ? 1.262 1.381 -0.119 0.013 N 
56  1 CE2 E TYR 2 ? ? CD2 E TYR 2 ? ? 1.244 1.389 -0.145 0.015 N 
57  1 CB  E TYR 5 ? ? CG  E TYR 5 ? ? 1.371 1.512 -0.141 0.015 N 
58  1 CG  E TYR 5 ? ? CD2 E TYR 5 ? ? 1.254 1.387 -0.133 0.013 N 
59  1 CG  E TYR 5 ? ? CD1 E TYR 5 ? ? 1.260 1.387 -0.127 0.013 N 
60  1 CD1 E TYR 5 ? ? CE1 E TYR 5 ? ? 1.183 1.389 -0.206 0.015 N 
61  1 CE1 E TYR 5 ? ? CZ  E TYR 5 ? ? 1.217 1.381 -0.164 0.013 N 
62  1 CZ  E TYR 5 ? ? CE2 E TYR 5 ? ? 1.250 1.381 -0.131 0.013 N 
63  1 CE2 E TYR 5 ? ? CD2 E TYR 5 ? ? 1.219 1.389 -0.170 0.015 N 
64  1 CB  F TYR 1 ? ? CG  F TYR 1 ? ? 1.387 1.512 -0.125 0.015 N 
65  1 CG  F TYR 1 ? ? CD2 F TYR 1 ? ? 1.272 1.387 -0.115 0.013 N 
66  1 CG  F TYR 1 ? ? CD1 F TYR 1 ? ? 1.257 1.387 -0.130 0.013 N 
67  1 CD1 F TYR 1 ? ? CE1 F TYR 1 ? ? 1.225 1.389 -0.164 0.015 N 
68  1 CE1 F TYR 1 ? ? CZ  F TYR 1 ? ? 1.217 1.381 -0.164 0.013 N 
69  1 CZ  F TYR 1 ? ? CE2 F TYR 1 ? ? 1.239 1.381 -0.142 0.013 N 
70  1 CE2 F TYR 1 ? ? CD2 F TYR 1 ? ? 1.231 1.389 -0.158 0.015 N 
71  1 CB  F TYR 2 ? ? CG  F TYR 2 ? ? 1.417 1.512 -0.095 0.015 N 
72  1 CG  F TYR 2 ? ? CD2 F TYR 2 ? ? 1.284 1.387 -0.103 0.013 N 
73  1 CG  F TYR 2 ? ? CD1 F TYR 2 ? ? 1.286 1.387 -0.101 0.013 N 
74  1 CD1 F TYR 2 ? ? CE1 F TYR 2 ? ? 1.225 1.389 -0.164 0.015 N 
75  1 CE1 F TYR 2 ? ? CZ  F TYR 2 ? ? 1.232 1.381 -0.149 0.013 N 
76  1 CZ  F TYR 2 ? ? CE2 F TYR 2 ? ? 1.262 1.381 -0.119 0.013 N 
77  1 CE2 F TYR 2 ? ? CD2 F TYR 2 ? ? 1.244 1.389 -0.145 0.015 N 
78  1 CB  F TYR 5 ? ? CG  F TYR 5 ? ? 1.371 1.512 -0.141 0.015 N 
79  1 CG  F TYR 5 ? ? CD2 F TYR 5 ? ? 1.256 1.387 -0.131 0.013 N 
80  1 CG  F TYR 5 ? ? CD1 F TYR 5 ? ? 1.260 1.387 -0.127 0.013 N 
81  1 CD1 F TYR 5 ? ? CE1 F TYR 5 ? ? 1.183 1.389 -0.206 0.015 N 
82  1 CE1 F TYR 5 ? ? CZ  F TYR 5 ? ? 1.216 1.381 -0.165 0.013 N 
83  1 CZ  F TYR 5 ? ? CE2 F TYR 5 ? ? 1.250 1.381 -0.131 0.013 N 
84  1 CE2 F TYR 5 ? ? CD2 F TYR 5 ? ? 1.218 1.389 -0.171 0.015 N 
85  1 CB  I TYR 1 ? ? CG  I TYR 1 ? ? 1.388 1.512 -0.124 0.015 N 
86  1 CG  I TYR 1 ? ? CD2 I TYR 1 ? ? 1.271 1.387 -0.116 0.013 N 
87  1 CG  I TYR 1 ? ? CD1 I TYR 1 ? ? 1.257 1.387 -0.130 0.013 N 
88  1 CD1 I TYR 1 ? ? CE1 I TYR 1 ? ? 1.225 1.389 -0.164 0.015 N 
89  1 CE1 I TYR 1 ? ? CZ  I TYR 1 ? ? 1.217 1.381 -0.164 0.013 N 
90  1 CZ  I TYR 1 ? ? CE2 I TYR 1 ? ? 1.237 1.381 -0.144 0.013 N 
91  1 CE2 I TYR 1 ? ? CD2 I TYR 1 ? ? 1.231 1.389 -0.158 0.015 N 
92  1 CB  I TYR 2 ? ? CG  I TYR 2 ? ? 1.418 1.512 -0.094 0.015 N 
93  1 CG  I TYR 2 ? ? CD2 I TYR 2 ? ? 1.284 1.387 -0.103 0.013 N 
94  1 CG  I TYR 2 ? ? CD1 I TYR 2 ? ? 1.286 1.387 -0.101 0.013 N 
95  1 CD1 I TYR 2 ? ? CE1 I TYR 2 ? ? 1.225 1.389 -0.164 0.015 N 
96  1 CE1 I TYR 2 ? ? CZ  I TYR 2 ? ? 1.232 1.381 -0.149 0.013 N 
97  1 CZ  I TYR 2 ? ? CE2 I TYR 2 ? ? 1.263 1.381 -0.118 0.013 N 
98  1 CE2 I TYR 2 ? ? CD2 I TYR 2 ? ? 1.243 1.389 -0.146 0.015 N 
99  1 CB  I TYR 5 ? ? CG  I TYR 5 ? ? 1.371 1.512 -0.141 0.015 N 
100 1 CG  I TYR 5 ? ? CD2 I TYR 5 ? ? 1.255 1.387 -0.132 0.013 N 
101 1 CG  I TYR 5 ? ? CD1 I TYR 5 ? ? 1.260 1.387 -0.127 0.013 N 
102 1 CD1 I TYR 5 ? ? CE1 I TYR 5 ? ? 1.182 1.389 -0.207 0.015 N 
103 1 CE1 I TYR 5 ? ? CZ  I TYR 5 ? ? 1.217 1.381 -0.164 0.013 N 
104 1 CZ  I TYR 5 ? ? CE2 I TYR 5 ? ? 1.250 1.381 -0.131 0.013 N 
105 1 CE2 I TYR 5 ? ? CD2 I TYR 5 ? ? 1.219 1.389 -0.170 0.015 N 
106 1 CB  J TYR 1 ? ? CG  J TYR 1 ? ? 1.387 1.512 -0.125 0.015 N 
107 1 CG  J TYR 1 ? ? CD2 J TYR 1 ? ? 1.272 1.387 -0.115 0.013 N 
108 1 CG  J TYR 1 ? ? CD1 J TYR 1 ? ? 1.257 1.387 -0.130 0.013 N 
109 1 CD1 J TYR 1 ? ? CE1 J TYR 1 ? ? 1.225 1.389 -0.164 0.015 N 
110 1 CE1 J TYR 1 ? ? CZ  J TYR 1 ? ? 1.218 1.381 -0.163 0.013 N 
111 1 CZ  J TYR 1 ? ? CE2 J TYR 1 ? ? 1.238 1.381 -0.143 0.013 N 
112 1 CE2 J TYR 1 ? ? CD2 J TYR 1 ? ? 1.231 1.389 -0.158 0.015 N 
113 1 CB  J TYR 2 ? ? CG  J TYR 2 ? ? 1.417 1.512 -0.095 0.015 N 
114 1 CG  J TYR 2 ? ? CD2 J TYR 2 ? ? 1.283 1.387 -0.104 0.013 N 
115 1 CG  J TYR 2 ? ? CD1 J TYR 2 ? ? 1.287 1.387 -0.100 0.013 N 
116 1 CD1 J TYR 2 ? ? CE1 J TYR 2 ? ? 1.226 1.389 -0.163 0.015 N 
117 1 CE1 J TYR 2 ? ? CZ  J TYR 2 ? ? 1.231 1.381 -0.150 0.013 N 
118 1 CZ  J TYR 2 ? ? CE2 J TYR 2 ? ? 1.262 1.381 -0.119 0.013 N 
119 1 CE2 J TYR 2 ? ? CD2 J TYR 2 ? ? 1.244 1.389 -0.145 0.015 N 
120 1 CB  J TYR 5 ? ? CG  J TYR 5 ? ? 1.371 1.512 -0.141 0.015 N 
121 1 CG  J TYR 5 ? ? CD2 J TYR 5 ? ? 1.255 1.387 -0.132 0.013 N 
122 1 CG  J TYR 5 ? ? CD1 J TYR 5 ? ? 1.260 1.387 -0.127 0.013 N 
123 1 CD1 J TYR 5 ? ? CE1 J TYR 5 ? ? 1.183 1.389 -0.206 0.015 N 
124 1 CE1 J TYR 5 ? ? CZ  J TYR 5 ? ? 1.216 1.381 -0.165 0.013 N 
125 1 CZ  J TYR 5 ? ? CE2 J TYR 5 ? ? 1.250 1.381 -0.131 0.013 N 
126 1 CE2 J TYR 5 ? ? CD2 J TYR 5 ? ? 1.218 1.389 -0.171 0.015 N 
127 1 CB  M TYR 1 ? ? CG  M TYR 1 ? ? 1.387 1.512 -0.125 0.015 N 
128 1 CG  M TYR 1 ? ? CD2 M TYR 1 ? ? 1.271 1.387 -0.116 0.013 N 
129 1 CG  M TYR 1 ? ? CD1 M TYR 1 ? ? 1.256 1.387 -0.131 0.013 N 
130 1 CD1 M TYR 1 ? ? CE1 M TYR 1 ? ? 1.226 1.389 -0.163 0.015 N 
131 1 CE1 M TYR 1 ? ? CZ  M TYR 1 ? ? 1.218 1.381 -0.163 0.013 N 
132 1 CZ  M TYR 1 ? ? CE2 M TYR 1 ? ? 1.236 1.381 -0.145 0.013 N 
133 1 CE2 M TYR 1 ? ? CD2 M TYR 1 ? ? 1.232 1.389 -0.157 0.015 N 
134 1 CB  M TYR 2 ? ? CG  M TYR 2 ? ? 1.418 1.512 -0.094 0.015 N 
135 1 CG  M TYR 2 ? ? CD2 M TYR 2 ? ? 1.283 1.387 -0.104 0.013 N 
136 1 CG  M TYR 2 ? ? CD1 M TYR 2 ? ? 1.287 1.387 -0.100 0.013 N 
137 1 CD1 M TYR 2 ? ? CE1 M TYR 2 ? ? 1.223 1.389 -0.166 0.015 N 
138 1 CE1 M TYR 2 ? ? CZ  M TYR 2 ? ? 1.233 1.381 -0.148 0.013 N 
139 1 CZ  M TYR 2 ? ? CE2 M TYR 2 ? ? 1.261 1.381 -0.120 0.013 N 
140 1 CE2 M TYR 2 ? ? CD2 M TYR 2 ? ? 1.244 1.389 -0.145 0.015 N 
141 1 CB  M TYR 5 ? ? CG  M TYR 5 ? ? 1.371 1.512 -0.141 0.015 N 
142 1 CG  M TYR 5 ? ? CD2 M TYR 5 ? ? 1.255 1.387 -0.132 0.013 N 
143 1 CG  M TYR 5 ? ? CD1 M TYR 5 ? ? 1.260 1.387 -0.127 0.013 N 
144 1 CD1 M TYR 5 ? ? CE1 M TYR 5 ? ? 1.182 1.389 -0.207 0.015 N 
145 1 CE1 M TYR 5 ? ? CZ  M TYR 5 ? ? 1.217 1.381 -0.164 0.013 N 
146 1 CZ  M TYR 5 ? ? CE2 M TYR 5 ? ? 1.250 1.381 -0.131 0.013 N 
147 1 CE2 M TYR 5 ? ? CD2 M TYR 5 ? ? 1.220 1.389 -0.169 0.015 N 
148 1 CB  N TYR 1 ? ? CG  N TYR 1 ? ? 1.387 1.512 -0.125 0.015 N 
149 1 CG  N TYR 1 ? ? CD2 N TYR 1 ? ? 1.272 1.387 -0.115 0.013 N 
150 1 CG  N TYR 1 ? ? CD1 N TYR 1 ? ? 1.256 1.387 -0.131 0.013 N 
151 1 CD1 N TYR 1 ? ? CE1 N TYR 1 ? ? 1.225 1.389 -0.164 0.015 N 
152 1 CE1 N TYR 1 ? ? CZ  N TYR 1 ? ? 1.217 1.381 -0.164 0.013 N 
153 1 CZ  N TYR 1 ? ? CE2 N TYR 1 ? ? 1.239 1.381 -0.142 0.013 N 
154 1 CE2 N TYR 1 ? ? CD2 N TYR 1 ? ? 1.230 1.389 -0.159 0.015 N 
155 1 CB  N TYR 2 ? ? CG  N TYR 2 ? ? 1.418 1.512 -0.094 0.015 N 
156 1 CG  N TYR 2 ? ? CD2 N TYR 2 ? ? 1.284 1.387 -0.103 0.013 N 
157 1 CG  N TYR 2 ? ? CD1 N TYR 2 ? ? 1.287 1.387 -0.100 0.013 N 
158 1 CD1 N TYR 2 ? ? CE1 N TYR 2 ? ? 1.225 1.389 -0.164 0.015 N 
159 1 CE1 N TYR 2 ? ? CZ  N TYR 2 ? ? 1.233 1.381 -0.148 0.013 N 
160 1 CZ  N TYR 2 ? ? CE2 N TYR 2 ? ? 1.262 1.381 -0.119 0.013 N 
161 1 CE2 N TYR 2 ? ? CD2 N TYR 2 ? ? 1.243 1.389 -0.146 0.015 N 
162 1 CB  N TYR 5 ? ? CG  N TYR 5 ? ? 1.370 1.512 -0.142 0.015 N 
163 1 CG  N TYR 5 ? ? CD2 N TYR 5 ? ? 1.257 1.387 -0.130 0.013 N 
164 1 CG  N TYR 5 ? ? CD1 N TYR 5 ? ? 1.259 1.387 -0.128 0.013 N 
165 1 CD1 N TYR 5 ? ? CE1 N TYR 5 ? ? 1.182 1.389 -0.207 0.015 N 
166 1 CE1 N TYR 5 ? ? CZ  N TYR 5 ? ? 1.216 1.381 -0.165 0.013 N 
167 1 CZ  N TYR 5 ? ? CE2 N TYR 5 ? ? 1.251 1.381 -0.130 0.013 N 
168 1 CE2 N TYR 5 ? ? CD2 N TYR 5 ? ? 1.218 1.389 -0.171 0.015 N 
169 1 CB  Q TYR 1 ? ? CG  Q TYR 1 ? ? 1.388 1.512 -0.124 0.015 N 
170 1 CG  Q TYR 1 ? ? CD2 Q TYR 1 ? ? 1.271 1.387 -0.116 0.013 N 
171 1 CG  Q TYR 1 ? ? CD1 Q TYR 1 ? ? 1.256 1.387 -0.131 0.013 N 
172 1 CD1 Q TYR 1 ? ? CE1 Q TYR 1 ? ? 1.225 1.389 -0.164 0.015 N 
173 1 CE1 Q TYR 1 ? ? CZ  Q TYR 1 ? ? 1.217 1.381 -0.164 0.013 N 
174 1 CZ  Q TYR 1 ? ? CE2 Q TYR 1 ? ? 1.237 1.381 -0.144 0.013 N 
175 1 CE2 Q TYR 1 ? ? CD2 Q TYR 1 ? ? 1.231 1.389 -0.158 0.015 N 
176 1 CB  Q TYR 2 ? ? CG  Q TYR 2 ? ? 1.418 1.512 -0.094 0.015 N 
177 1 CG  Q TYR 2 ? ? CD2 Q TYR 2 ? ? 1.283 1.387 -0.104 0.013 N 
178 1 CG  Q TYR 2 ? ? CD1 Q TYR 2 ? ? 1.287 1.387 -0.100 0.013 N 
179 1 CD1 Q TYR 2 ? ? CE1 Q TYR 2 ? ? 1.225 1.389 -0.164 0.015 N 
180 1 CE1 Q TYR 2 ? ? CZ  Q TYR 2 ? ? 1.231 1.381 -0.150 0.013 N 
181 1 CZ  Q TYR 2 ? ? CE2 Q TYR 2 ? ? 1.261 1.381 -0.120 0.013 N 
182 1 CE2 Q TYR 2 ? ? CD2 Q TYR 2 ? ? 1.245 1.389 -0.144 0.015 N 
183 1 CB  Q TYR 5 ? ? CG  Q TYR 5 ? ? 1.372 1.512 -0.140 0.015 N 
184 1 CG  Q TYR 5 ? ? CD2 Q TYR 5 ? ? 1.255 1.387 -0.132 0.013 N 
185 1 CG  Q TYR 5 ? ? CD1 Q TYR 5 ? ? 1.260 1.387 -0.127 0.013 N 
186 1 CD1 Q TYR 5 ? ? CE1 Q TYR 5 ? ? 1.183 1.389 -0.206 0.015 N 
187 1 CE1 Q TYR 5 ? ? CZ  Q TYR 5 ? ? 1.218 1.381 -0.163 0.013 N 
188 1 CZ  Q TYR 5 ? ? CE2 Q TYR 5 ? ? 1.249 1.381 -0.132 0.013 N 
189 1 CE2 Q TYR 5 ? ? CD2 Q TYR 5 ? ? 1.220 1.389 -0.169 0.015 N 
190 1 CB  R TYR 1 ? ? CG  R TYR 1 ? ? 1.387 1.512 -0.125 0.015 N 
191 1 CG  R TYR 1 ? ? CD2 R TYR 1 ? ? 1.272 1.387 -0.115 0.013 N 
192 1 CG  R TYR 1 ? ? CD1 R TYR 1 ? ? 1.257 1.387 -0.130 0.013 N 
193 1 CD1 R TYR 1 ? ? CE1 R TYR 1 ? ? 1.225 1.389 -0.164 0.015 N 
194 1 CE1 R TYR 1 ? ? CZ  R TYR 1 ? ? 1.217 1.381 -0.164 0.013 N 
195 1 CZ  R TYR 1 ? ? CE2 R TYR 1 ? ? 1.238 1.381 -0.143 0.013 N 
196 1 CE2 R TYR 1 ? ? CD2 R TYR 1 ? ? 1.231 1.389 -0.158 0.015 N 
197 1 CB  R TYR 2 ? ? CG  R TYR 2 ? ? 1.418 1.512 -0.094 0.015 N 
198 1 CG  R TYR 2 ? ? CD2 R TYR 2 ? ? 1.283 1.387 -0.104 0.013 N 
199 1 CG  R TYR 2 ? ? CD1 R TYR 2 ? ? 1.287 1.387 -0.100 0.013 N 
200 1 CD1 R TYR 2 ? ? CE1 R TYR 2 ? ? 1.224 1.389 -0.165 0.015 N 
201 1 CE1 R TYR 2 ? ? CZ  R TYR 2 ? ? 1.232 1.381 -0.149 0.013 N 
202 1 CZ  R TYR 2 ? ? CE2 R TYR 2 ? ? 1.263 1.381 -0.118 0.013 N 
203 1 CE2 R TYR 2 ? ? CD2 R TYR 2 ? ? 1.244 1.389 -0.145 0.015 N 
204 1 CB  R TYR 5 ? ? CG  R TYR 5 ? ? 1.372 1.512 -0.140 0.015 N 
205 1 CG  R TYR 5 ? ? CD2 R TYR 5 ? ? 1.255 1.387 -0.132 0.013 N 
206 1 CG  R TYR 5 ? ? CD1 R TYR 5 ? ? 1.259 1.387 -0.128 0.013 N 
207 1 CD1 R TYR 5 ? ? CE1 R TYR 5 ? ? 1.182 1.389 -0.207 0.015 N 
208 1 CE1 R TYR 5 ? ? CZ  R TYR 5 ? ? 1.216 1.381 -0.165 0.013 N 
209 1 CZ  R TYR 5 ? ? CE2 R TYR 5 ? ? 1.250 1.381 -0.131 0.013 N 
210 1 CE2 R TYR 5 ? ? CD2 R TYR 5 ? ? 1.218 1.389 -0.171 0.015 N 
211 1 CB  U TYR 1 ? ? CG  U TYR 1 ? ? 1.387 1.512 -0.125 0.015 N 
212 1 CG  U TYR 1 ? ? CD2 U TYR 1 ? ? 1.270 1.387 -0.117 0.013 N 
213 1 CG  U TYR 1 ? ? CD1 U TYR 1 ? ? 1.256 1.387 -0.131 0.013 N 
214 1 CD1 U TYR 1 ? ? CE1 U TYR 1 ? ? 1.226 1.389 -0.163 0.015 N 
215 1 CE1 U TYR 1 ? ? CZ  U TYR 1 ? ? 1.218 1.381 -0.163 0.013 N 
216 1 CZ  U TYR 1 ? ? CE2 U TYR 1 ? ? 1.236 1.381 -0.145 0.013 N 
217 1 CE2 U TYR 1 ? ? CD2 U TYR 1 ? ? 1.232 1.389 -0.157 0.015 N 
218 1 CB  U TYR 2 ? ? CG  U TYR 2 ? ? 1.418 1.512 -0.094 0.015 N 
219 1 CG  U TYR 2 ? ? CD2 U TYR 2 ? ? 1.284 1.387 -0.103 0.013 N 
220 1 CG  U TYR 2 ? ? CD1 U TYR 2 ? ? 1.287 1.387 -0.100 0.013 N 
221 1 CD1 U TYR 2 ? ? CE1 U TYR 2 ? ? 1.225 1.389 -0.164 0.015 N 
222 1 CE1 U TYR 2 ? ? CZ  U TYR 2 ? ? 1.233 1.381 -0.148 0.013 N 
223 1 CZ  U TYR 2 ? ? CE2 U TYR 2 ? ? 1.262 1.381 -0.119 0.013 N 
224 1 CE2 U TYR 2 ? ? CD2 U TYR 2 ? ? 1.244 1.389 -0.145 0.015 N 
225 1 CB  U TYR 5 ? ? CG  U TYR 5 ? ? 1.371 1.512 -0.141 0.015 N 
226 1 CG  U TYR 5 ? ? CD2 U TYR 5 ? ? 1.255 1.387 -0.132 0.013 N 
227 1 CG  U TYR 5 ? ? CD1 U TYR 5 ? ? 1.260 1.387 -0.127 0.013 N 
228 1 CD1 U TYR 5 ? ? CE1 U TYR 5 ? ? 1.183 1.389 -0.206 0.015 N 
229 1 CE1 U TYR 5 ? ? CZ  U TYR 5 ? ? 1.217 1.381 -0.164 0.013 N 
230 1 CZ  U TYR 5 ? ? CE2 U TYR 5 ? ? 1.250 1.381 -0.131 0.013 N 
231 1 CE2 U TYR 5 ? ? CD2 U TYR 5 ? ? 1.219 1.389 -0.170 0.015 N 
232 1 CB  V TYR 1 ? ? CG  V TYR 1 ? ? 1.387 1.512 -0.125 0.015 N 
233 1 CG  V TYR 1 ? ? CD2 V TYR 1 ? ? 1.272 1.387 -0.115 0.013 N 
234 1 CG  V TYR 1 ? ? CD1 V TYR 1 ? ? 1.257 1.387 -0.130 0.013 N 
235 1 CD1 V TYR 1 ? ? CE1 V TYR 1 ? ? 1.225 1.389 -0.164 0.015 N 
236 1 CE1 V TYR 1 ? ? CZ  V TYR 1 ? ? 1.217 1.381 -0.164 0.013 N 
237 1 CZ  V TYR 1 ? ? CE2 V TYR 1 ? ? 1.239 1.381 -0.142 0.013 N 
238 1 CE2 V TYR 1 ? ? CD2 V TYR 1 ? ? 1.231 1.389 -0.158 0.015 N 
239 1 CB  V TYR 2 ? ? CG  V TYR 2 ? ? 1.417 1.512 -0.095 0.015 N 
240 1 CG  V TYR 2 ? ? CD2 V TYR 2 ? ? 1.283 1.387 -0.104 0.013 N 
241 1 CG  V TYR 2 ? ? CD1 V TYR 2 ? ? 1.287 1.387 -0.100 0.013 N 
242 1 CD1 V TYR 2 ? ? CE1 V TYR 2 ? ? 1.224 1.389 -0.165 0.015 N 
243 1 CE1 V TYR 2 ? ? CZ  V TYR 2 ? ? 1.232 1.381 -0.149 0.013 N 
244 1 CZ  V TYR 2 ? ? CE2 V TYR 2 ? ? 1.262 1.381 -0.119 0.013 N 
245 1 CE2 V TYR 2 ? ? CD2 V TYR 2 ? ? 1.244 1.389 -0.145 0.015 N 
246 1 CB  V TYR 5 ? ? CG  V TYR 5 ? ? 1.372 1.512 -0.140 0.015 N 
247 1 CG  V TYR 5 ? ? CD2 V TYR 5 ? ? 1.257 1.387 -0.130 0.013 N 
248 1 CG  V TYR 5 ? ? CD1 V TYR 5 ? ? 1.260 1.387 -0.127 0.013 N 
249 1 CD1 V TYR 5 ? ? CE1 V TYR 5 ? ? 1.182 1.389 -0.207 0.015 N 
250 1 CE1 V TYR 5 ? ? CZ  V TYR 5 ? ? 1.216 1.381 -0.165 0.013 N 
251 1 CZ  V TYR 5 ? ? CE2 V TYR 5 ? ? 1.250 1.381 -0.131 0.013 N 
252 1 CE2 V TYR 5 ? ? CD2 V TYR 5 ? ? 1.218 1.389 -0.171 0.015 N 
# 
_em_3d_fitting.id                1 
_em_3d_fitting.entry_id          9KAP 
_em_3d_fitting.method            ? 
_em_3d_fitting.target_criteria   ? 
_em_3d_fitting.details           ? 
_em_3d_fitting.overall_b_value   ? 
_em_3d_fitting.ref_space         ? 
_em_3d_fitting.ref_protocol      ? 
# 
_em_3d_reconstruction.entry_id                    9KAP 
_em_3d_reconstruction.id                          1 
_em_3d_reconstruction.method                      ? 
_em_3d_reconstruction.algorithm                   ? 
_em_3d_reconstruction.citation_id                 ? 
_em_3d_reconstruction.details                     ? 
_em_3d_reconstruction.resolution                  3.2 
_em_3d_reconstruction.resolution_method           'FSC 0.143 CUT-OFF' 
_em_3d_reconstruction.magnification_calibration   ? 
_em_3d_reconstruction.nominal_pixel_size          ? 
_em_3d_reconstruction.actual_pixel_size           ? 
_em_3d_reconstruction.num_particles               693071 
_em_3d_reconstruction.euler_angles_details        ? 
_em_3d_reconstruction.num_class_averages          ? 
_em_3d_reconstruction.refinement_type             ? 
_em_3d_reconstruction.image_processing_id         1 
_em_3d_reconstruction.symmetry_type               HELICAL 
# 
_em_buffer.id            1 
_em_buffer.specimen_id   1 
_em_buffer.name          ? 
_em_buffer.details       ? 
_em_buffer.pH            7.4 
# 
_em_entity_assembly.id                   1 
_em_entity_assembly.parent_id            0 
_em_entity_assembly.source               NATURAL 
_em_entity_assembly.type                 CELL 
_em_entity_assembly.name                 'Cryo-EM structure of glycopeptide fibril' 
_em_entity_assembly.details              ? 
_em_entity_assembly.synonym              ? 
_em_entity_assembly.oligomeric_details   ? 
_em_entity_assembly.entity_id_list       1 
# 
_em_imaging.entry_id                        9KAP 
_em_imaging.id                              1 
_em_imaging.astigmatism                     ? 
_em_imaging.electron_beam_tilt_params       ? 
_em_imaging.residual_tilt                   ? 
_em_imaging.microscope_model                'TFS KRIOS' 
_em_imaging.specimen_holder_type            ? 
_em_imaging.specimen_holder_model           ? 
_em_imaging.details                         ? 
_em_imaging.date                            ? 
_em_imaging.accelerating_voltage            300 
_em_imaging.illumination_mode               'FLOOD BEAM' 
_em_imaging.mode                            'BRIGHT FIELD' 
_em_imaging.nominal_cs                      ? 
_em_imaging.nominal_defocus_min             1000 
_em_imaging.nominal_defocus_max             2000 
_em_imaging.calibrated_defocus_min          ? 
_em_imaging.calibrated_defocus_max          ? 
_em_imaging.tilt_angle_min                  ? 
_em_imaging.tilt_angle_max                  ? 
_em_imaging.nominal_magnification           ? 
_em_imaging.calibrated_magnification        ? 
_em_imaging.electron_source                 'FIELD EMISSION GUN' 
_em_imaging.citation_id                     ? 
_em_imaging.temperature                     ? 
_em_imaging.detector_distance               ? 
_em_imaging.recording_temperature_minimum   ? 
_em_imaging.recording_temperature_maximum   ? 
_em_imaging.alignment_procedure             ? 
_em_imaging.c2_aperture_diameter            ? 
_em_imaging.specimen_id                     1 
_em_imaging.cryogen                         ? 
_em_imaging.objective_aperture              ? 
_em_imaging.microscope_serial_number        ? 
_em_imaging.microscope_version              ? 
# 
_em_vitrification.entry_id              9KAP 
_em_vitrification.id                    1 
_em_vitrification.specimen_id           1 
_em_vitrification.cryogen_name          ETHANE 
_em_vitrification.humidity              ? 
_em_vitrification.temp                  ? 
_em_vitrification.chamber_temperature   ? 
_em_vitrification.instrument            ? 
_em_vitrification.method                ? 
_em_vitrification.time_resolved_state   ? 
_em_vitrification.citation_id           ? 
_em_vitrification.details               ? 
# 
_em_experiment.entry_id                9KAP 
_em_experiment.id                      1 
_em_experiment.reconstruction_method   HELICAL 
_em_experiment.aggregation_state       FILAMENT 
_em_experiment.entity_assembly_id      1 
# 
loop_
_chem_comp_atom.comp_id 
_chem_comp_atom.atom_id 
_chem_comp_atom.type_symbol 
_chem_comp_atom.pdbx_aromatic_flag 
_chem_comp_atom.pdbx_stereo_config 
_chem_comp_atom.pdbx_ordinal 
BDP C1   C N R 1  
BDP C2   C N R 2  
BDP C3   C N S 3  
BDP C4   C N S 4  
BDP C5   C N S 5  
BDP C6   C N N 6  
BDP O2   O N N 7  
BDP O3   O N N 8  
BDP O4   O N N 9  
BDP O5   O N N 10 
BDP O6A  O N N 11 
BDP O1   O N N 12 
BDP O6B  O N N 13 
BDP H1   H N N 14 
BDP H2   H N N 15 
BDP H3   H N N 16 
BDP H4   H N N 17 
BDP H5   H N N 18 
BDP HO2  H N N 19 
BDP HO3  H N N 20 
BDP HO4  H N N 21 
BDP HO1  H N N 22 
BDP HO6B H N N 23 
CYS N    N N N 24 
CYS CA   C N R 25 
CYS C    C N N 26 
CYS O    O N N 27 
CYS CB   C N N 28 
CYS SG   S N N 29 
CYS OXT  O N N 30 
CYS H    H N N 31 
CYS H2   H N N 32 
CYS HA   H N N 33 
CYS HB2  H N N 34 
CYS HB3  H N N 35 
CYS HG   H N N 36 
CYS HXT  H N N 37 
TYR N    N N N 38 
TYR CA   C N S 39 
TYR C    C N N 40 
TYR O    O N N 41 
TYR CB   C N N 42 
TYR CG   C Y N 43 
TYR CD1  C Y N 44 
TYR CD2  C Y N 45 
TYR CE1  C Y N 46 
TYR CE2  C Y N 47 
TYR CZ   C Y N 48 
TYR OH   O N N 49 
TYR OXT  O N N 50 
TYR H    H N N 51 
TYR H2   H N N 52 
TYR HA   H N N 53 
TYR HB2  H N N 54 
TYR HB3  H N N 55 
TYR HD1  H N N 56 
TYR HD2  H N N 57 
TYR HE1  H N N 58 
TYR HE2  H N N 59 
TYR HH   H N N 60 
TYR HXT  H N N 61 
# 
loop_
_chem_comp_bond.comp_id 
_chem_comp_bond.atom_id_1 
_chem_comp_bond.atom_id_2 
_chem_comp_bond.value_order 
_chem_comp_bond.pdbx_aromatic_flag 
_chem_comp_bond.pdbx_stereo_config 
_chem_comp_bond.pdbx_ordinal 
BDP C1  C2   sing N N 1  
BDP C1  O5   sing N N 2  
BDP C1  O1   sing N N 3  
BDP C1  H1   sing N N 4  
BDP C2  C3   sing N N 5  
BDP C2  O2   sing N N 6  
BDP C2  H2   sing N N 7  
BDP C3  C4   sing N N 8  
BDP C3  O3   sing N N 9  
BDP C3  H3   sing N N 10 
BDP C4  C5   sing N N 11 
BDP C4  O4   sing N N 12 
BDP C4  H4   sing N N 13 
BDP C5  C6   sing N N 14 
BDP C5  O5   sing N N 15 
BDP C5  H5   sing N N 16 
BDP C6  O6A  doub N N 17 
BDP C6  O6B  sing N N 18 
BDP O2  HO2  sing N N 19 
BDP O3  HO3  sing N N 20 
BDP O4  HO4  sing N N 21 
BDP O1  HO1  sing N N 22 
BDP O6B HO6B sing N N 23 
CYS N   CA   sing N N 24 
CYS N   H    sing N N 25 
CYS N   H2   sing N N 26 
CYS CA  C    sing N N 27 
CYS CA  CB   sing N N 28 
CYS CA  HA   sing N N 29 
CYS C   O    doub N N 30 
CYS C   OXT  sing N N 31 
CYS CB  SG   sing N N 32 
CYS CB  HB2  sing N N 33 
CYS CB  HB3  sing N N 34 
CYS SG  HG   sing N N 35 
CYS OXT HXT  sing N N 36 
TYR N   CA   sing N N 37 
TYR N   H    sing N N 38 
TYR N   H2   sing N N 39 
TYR CA  C    sing N N 40 
TYR CA  CB   sing N N 41 
TYR CA  HA   sing N N 42 
TYR C   O    doub N N 43 
TYR C   OXT  sing N N 44 
TYR CB  CG   sing N N 45 
TYR CB  HB2  sing N N 46 
TYR CB  HB3  sing N N 47 
TYR CG  CD1  doub Y N 48 
TYR CG  CD2  sing Y N 49 
TYR CD1 CE1  sing Y N 50 
TYR CD1 HD1  sing N N 51 
TYR CD2 CE2  doub Y N 52 
TYR CD2 HD2  sing N N 53 
TYR CE1 CZ   doub Y N 54 
TYR CE1 HE1  sing N N 55 
TYR CE2 CZ   sing Y N 56 
TYR CE2 HE2  sing N N 57 
TYR CZ  OH   sing N N 58 
TYR OH  HH   sing N N 59 
TYR OXT HXT  sing N N 60 
# 
_em_admin.current_status     REL 
_em_admin.deposition_date    2024-10-29 
_em_admin.deposition_site    PDBJ 
_em_admin.entry_id           9KAP 
_em_admin.last_update        2025-06-25 
_em_admin.map_release_date   2025-06-11 
_em_admin.title              'Cryo-EM structure of glycopeptide fibril' 
# 
_em_ctf_correction.details                  ? 
_em_ctf_correction.em_image_processing_id   1 
_em_ctf_correction.id                       1 
_em_ctf_correction.type                     NONE 
# 
_em_entity_assembly_naturalsource.cell                 ? 
_em_entity_assembly_naturalsource.cellular_location    ? 
_em_entity_assembly_naturalsource.entity_assembly_id   1 
_em_entity_assembly_naturalsource.id                   2 
_em_entity_assembly_naturalsource.ncbi_tax_id          32630 
_em_entity_assembly_naturalsource.organism             'synthetic construct' 
_em_entity_assembly_naturalsource.organelle            ? 
_em_entity_assembly_naturalsource.organ                ? 
_em_entity_assembly_naturalsource.strain               ? 
_em_entity_assembly_naturalsource.tissue               ? 
_em_entity_assembly_naturalsource.details              ? 
# 
_em_helical_entity.id                             1 
_em_helical_entity.image_processing_id            1 
_em_helical_entity.details                        ? 
_em_helical_entity.axial_symmetry                 C1 
_em_helical_entity.angular_rotation_per_subunit   115.10 
_em_helical_entity.axial_rise_per_subunit         3.19 
# 
_em_image_processing.details              ? 
_em_image_processing.id                   1 
_em_image_processing.image_recording_id   1 
# 
_em_image_recording.average_exposure_time               ? 
_em_image_recording.avg_electron_dose_per_subtomogram   ? 
_em_image_recording.avg_electron_dose_per_image         55 
_em_image_recording.details                             ? 
_em_image_recording.detector_mode                       ? 
_em_image_recording.film_or_detector_model              'GATAN K3 (6k x 4k)' 
_em_image_recording.id                                  1 
_em_image_recording.imaging_id                          1 
_em_image_recording.num_diffraction_images              ? 
_em_image_recording.num_grids_imaged                    ? 
_em_image_recording.num_real_images                     ? 
# 
loop_
_em_software.category 
_em_software.details 
_em_software.id 
_em_software.image_processing_id 
_em_software.fitting_id 
_em_software.imaging_id 
_em_software.name 
_em_software.version 
_em_software.reference_DOI 
'MODEL REFINEMENT'              ? 1  ? ? ? PHENIX ? ? 
'IMAGE ACQUISITION'             ? 2  1 1 1 ?      ? ? 
'PARTICLE SELECTION'            ? 3  1 1 1 ?      ? ? 
'VOLUME SELECTION'              ? 4  1 1 1 ?      ? ? 
CLASSIFICATION                  ? 5  1 1 1 ?      ? ? 
MASKING                         ? 6  1 1 1 ?      ? ? 
RECONSTRUCTION                  ? 7  1 1 1 ?      ? ? 
'INITIAL EULER ASSIGNMENT'      ? 8  1 1 1 ?      ? ? 
'FINAL EULER ASSIGNMENT'        ? 9  1 1 1 ?      ? ? 
'CTF CORRECTION'                ? 10 1 1 1 ?      ? ? 
'LAYERLINE INDEXING'            ? 11 1 1 1 ?      ? ? 
'DIFFRACTION INDEXING'          ? 12 1 1 1 ?      ? ? 
'MODEL FITTING'                 ? 13 1 1 1 ?      ? ? 
'SERIES ALIGNMENT'              ? 14 1 1 1 ?      ? ? 
'MOLECULAR REPLACEMENT'         ? 15 1 1 1 ?      ? ? 
'LATTICE DISTORTION CORRECTION' ? 16 1 1 1 ?      ? ? 
'SYMMETRY DETERMINATION'        ? 17 1 1 1 ?      ? ? 
'CRYSTALLOGRAPHY MERGING'       ? 18 1 1 1 ?      ? ? 
OTHER                           ? 19 1 1 1 ?      ? ? 
# 
_em_specimen.concentration           ? 
_em_specimen.details                 ? 
_em_specimen.embedding_applied       NO 
_em_specimen.experiment_id           1 
_em_specimen.id                      1 
_em_specimen.shadowing_applied       NO 
_em_specimen.staining_applied        NO 
_em_specimen.vitrification_applied   YES 
# 
_pdbx_audit_support.funding_organization   'Not funded' 
_pdbx_audit_support.country                ? 
_pdbx_audit_support.grant_number           ? 
_pdbx_audit_support.ordinal                1 
# 
_atom_sites.entry_id                    9KAP 
_atom_sites.Cartn_transf_matrix[1][1]   ? 
_atom_sites.Cartn_transf_matrix[1][2]   ? 
_atom_sites.Cartn_transf_matrix[1][3]   ? 
_atom_sites.Cartn_transf_matrix[2][1]   ? 
_atom_sites.Cartn_transf_matrix[2][2]   ? 
_atom_sites.Cartn_transf_matrix[2][3]   ? 
_atom_sites.Cartn_transf_matrix[3][1]   ? 
_atom_sites.Cartn_transf_matrix[3][2]   ? 
_atom_sites.Cartn_transf_matrix[3][3]   ? 
_atom_sites.Cartn_transf_vector[1]      ? 
_atom_sites.Cartn_transf_vector[2]      ? 
_atom_sites.Cartn_transf_vector[3]      ? 
_atom_sites.Cartn_transform_axes        ? 
_atom_sites.fract_transf_matrix[1][1]   1.000000 
_atom_sites.fract_transf_matrix[1][2]   0.000000 
_atom_sites.fract_transf_matrix[1][3]   0.000000 
_atom_sites.fract_transf_matrix[2][1]   0.000000 
_atom_sites.fract_transf_matrix[2][2]   1.000000 
_atom_sites.fract_transf_matrix[2][3]   0.000000 
_atom_sites.fract_transf_matrix[3][1]   0.000000 
_atom_sites.fract_transf_matrix[3][2]   0.000000 
_atom_sites.fract_transf_matrix[3][3]   1.000000 
_atom_sites.fract_transf_vector[1]      0.00000 
_atom_sites.fract_transf_vector[2]      0.00000 
_atom_sites.fract_transf_vector[3]      0.00000 
_atom_sites.solution_primary            ? 
_atom_sites.solution_secondary          ? 
_atom_sites.solution_hydrogens          ? 
_atom_sites.special_details             ? 
# 
loop_
_atom_type.symbol 
C 
N 
O 
S 
# 
loop_
_atom_site.group_PDB 
_atom_site.id 
_atom_site.type_symbol 
_atom_site.label_atom_id 
_atom_site.label_alt_id 
_atom_site.label_comp_id 
_atom_site.label_asym_id 
_atom_site.label_entity_id 
_atom_site.label_seq_id 
_atom_site.pdbx_PDB_ins_code 
_atom_site.Cartn_x 
_atom_site.Cartn_y 
_atom_site.Cartn_z 
_atom_site.occupancy 
_atom_site.B_iso_or_equiv 
_atom_site.pdbx_formal_charge 
_atom_site.auth_seq_id 
_atom_site.auth_comp_id 
_atom_site.auth_asym_id 
_atom_site.auth_atom_id 
_atom_site.pdbx_PDB_model_num 
ATOM   1   N N   . TYR A 1 1 ? 1.631   9.018   1.990   1.00 92.16  ? 1   TYR A N   1 
ATOM   2   C CA  . TYR A 1 1 ? 1.217   8.551   0.752   1.00 91.03  ? 1   TYR A CA  1 
ATOM   3   C C   . TYR A 1 1 ? 1.487   9.736   0.001   1.00 91.99  ? 1   TYR A C   1 
ATOM   4   O O   . TYR A 1 1 ? 0.982   10.683  0.314   1.00 94.44  ? 1   TYR A O   1 
ATOM   5   C CB  . TYR A 1 1 ? -0.193  8.148   0.837   1.00 93.33  ? 1   TYR A CB  1 
ATOM   6   C CG  . TYR A 1 1 ? -0.743  7.933   -0.418  1.00 96.55  ? 1   TYR A CG  1 
ATOM   7   C CD1 . TYR A 1 1 ? -0.112  7.291   -1.295  1.00 94.61  ? 1   TYR A CD1 1 
ATOM   8   C CD2 . TYR A 1 1 ? -1.897  8.367   -0.725  1.00 98.32  ? 1   TYR A CD2 1 
ATOM   9   C CE1 . TYR A 1 1 ? -0.566  7.138   -2.423  1.00 94.81  ? 1   TYR A CE1 1 
ATOM   10  C CE2 . TYR A 1 1 ? -2.337  8.208   -1.864  1.00 98.31  ? 1   TYR A CE2 1 
ATOM   11  C CZ  . TYR A 1 1 ? -1.654  7.607   -2.701  1.00 98.01  ? 1   TYR A CZ  1 
ATOM   12  O OH  . TYR A 1 1 ? -2.103  7.431   -3.906  1.00 100.35 ? 1   TYR A OH  1 
ATOM   13  N N   . TYR A 1 2 ? 2.418   9.764   -0.894  1.00 87.81  ? 2   TYR A N   1 
ATOM   14  C CA  . TYR A 1 2 ? 2.437   10.925  -1.703  1.00 85.23  ? 2   TYR A CA  1 
ATOM   15  C C   . TYR A 1 2 ? 2.624   10.617  -3.138  1.00 81.64  ? 2   TYR A C   1 
ATOM   16  O O   . TYR A 1 2 ? 3.444   9.835   -3.434  1.00 84.22  ? 2   TYR A O   1 
ATOM   17  C CB  . TYR A 1 2 ? 3.487   11.800  -1.223  1.00 84.68  ? 2   TYR A CB  1 
ATOM   18  C CG  . TYR A 1 2 ? 4.848   11.429  -1.364  1.00 83.47  ? 2   TYR A CG  1 
ATOM   19  C CD1 . TYR A 1 2 ? 5.517   11.752  -2.414  1.00 81.99  ? 2   TYR A CD1 1 
ATOM   20  C CD2 . TYR A 1 2 ? 5.503   10.922  -0.384  1.00 84.82  ? 2   TYR A CD2 1 
ATOM   21  C CE1 . TYR A 1 2 ? 6.706   11.479  -2.521  1.00 84.34  ? 2   TYR A CE1 1 
ATOM   22  C CE2 . TYR A 1 2 ? 6.710   10.644  -0.507  1.00 86.31  ? 2   TYR A CE2 1 
ATOM   23  C CZ  . TYR A 1 2 ? 7.294   10.928  -1.589  1.00 87.33  ? 2   TYR A CZ  1 
ATOM   24  O OH  . TYR A 1 2 ? 8.563   10.665  -1.774  1.00 92.50  ? 2   TYR A OH  1 
ATOM   25  N N   . CYS A 1 3 ? 1.888   11.160  -4.044  1.00 78.71  ? 3   CYS A N   1 
ATOM   26  C CA  . CYS A 1 3 ? 2.050   10.729  -5.373  1.00 74.76  ? 3   CYS A CA  1 
ATOM   27  C C   . CYS A 1 3 ? 2.597   11.833  -6.191  1.00 72.67  ? 3   CYS A C   1 
ATOM   28  O O   . CYS A 1 3 ? 2.238   12.938  -6.015  1.00 75.21  ? 3   CYS A O   1 
ATOM   29  C CB  . CYS A 1 3 ? 0.761   10.338  -5.917  1.00 74.95  ? 3   CYS A CB  1 
ATOM   30  S SG  . CYS A 1 3 ? 0.189   8.684   -5.428  1.00 96.33  ? 3   CYS A SG  1 
ATOM   31  N N   . TYR A 1 4 ? 3.514   11.558  -7.108  1.00 70.52  ? 4   TYR A N   1 
ATOM   32  C CA  . TYR A 1 4 ? 3.958   12.666  -7.992  1.00 71.26  ? 4   TYR A CA  1 
ATOM   33  C C   . TYR A 1 4 ? 3.468   12.350  -9.365  1.00 74.09  ? 4   TYR A C   1 
ATOM   34  O O   . TYR A 1 4 ? 4.040   11.431  -9.987  1.00 78.51  ? 4   TYR A O   1 
ATOM   35  C CB  . TYR A 1 4 ? 5.484   12.706  -8.036  1.00 75.00  ? 4   TYR A CB  1 
ATOM   36  C CG  . TYR A 1 4 ? 6.164   13.605  -7.016  1.00 75.54  ? 4   TYR A CG  1 
ATOM   37  C CD1 . TYR A 1 4 ? 6.480   13.138  -5.747  1.00 78.71  ? 4   TYR A CD1 1 
ATOM   38  C CD2 . TYR A 1 4 ? 6.506   14.912  -7.332  1.00 75.05  ? 4   TYR A CD2 1 
ATOM   39  C CE1 . TYR A 1 4 ? 7.108   13.951  -4.819  1.00 80.45  ? 4   TYR A CE1 1 
ATOM   40  C CE2 . TYR A 1 4 ? 7.131   15.736  -6.412  1.00 78.37  ? 4   TYR A CE2 1 
ATOM   41  C CZ  . TYR A 1 4 ? 7.434   15.254  -5.152  1.00 79.54  ? 4   TYR A CZ  1 
ATOM   42  N N   . TYR A 1 5 ? 2.440   13.055  -9.863  1.00 73.92  ? 5   TYR A N   1 
ATOM   43  C CA  . TYR A 1 5 ? 2.062   12.615  -11.135 1.00 74.54  ? 5   TYR A CA  1 
ATOM   44  C C   . TYR A 1 5 ? 3.024   13.191  -11.959 1.00 75.94  ? 5   TYR A C   1 
ATOM   45  O O   . TYR A 1 5 ? 2.725   13.303  -13.136 1.00 76.47  ? 5   TYR A O   1 
ATOM   46  C CB  . TYR A 1 5 ? 0.739   13.048  -11.601 1.00 75.74  ? 5   TYR A CB  1 
ATOM   47  C CG  . TYR A 1 5 ? -0.223  12.508  -10.785 1.00 74.58  ? 5   TYR A CG  1 
ATOM   48  C CD1 . TYR A 1 5 ? -0.548  13.105  -9.725  1.00 76.78  ? 5   TYR A CD1 1 
ATOM   49  C CD2 . TYR A 1 5 ? -0.723  11.379  -11.011 1.00 71.92  ? 5   TYR A CD2 1 
ATOM   50  C CE1 . TYR A 1 5 ? -1.310  12.637  -8.951  1.00 75.79  ? 5   TYR A CE1 1 
ATOM   51  C CE2 . TYR A 1 5 ? -1.511  10.903  -10.212 1.00 73.82  ? 5   TYR A CE2 1 
ATOM   52  C CZ  . TYR A 1 5 ? -1.788  11.540  -9.173  1.00 75.12  ? 5   TYR A CZ  1 
ATOM   53  O OH  . TYR A 1 5 ? -2.618  11.107  -8.256  1.00 77.27  ? 5   TYR A OH  1 
ATOM   54  O OXT . TYR A 1 5 ? 4.192   13.594  -11.494 1.00 0.00   ? 5   TYR A OXT 1 
ATOM   55  N N   . TYR B 1 1 ? 4.297   8.466   -13.241 1.00 92.16  ? 1   TYR B N   1 
ATOM   56  C CA  . TYR B 1 1 ? 3.327   8.435   -12.251 1.00 91.03  ? 1   TYR B CA  1 
ATOM   57  C C   . TYR B 1 1 ? 4.048   7.656   -11.298 1.00 91.99  ? 1   TYR B C   1 
ATOM   58  O O   . TYR B 1 1 ? 4.403   6.642   -11.608 1.00 94.44  ? 1   TYR B O   1 
ATOM   59  C CB  . TYR B 1 1 ? 2.106   7.821   -12.795 1.00 93.33  ? 1   TYR B CB  1 
ATOM   60  C CG  . TYR B 1 1 ? 1.197   7.513   -11.794 1.00 96.55  ? 1   TYR B CG  1 
ATOM   61  C CD1 . TYR B 1 1 ? 0.954   8.330   -10.870 1.00 94.61  ? 1   TYR B CD1 1 
ATOM   62  C CD2 . TYR B 1 1 ? 0.576   6.403   -11.776 1.00 98.32  ? 1   TYR B CD2 1 
ATOM   63  C CE1 . TYR B 1 1 ? 0.190   8.048   -9.955  1.00 94.81  ? 1   TYR B CE1 1 
ATOM   64  C CE2 . TYR B 1 1 ? -0.184  6.133   -10.846 1.00 98.31  ? 1   TYR B CE2 1 
ATOM   65  C CZ  . TYR B 1 1 ? -0.353  6.959   -9.939  1.00 98.01  ? 1   TYR B CZ  1 
ATOM   66  O OH  . TYR B 1 1 ? -1.150  6.690   -8.952  1.00 100.35 ? 1   TYR B OH  1 
ATOM   67  N N   . TYR B 1 2 ? 4.442   8.165   -10.178 1.00 87.81  ? 2   TYR B N   1 
ATOM   68  C CA  . TYR B 1 2 ? 4.956   7.235   -9.243  1.00 85.23  ? 2   TYR B CA  1 
ATOM   69  C C   . TYR B 1 2 ? 4.446   7.461   -7.874  1.00 81.64  ? 2   TYR B C   1 
ATOM   70  O O   . TYR B 1 2 ? 4.423   8.558   -7.465  1.00 84.22  ? 2   TYR B O   1 
ATOM   71  C CB  . TYR B 1 2 ? 6.402   7.308   -9.273  1.00 84.68  ? 2   TYR B CB  1 
ATOM   72  C CG  . TYR B 1 2 ? 7.071   8.464   -8.800  1.00 83.47  ? 2   TYR B CG  1 
ATOM   73  C CD1 . TYR B 1 2 ? 7.424   8.567   -7.567  1.00 81.99  ? 2   TYR B CD1 1 
ATOM   74  C CD2 . TYR B 1 2 ? 7.502   9.361   -9.610  1.00 84.82  ? 2   TYR B CD2 1 
ATOM   75  C CE1 . TYR B 1 2 ? 8.046   9.540   -7.160  1.00 84.34  ? 2   TYR B CE1 1 
ATOM   76  C CE2 . TYR B 1 2 ? 8.128   10.348  -9.184  1.00 86.31  ? 2   TYR B CE2 1 
ATOM   77  C CZ  . TYR B 1 2 ? 8.386   10.422  -7.951  1.00 87.33  ? 2   TYR B CZ  1 
ATOM   78  O OH  . TYR B 1 2 ? 9.047   11.433  -7.446  1.00 92.50  ? 2   TYR B OH  1 
ATOM   79  N N   . CYS B 1 3 ? 4.003   6.491   -7.152  1.00 78.71  ? 3   CYS B N   1 
ATOM   80  C CA  . CYS B 1 3 ? 3.430   6.803   -5.905  1.00 74.76  ? 3   CYS B CA  1 
ATOM   81  C C   . CYS B 1 3 ? 4.273   6.259   -4.819  1.00 72.67  ? 3   CYS B C   1 
ATOM   82  O O   . CYS B 1 3 ? 4.790   5.210   -4.936  1.00 75.21  ? 3   CYS B O   1 
ATOM   83  C CB  . CYS B 1 3 ? 2.109   6.204   -5.816  1.00 74.95  ? 3   CYS B CB  1 
ATOM   84  S SG  . CYS B 1 3 ? 0.792   7.114   -6.675  1.00 96.33  ? 3   CYS B SG  1 
ATOM   85  N N   . TYR B 1 4 ? 4.439   6.982   -3.725  1.00 70.52  ? 4   TYR B N   1 
ATOM   86  C CA  . TYR B 1 4 ? 5.194   6.360   -2.610  1.00 71.26  ? 4   TYR B CA  1 
ATOM   87  C C   . TYR B 1 4 ? 4.225   6.161   -1.497  1.00 74.09  ? 4   TYR B C   1 
ATOM   88  O O   . TYR B 1 4 ? 3.825   7.173   -0.890  1.00 78.51  ? 4   TYR B O   1 
ATOM   89  C CB  . TYR B 1 4 ? 6.306   7.310   -2.169  1.00 75.00  ? 4   TYR B CB  1 
ATOM   90  C CG  . TYR B 1 4 ? 7.660   7.045   -2.808  1.00 75.54  ? 4   TYR B CG  1 
ATOM   91  C CD1 . TYR B 1 4 ? 7.907   7.388   -4.130  1.00 78.71  ? 4   TYR B CD1 1 
ATOM   92  C CD2 . TYR B 1 4 ? 8.687   6.453   -2.086  1.00 75.05  ? 4   TYR B CD2 1 
ATOM   93  C CE1 . TYR B 1 4 ? 9.137   7.149   -4.716  1.00 80.45  ? 4   TYR B CE1 1 
ATOM   94  C CE2 . TYR B 1 4 ? 9.921   6.208   -2.660  1.00 78.37  ? 4   TYR B CE2 1 
ATOM   95  C CZ  . TYR B 1 4 ? 10.147  6.558   -3.979  1.00 79.54  ? 4   TYR B CZ  1 
ATOM   96  N N   . TYR B 1 5 ? 3.823   4.914   -1.215  1.00 73.92  ? 5   TYR B N   1 
ATOM   97  C CA  . TYR B 1 5 ? 2.884   4.884   -0.180  1.00 74.54  ? 5   TYR B CA  1 
ATOM   98  C C   . TYR B 1 5 ? 3.674   5.008   0.958   1.00 75.94  ? 5   TYR B C   1 
ATOM   99  O O   . TYR B 1 5 ? 3.175   4.625   2.004   1.00 76.47  ? 5   TYR B O   1 
ATOM   100 C CB  . TYR B 1 5 ? 2.095   3.652   -0.060  1.00 75.74  ? 5   TYR B CB  1 
ATOM   101 C CG  . TYR B 1 5 ? 1.325   3.499   -1.185  1.00 74.58  ? 5   TYR B CG  1 
ATOM   102 C CD1 . TYR B 1 5 ? 1.810   2.932   -2.200  1.00 76.78  ? 5   TYR B CD1 1 
ATOM   103 C CD2 . TYR B 1 5 ? 0.177   4.000   -1.273  1.00 71.92  ? 5   TYR B CD2 1 
ATOM   104 C CE1 . TYR B 1 5 ? 1.212   2.854   -3.218  1.00 75.79  ? 5   TYR B CE1 1 
ATOM   105 C CE2 . TYR B 1 5 ? -0.435  3.912   -2.323  1.00 73.82  ? 5   TYR B CE2 1 
ATOM   106 C CZ  . TYR B 1 5 ? 0.103   3.344   -3.298  1.00 75.12  ? 5   TYR B CZ  1 
ATOM   107 O OH  . TYR B 1 5 ? -0.475  3.208   -4.466  1.00 77.27  ? 5   TYR B OH  1 
ATOM   108 O OXT . TYR B 1 5 ? 4.894   5.510   0.911   1.00 0.00   ? 5   TYR B OXT 1 
ATOM   109 N N   . TYR C 1 1 ? 6.442   0.889   0.432   1.00 92.16  ? 1   TYR E N   1 
ATOM   110 C CA  . TYR C 1 1 ? 5.776   0.294   -0.629  1.00 91.03  ? 1   TYR E CA  1 
ATOM   111 C C   . TYR C 1 1 ? 5.879   1.379   -1.551  1.00 91.99  ? 1   TYR E C   1 
ATOM   112 O O   . TYR C 1 1 ? 5.450   2.366   -1.251  1.00 94.44  ? 1   TYR E O   1 
ATOM   113 C CB  . TYR C 1 1 ? 4.417   -0.065  -0.203  1.00 93.33  ? 1   TYR E CB  1 
ATOM   114 C CG  . TYR C 1 1 ? 3.615   -0.410  -1.281  1.00 96.55  ? 1   TYR E CG  1 
ATOM   115 C CD1 . TYR C 1 1 ? 4.048   -1.161  -2.191  1.00 94.61  ? 1   TYR E CD1 1 
ATOM   116 C CD2 . TYR C 1 1 ? 2.421   0.013   -1.386  1.00 98.32  ? 1   TYR E CD2 1 
ATOM   117 C CE1 . TYR C 1 1 ? 3.366   -1.431  -3.172  1.00 94.81  ? 1   TYR E CE1 1 
ATOM   118 C CE2 . TYR C 1 1 ? 1.750   -0.265  -2.382  1.00 98.31  ? 1   TYR E CE2 1 
ATOM   119 C CZ  . TYR C 1 1 ? 2.242   -0.972  -3.268  1.00 98.01  ? 1   TYR E CZ  1 
ATOM   120 O OH  . TYR C 1 1 ? 1.549   -1.273  -4.323  1.00 100.35 ? 1   TYR E OH  1 
ATOM   121 N N   . TYR C 1 2 ? 6.601   1.284   -2.619  1.00 87.81  ? 2   TYR E N   1 
ATOM   122 C CA  . TYR C 1 2 ? 6.446   2.345   -3.544  1.00 85.23  ? 2   TYR E CA  1 
ATOM   123 C C   . TYR C 1 2 ? 6.326   1.872   -4.939  1.00 81.64  ? 2   TYR E C   1 
ATOM   124 O O   . TYR C 1 2 ? 7.066   1.042   -5.309  1.00 84.22  ? 2   TYR E O   1 
ATOM   125 C CB  . TYR C 1 2 ? 7.572   3.244   -3.399  1.00 84.68  ? 2   TYR E CB  1 
ATOM   126 C CG  . TYR C 1 2 ? 8.873   2.829   -3.779  1.00 83.47  ? 2   TYR E CG  1 
ATOM   127 C CD1 . TYR C 1 2 ? 9.305   3.016   -4.977  1.00 81.99  ? 2   TYR E CD1 1 
ATOM   128 C CD2 . TYR C 1 2 ? 9.722   2.422   -2.907  1.00 84.82  ? 2   TYR E CD2 1 
ATOM   129 C CE1 . TYR C 1 2 ? 10.444  2.706   -5.299  1.00 84.34  ? 2   TYR E CE1 1 
ATOM   130 C CE2 . TYR C 1 2 ? 10.875  2.105   -3.248  1.00 86.31  ? 2   TYR E CE2 1 
ATOM   131 C CZ  . TYR C 1 2 ? 11.217  2.250   -4.454  1.00 87.33  ? 2   TYR E CZ  1 
ATOM   132 O OH  . TYR C 1 2 ? 12.419  1.940   -4.870  1.00 92.50  ? 2   TYR E OH  1 
ATOM   133 N N   . CYS C 1 3 ? 5.414   2.324   -5.727  1.00 78.71  ? 3   CYS E N   1 
ATOM   134 C CA  . CYS C 1 3 ? 5.292   1.741   -7.002  1.00 74.76  ? 3   CYS E CA  1 
ATOM   135 C C   . CYS C 1 3 ? 5.652   2.733   -8.040  1.00 72.67  ? 3   CYS E C   1 
ATOM   136 O O   . CYS C 1 3 ? 5.336   3.858   -7.920  1.00 75.21  ? 3   CYS E O   1 
ATOM   137 C CB  . CYS C 1 3 ? 3.918   1.320   -7.213  1.00 74.95  ? 3   CYS E CB  1 
ATOM   138 S SG  . CYS C 1 3 ? 3.465   -0.254  -6.427  1.00 96.33  ? 3   CYS E SG  1 
ATOM   139 N N   . TYR C 1 4 ? 6.355   2.334   -9.090  1.00 70.52  ? 4   TYR E N   1 
ATOM   140 C CA  . TYR C 1 4 ? 6.600   3.324   -10.170 1.00 71.26  ? 4   TYR E CA  1 
ATOM   141 C C   . TYR C 1 4 ? 5.831   2.866   -11.364 1.00 74.09  ? 4   TYR E C   1 
ATOM   142 O O   . TYR C 1 4 ? 6.261   1.869   -11.981 1.00 78.51  ? 4   TYR E O   1 
ATOM   143 C CB  . TYR C 1 4 ? 8.082   3.325   -10.537 1.00 75.00  ? 4   TYR E CB  1 
ATOM   144 C CG  . TYR C 1 4 ? 8.960   4.318   -9.794  1.00 75.54  ? 4   TYR E CG  1 
ATOM   145 C CD1 . TYR C 1 4 ? 9.538   3.991   -8.575  1.00 78.71  ? 4   TYR E CD1 1 
ATOM   146 C CD2 . TYR C 1 4 ? 9.225   5.572   -10.325 1.00 75.05  ? 4   TYR E CD2 1 
ATOM   147 C CE1 . TYR C 1 4 ? 10.346  4.890   -7.901  1.00 80.45  ? 4   TYR E CE1 1 
ATOM   148 C CE2 . TYR C 1 4 ? 10.029  6.481   -9.659  1.00 78.37  ? 4   TYR E CE2 1 
ATOM   149 C CZ  . TYR C 1 4 ? 10.592  6.139   -8.443  1.00 79.54  ? 4   TYR E CZ  1 
ATOM   150 N N   . TYR C 1 5 ? 4.720   3.532   -11.713 1.00 73.92  ? 5   TYR E N   1 
ATOM   151 C CA  . TYR C 1 5 ? 4.083   2.959   -12.817 1.00 74.54  ? 5   TYR E CA  1 
ATOM   152 C C   . TYR C 1 5 ? 4.848   3.416   -13.886 1.00 75.94  ? 5   TYR E C   1 
ATOM   153 O O   . TYR C 1 5 ? 4.307   3.399   -14.979 1.00 76.47  ? 5   TYR E O   1 
ATOM   154 C CB  . TYR C 1 5 ? 2.690   3.366   -13.041 1.00 75.74  ? 5   TYR E CB  1 
ATOM   155 C CG  . TYR C 1 5 ? 1.923   2.944   -11.985 1.00 74.58  ? 5   TYR E CG  1 
ATOM   156 C CD1 . TYR C 1 5 ? 1.829   3.665   -10.956 1.00 76.78  ? 5   TYR E CD1 1 
ATOM   157 C CD2 . TYR C 1 5 ? 1.389   1.809   -11.967 1.00 71.92  ? 5   TYR E CD2 1 
ATOM   158 C CE1 . TYR C 1 5 ? 1.248   3.305   -9.991  1.00 75.79  ? 5   TYR E CE1 1 
ATOM   159 C CE2 . TYR C 1 5 ? 0.789   1.443   -10.971 1.00 73.82  ? 5   TYR E CE2 1 
ATOM   160 C CZ  . TYR C 1 5 ? 0.736   2.201   -9.978  1.00 75.12  ? 5   TYR E CZ  1 
ATOM   161 O OH  . TYR C 1 5 ? 0.120   1.894   -8.863  1.00 77.27  ? 5   TYR E OH  1 
ATOM   162 O OXT . TYR C 1 5 ? 6.087   3.842   -13.726 1.00 0.00   ? 5   TYR E OXT 1 
ATOM   163 N N   . TYR D 1 1 ? 5.830   -1.453  -14.850 1.00 92.16  ? 1   TYR F N   1 
ATOM   164 C CA  . TYR D 1 1 ? 5.091   -1.348  -13.681 1.00 91.03  ? 1   TYR F CA  1 
ATOM   165 C C   . TYR D 1 1 ? 5.999   -2.031  -12.817 1.00 91.99  ? 1   TYR F C   1 
ATOM   166 O O   . TYR D 1 1 ? 6.282   -3.080  -13.075 1.00 94.44  ? 1   TYR F O   1 
ATOM   167 C CB  . TYR D 1 1 ? 3.784   -1.993  -13.882 1.00 93.33  ? 1   TYR F CB  1 
ATOM   168 C CG  . TYR D 1 1 ? 3.107   -2.164  -12.684 1.00 96.55  ? 1   TYR F CG  1 
ATOM   169 C CD1 . TYR D 1 1 ? 3.063   -1.243  -11.830 1.00 94.61  ? 1   TYR F CD1 1 
ATOM   170 C CD2 . TYR D 1 1 ? 2.507   -3.250  -12.406 1.00 98.32  ? 1   TYR F CD2 1 
ATOM   171 C CE1 . TYR D 1 1 ? 2.510   -1.401  -10.749 1.00 94.81  ? 1   TYR F CE1 1 
ATOM   172 C CE2 . TYR D 1 1 ? 1.961   -3.396  -11.313 1.00 98.31  ? 1   TYR F CE2 1 
ATOM   173 C CZ  . TYR D 1 1 ? 1.986   -2.468  -10.491 1.00 98.01  ? 1   TYR F CZ  1 
ATOM   174 O OH  . TYR D 1 1 ? 1.415   -2.605  -9.335  1.00 100.35 ? 1   TYR F OH  1 
ATOM   175 N N   . TYR D 1 2 ? 6.619   -1.406  -11.872 1.00 87.81  ? 2   TYR F N   1 
ATOM   176 C CA  . TYR D 1 2 ? 7.322   -2.235  -10.964 1.00 85.23  ? 2   TYR F CA  1 
ATOM   177 C C   . TYR D 1 2 ? 7.112   -1.843  -9.554  1.00 81.64  ? 2   TYR F C   1 
ATOM   178 O O   . TYR D 1 2 ? 7.174   -0.707  -9.280  1.00 84.22  ? 2   TYR F O   1 
ATOM   179 C CB  . TYR D 1 2 ? 8.728   -2.199  -11.306 1.00 84.68  ? 2   TYR F CB  1 
ATOM   180 C CG  . TYR D 1 2 ? 9.480   -1.012  -11.121 1.00 83.47  ? 2   TYR F CG  1 
ATOM   181 C CD1 . TYR D 1 2 ? 10.085  -0.778  -10.010 1.00 81.99  ? 2   TYR F CD1 1 
ATOM   182 C CD2 . TYR D 1 2 ? 9.729   -0.223  -12.102 1.00 84.82  ? 2   TYR F CD2 1 
ATOM   183 C CE1 . TYR D 1 2 ? 10.777  0.221   -9.859  1.00 84.34  ? 2   TYR F CE1 1 
ATOM   184 C CE2 . TYR D 1 2 ? 10.429  0.792   -11.934 1.00 86.31  ? 2   TYR F CE2 1 
ATOM   185 C CZ  . TYR D 1 2 ? 10.941  1.000   -10.800 1.00 87.33  ? 2   TYR F CZ  1 
ATOM   186 O OH  . TYR D 1 2 ? 11.691  2.047   -10.566 1.00 92.50  ? 2   TYR F OH  1 
ATOM   187 N N   . CYS D 1 3 ? 6.833   -2.715  -8.648  1.00 78.71  ? 3   CYS F N   1 
ATOM   188 C CA  . CYS D 1 3 ? 6.536   -2.250  -7.354  1.00 74.76  ? 3   CYS F CA  1 
ATOM   189 C C   . CYS D 1 3 ? 7.590   -2.685  -6.413  1.00 72.67  ? 3   CYS F C   1 
ATOM   190 O O   . CYS D 1 3 ? 8.073   -3.752  -6.513  1.00 75.21  ? 3   CYS F O   1 
ATOM   191 C CB  . CYS D 1 3 ? 5.265   -2.805  -6.920  1.00 74.95  ? 3   CYS F CB  1 
ATOM   192 S SG  . CYS D 1 3 ? 3.794   -1.969  -7.582  1.00 96.33  ? 3   CYS F SG  1 
ATOM   193 N N   . TYR D 1 4 ? 7.982   -1.848  -5.470  1.00 70.52  ? 4   TYR F N   1 
ATOM   194 C CA  . TYR D 1 4 ? 8.958   -2.355  -4.474  1.00 71.26  ? 4   TYR F CA  1 
ATOM   195 C C   . TYR D 1 4 ? 8.246   -2.404  -3.166  1.00 74.09  ? 4   TYR F C   1 
ATOM   196 O O   . TYR D 1 4 ? 7.981   -1.322  -2.610  1.00 78.51  ? 4   TYR F O   1 
ATOM   197 C CB  . TYR D 1 4 ? 10.136  -1.387  -4.390  1.00 75.00  ? 4   TYR F CB  1 
ATOM   198 C CG  . TYR D 1 4 ? 11.324  -1.754  -5.263  1.00 75.54  ? 4   TYR F CG  1 
ATOM   199 C CD1 . TYR D 1 4 ? 11.286  -1.568  -6.639  1.00 78.71  ? 4   TYR F CD1 1 
ATOM   200 C CD2 . TYR D 1 4 ? 12.483  -2.283  -4.710  1.00 75.05  ? 4   TYR F CD2 1 
ATOM   201 C CE1 . TYR D 1 4 ? 12.365  -1.901  -7.438  1.00 80.45  ? 4   TYR F CE1 1 
ATOM   202 C CE2 . TYR D 1 4 ? 13.568  -2.619  -5.498  1.00 78.37  ? 4   TYR F CE2 1 
ATOM   203 C CZ  . TYR D 1 4 ? 13.509  -2.426  -6.867  1.00 79.54  ? 4   TYR F CZ  1 
ATOM   204 N N   . TYR D 1 5 ? 7.915   -3.602  -2.664  1.00 73.92  ? 5   TYR F N   1 
ATOM   205 C CA  . TYR D 1 5 ? 7.216   -3.492  -1.458  1.00 74.54  ? 5   TYR F CA  1 
ATOM   206 C C   . TYR D 1 5 ? 8.229   -3.258  -0.533  1.00 75.94  ? 5   TYR F C   1 
ATOM   207 O O   . TYR D 1 5 ? 7.962   -3.509  0.630   1.00 76.47  ? 5   TYR F O   1 
ATOM   208 C CB  . TYR D 1 5 ? 6.473   -4.685  -1.033  1.00 75.74  ? 5   TYR F CB  1 
ATOM   209 C CG  . TYR D 1 5 ? 5.483   -4.947  -1.945  1.00 74.58  ? 5   TYR F CG  1 
ATOM   210 C CD1 . TYR D 1 5 ? 5.743   -5.637  -2.967  1.00 76.78  ? 5   TYR F CD1 1 
ATOM   211 C CD2 . TYR D 1 5 ? 4.340   -4.434  -1.848  1.00 71.92  ? 5   TYR F CD2 1 
ATOM   212 C CE1 . TYR D 1 5 ? 4.944   -5.817  -3.820  1.00 75.79  ? 5   TYR F CE1 1 
ATOM   213 C CE2 . TYR D 1 5 ? 3.521   -4.627  -2.728  1.00 73.82  ? 5   TYR F CE2 1 
ATOM   214 C CZ  . TYR D 1 5 ? 3.842   -5.314  -3.722  1.00 75.12  ? 5   TYR F CZ  1 
ATOM   215 O OH  . TYR D 1 5 ? 3.030   -5.569  -4.719  1.00 77.27  ? 5   TYR F OH  1 
ATOM   216 O OXT . TYR D 1 5 ? 9.409   -2.791  -0.894  1.00 0.00   ? 5   TYR F OXT 1 
ATOM   217 N N   . TYR E 1 1 ? -5.912  1.282   4.447   1.00 92.16  ? 1   TYR I N   1 
ATOM   218 C CA  . TYR E 1 1 ? -4.610  1.760   4.458   1.00 91.03  ? 1   TYR I CA  1 
ATOM   219 C C   . TYR E 1 1 ? -4.762  2.704   5.519   1.00 91.99  ? 1   TYR I C   1 
ATOM   220 O O   . TYR E 1 1 ? -5.531  3.506   5.402   1.00 94.44  ? 1   TYR I O   1 
ATOM   221 C CB  . TYR E 1 1 ? -4.292  2.319   3.137   1.00 93.33  ? 1   TYR I CB  1 
ATOM   222 C CG  . TYR E 1 1 ? -3.115  3.054   3.159   1.00 96.55  ? 1   TYR I CG  1 
ATOM   223 C CD1 . TYR E 1 1 ? -2.097  2.620   3.755   1.00 94.61  ? 1   TYR I CD1 1 
ATOM   224 C CD2 . TYR E 1 1 ? -3.020  4.180   2.578   1.00 98.32  ? 1   TYR I CD2 1 
ATOM   225 C CE1 . TYR E 1 1 ? -1.069  3.282   3.824   1.00 94.81  ? 1   TYR I CE1 1 
ATOM   226 C CE2 . TYR E 1 1 ? -1.982  4.835   2.661   1.00 98.31  ? 1   TYR I CE2 1 
ATOM   227 C CZ  . TYR E 1 1 ? -1.025  4.379   3.298   1.00 98.01  ? 1   TYR I CZ  1 
ATOM   228 O OH  . TYR E 1 1 ? 0.078   5.057   3.395   1.00 100.35 ? 1   TYR I OH  1 
ATOM   229 N N   . TYR E 1 2 ? -4.165  2.538   6.652   1.00 87.81  ? 2   TYR I N   1 
ATOM   230 C CA  . TYR E 1 2 ? -4.231  3.646   7.532   1.00 85.23  ? 2   TYR I CA  1 
ATOM   231 C C   . TYR E 1 2 ? -2.930  3.946   8.169   1.00 81.64  ? 2   TYR I C   1 
ATOM   232 O O   . TYR E 1 2 ? -2.304  3.053   8.598   1.00 84.22  ? 2   TYR I O   1 
ATOM   233 C CB  . TYR E 1 2 ? -5.244  3.377   8.531   1.00 84.68  ? 2   TYR I CB  1 
ATOM   234 C CG  . TYR E 1 2 ? -5.044  2.359   9.497   1.00 83.47  ? 2   TYR I CG  1 
ATOM   235 C CD1 . TYR E 1 2 ? -4.479  2.616   10.624  1.00 81.99  ? 2   TYR I CD1 1 
ATOM   236 C CD2 . TYR E 1 2 ? -5.577  1.199   9.361   1.00 84.82  ? 2   TYR I CD2 1 
ATOM   237 C CE1 . TYR E 1 2 ? -4.347  1.754   11.483  1.00 84.34  ? 2   TYR I CE1 1 
ATOM   238 C CE2 . TYR E 1 2 ? -5.432  0.330   10.238  1.00 86.31  ? 2   TYR I CE2 1 
ATOM   239 C CZ  . TYR E 1 2 ? -4.808  0.627   11.295  1.00 87.33  ? 2   TYR I CZ  1 
ATOM   240 O OH  . TYR E 1 2 ? -4.630  -0.243  12.256  1.00 92.50  ? 2   TYR I OH  1 
ATOM   241 N N   . CYS E 1 3 ? -2.470  5.147   8.227   1.00 78.71  ? 3   CYS I N   1 
ATOM   242 C CA  . CYS E 1 3 ? -1.177  5.335   8.745   1.00 74.76  ? 3   CYS I CA  1 
ATOM   243 C C   . CYS E 1 3 ? -1.252  6.085   10.017  1.00 72.67  ? 3   CYS I C   1 
ATOM   244 O O   . CYS E 1 3 ? -2.025  6.961   10.145  1.00 75.21  ? 3   CYS I O   1 
ATOM   245 C CB  . CYS E 1 3 ? -0.381  6.099   7.799   1.00 74.95  ? 3   CYS I CB  1 
ATOM   246 S SG  . CYS E 1 3 ? 0.293   5.141   6.409   1.00 96.33  ? 3   CYS I SG  1 
ATOM   247 N N   . TYR E 1 4 ? -0.454  5.737   11.016  1.00 70.52  ? 4   TYR I N   1 
ATOM   248 C CA  . TYR E 1 4 ? -0.471  6.581   12.238  1.00 71.26  ? 4   TYR I CA  1 
ATOM   249 C C   . TYR E 1 4 ? 0.853   7.264   12.315  1.00 74.09  ? 4   TYR I C   1 
ATOM   250 O O   . TYR E 1 4 ? 1.843   6.573   12.631  1.00 78.51  ? 4   TYR I O   1 
ATOM   251 C CB  . TYR E 1 4 ? -0.614  5.693   13.472  1.00 75.00  ? 4   TYR I CB  1 
ATOM   252 C CG  . TYR E 1 4 ? -2.031  5.433   13.956  1.00 75.54  ? 4   TYR I CG  1 
ATOM   253 C CD1 . TYR E 1 4 ? -2.781  4.383   13.444  1.00 78.71  ? 4   TYR I CD1 1 
ATOM   254 C CD2 . TYR E 1 4 ? -2.607  6.227   14.937  1.00 75.05  ? 4   TYR I CD2 1 
ATOM   255 C CE1 . TYR E 1 4 ? -4.069  4.138   13.889  1.00 80.45  ? 4   TYR I CE1 1 
ATOM   256 C CE2 . TYR E 1 4 ? -3.895  5.994   15.389  1.00 78.37  ? 4   TYR I CE2 1 
ATOM   257 C CZ  . TYR E 1 4 ? -4.628  4.946   14.864  1.00 79.54  ? 4   TYR I CZ  1 
ATOM   258 N N   . TYR E 1 5 ? 0.922   8.575   12.036  1.00 73.92  ? 5   TYR I N   1 
ATOM   259 C CA  . TYR E 1 5 ? 2.231   9.063   12.102  1.00 74.54  ? 5   TYR I CA  1 
ATOM   260 C C   . TYR E 1 5 ? 2.436   9.212   13.469  1.00 75.94  ? 5   TYR I C   1 
ATOM   261 O O   . TYR E 1 5 ? 3.328   9.976   13.798  1.00 76.47  ? 5   TYR I O   1 
ATOM   262 C CB  . TYR E 1 5 ? 2.468   10.360  11.456  1.00 75.74  ? 5   TYR I CB  1 
ATOM   263 C CG  . TYR E 1 5 ? 2.248   10.239  10.109  1.00 74.58  ? 5   TYR I CG  1 
ATOM   264 C CD1 . TYR E 1 5 ? 1.081   10.376  9.653   1.00 76.78  ? 5   TYR I CD1 1 
ATOM   265 C CD2 . TYR E 1 5 ? 3.159   9.893   9.317   1.00 71.92  ? 5   TYR I CD2 1 
ATOM   266 C CE1 . TYR E 1 5 ? 0.830   10.199  8.511   1.00 75.79  ? 5   TYR I CE1 1 
ATOM   267 C CE2 . TYR E 1 5 ? 2.895   9.715   8.141   1.00 73.82  ? 5   TYR I CE2 1 
ATOM   268 C CZ  . TYR E 1 5 ? 1.717   9.860   7.750   1.00 75.12  ? 5   TYR I CZ  1 
ATOM   269 O OH  . TYR E 1 5 ? 1.338   9.684   6.508   1.00 77.27  ? 5   TYR I OH  1 
ATOM   270 O OXT . TYR E 1 5 ? 1.706   8.564   14.358  1.00 0.00   ? 5   TYR I OXT 1 
ATOM   271 N N   . TYR F 1 1 ? 6.182   5.852   12.949  1.00 92.16  ? 1   TYR J N   1 
ATOM   272 C CA  . TYR F 1 1 ? 5.517   5.998   11.742  1.00 91.03  ? 1   TYR J CA  1 
ATOM   273 C C   . TYR F 1 1 ? 5.163   4.628   11.549  1.00 91.99  ? 1   TYR J C   1 
ATOM   274 O O   . TYR F 1 1 ? 5.986   3.873   11.516  1.00 94.44  ? 1   TYR J O   1 
ATOM   275 C CB  . TYR F 1 1 ? 6.440   6.572   10.752  1.00 93.33  ? 1   TYR J CB  1 
ATOM   276 C CG  . TYR F 1 1 ? 5.927   6.492   9.465   1.00 96.55  ? 1   TYR J CG  1 
ATOM   277 C CD1 . TYR F 1 1 ? 4.727   6.784   9.231   1.00 94.61  ? 1   TYR J CD1 1 
ATOM   278 C CD2 . TYR F 1 1 ? 6.647   6.128   8.482   1.00 98.32  ? 1   TYR J CD2 1 
ATOM   279 C CE1 . TYR F 1 1 ? 4.252   6.671   8.107   1.00 94.81  ? 1   TYR J CE1 1 
ATOM   280 C CE2 . TYR F 1 1 ? 6.152   6.014   7.360   1.00 98.31  ? 1   TYR J CE2 1 
ATOM   281 C CZ  . TYR F 1 1 ? 4.952   6.273   7.194   1.00 98.01  ? 1   TYR J CZ  1 
ATOM   282 O OH  . TYR F 1 1 ? 4.416   6.157   6.020   1.00 100.35 ? 1   TYR J OH  1 
ATOM   283 N N   . TYR F 1 2 ? 3.931   4.243   11.593  1.00 87.81  ? 2   TYR J N   1 
ATOM   284 C CA  . TYR F 1 2 ? 3.705   2.908   11.177  1.00 85.23  ? 2   TYR J CA  1 
ATOM   285 C C   . TYR F 1 2 ? 2.537   2.780   10.280  1.00 81.64  ? 2   TYR J C   1 
ATOM   286 O O   . TYR F 1 2 ? 1.553   3.346   10.565  1.00 84.22  ? 2   TYR J O   1 
ATOM   287 C CB  . TYR F 1 2 ? 3.540   2.085   12.358  1.00 84.68  ? 2   TYR J CB  1 
ATOM   288 C CG  . TYR F 1 2 ? 2.400   2.238   13.185  1.00 83.47  ? 2   TYR J CG  1 
ATOM   289 C CD1 . TYR F 1 2 ? 1.328   1.559   12.968  1.00 81.99  ? 2   TYR J CD1 1 
ATOM   290 C CD2 . TYR F 1 2 ? 2.453   2.918   14.272  1.00 84.82  ? 2   TYR J CD2 1 
ATOM   291 C CE1 . TYR F 1 2 ? 0.355   1.649   13.708  1.00 84.34  ? 2   TYR J CE1 1 
ATOM   292 C CE2 . TYR F 1 2 ? 1.456   3.007   15.011  1.00 86.31  ? 2   TYR J CE2 1 
ATOM   293 C CZ  . TYR F 1 2 ? 0.412   2.365   14.707  1.00 87.33  ? 2   TYR J CZ  1 
ATOM   294 O OH  . TYR F 1 2 ? -0.665  2.415   15.450  1.00 92.50  ? 2   TYR J OH  1 
ATOM   295 N N   . CYS F 1 3 ? 2.600   2.097   9.189   1.00 78.71  ? 3   CYS J N   1 
ATOM   296 C CA  . CYS F 1 3 ? 1.484   2.116   8.333   1.00 74.76  ? 3   CYS J CA  1 
ATOM   297 C C   . CYS F 1 3 ? 0.870   0.772   8.281   1.00 72.67  ? 3   CYS J C   1 
ATOM   298 O O   . CYS F 1 3 ? 1.547   -0.190  8.276   1.00 75.21  ? 3   CYS J O   1 
ATOM   299 C CB  . CYS F 1 3 ? 1.908   2.489   6.994   1.00 74.95  ? 3   CYS J CB  1 
ATOM   300 S SG  . CYS F 1 3 ? 2.167   4.269   6.736   1.00 96.33  ? 3   CYS J SG  1 
ATOM   301 N N   . TYR F 1 4 ? -0.447  0.678   8.250   1.00 70.52  ? 4   TYR J N   1 
ATOM   302 C CA  . TYR F 1 4 ? -1.026  -0.677  8.084   1.00 71.26  ? 4   TYR J CA  1 
ATOM   303 C C   . TYR F 1 4 ? -1.687  -0.697  6.749   1.00 74.09  ? 4   TYR J C   1 
ATOM   304 O O   . TYR F 1 4 ? -2.739  -0.042  6.614   1.00 78.51  ? 4   TYR J O   1 
ATOM   305 C CB  . TYR F 1 4 ? -2.061  -0.918  9.181   1.00 75.00  ? 4   TYR J CB  1 
ATOM   306 C CG  . TYR F 1 4 ? -1.531  -1.647  10.405  1.00 75.54  ? 4   TYR J CG  1 
ATOM   307 C CD1 . TYR F 1 4 ? -0.720  -1.000  11.328  1.00 78.71  ? 4   TYR J CD1 1 
ATOM   308 C CD2 . TYR F 1 4 ? -1.846  -2.979  10.635  1.00 75.05  ? 4   TYR J CD2 1 
ATOM   309 C CE1 . TYR F 1 4 ? -0.235  -1.659  12.443  1.00 80.45  ? 4   TYR J CE1 1 
ATOM   310 C CE2 . TYR F 1 4 ? -1.367  -3.648  11.747  1.00 78.37  ? 4   TYR J CE2 1 
ATOM   311 C CZ  . TYR F 1 4 ? -0.560  -2.986  12.654  1.00 79.54  ? 4   TYR J CZ  1 
ATOM   312 N N   . TYR F 1 5 ? -1.115  -1.399  5.762   1.00 73.92  ? 5   TYR J N   1 
ATOM   313 C CA  . TYR F 1 5 ? -1.820  -1.290  4.559   1.00 74.54  ? 5   TYR J CA  1 
ATOM   314 C C   . TYR F 1 5 ? -2.872  -2.183  4.737   1.00 75.94  ? 5   TYR J C   1 
ATOM   315 O O   . TYR F 1 5 ? -3.415  -2.581  3.719   1.00 76.47  ? 5   TYR J O   1 
ATOM   316 C CB  . TYR F 1 5 ? -1.089  -1.676  3.346   1.00 75.74  ? 5   TYR J CB  1 
ATOM   317 C CG  . TYR F 1 5 ? -0.033  -0.821  3.166   1.00 74.58  ? 5   TYR J CG  1 
ATOM   318 C CD1 . TYR F 1 5 ? 1.064   -1.057  3.740   1.00 76.78  ? 5   TYR J CD1 1 
ATOM   319 C CD2 . TYR F 1 5 ? -0.151  0.251   2.524   1.00 71.92  ? 5   TYR J CD2 1 
ATOM   320 C CE1 . TYR F 1 5 ? 1.975   -0.305  3.681   1.00 75.79  ? 5   TYR J CE1 1 
ATOM   321 C CE2 . TYR F 1 5 ? 0.792   1.020   2.464   1.00 73.82  ? 5   TYR J CE2 1 
ATOM   322 C CZ  . TYR F 1 5 ? 1.853   0.735   3.062   1.00 75.12  ? 5   TYR J CZ  1 
ATOM   323 O OH  . TYR F 1 5 ? 2.915   1.501   3.059   1.00 77.27  ? 5   TYR J OH  1 
ATOM   324 O OXT . TYR F 1 5 ? -3.261  -2.575  5.936   1.00 0.00   ? 5   TYR J OXT 1 
ATOM   325 N N   . TYR G 1 1 ? -0.240  -6.380  5.327   1.00 92.16  ? 1   TYR M N   1 
ATOM   326 C CA  . TYR G 1 1 ? 1.025   -5.910  5.006   1.00 91.03  ? 1   TYR M CA  1 
ATOM   327 C C   . TYR G 1 1 ? 1.086   -4.857  5.966   1.00 91.99  ? 1   TYR M C   1 
ATOM   328 O O   . TYR G 1 1 ? 0.293   -4.068  5.933   1.00 94.44  ? 1   TYR M O   1 
ATOM   329 C CB  . TYR G 1 1 ? 1.041   -5.500  3.595   1.00 93.33  ? 1   TYR M CB  1 
ATOM   330 C CG  . TYR G 1 1 ? 2.182   -4.774  3.285   1.00 96.55  ? 1   TYR M CG  1 
ATOM   331 C CD1 . TYR G 1 1 ? 3.311   -5.145  3.691   1.00 94.61  ? 1   TYR M CD1 1 
ATOM   332 C CD2 . TYR G 1 1 ? 2.127   -3.718  2.580   1.00 98.32  ? 1   TYR M CD2 1 
ATOM   333 C CE1 . TYR G 1 1 ? 4.318   -4.483  3.467   1.00 94.81  ? 1   TYR M CE1 1 
ATOM   334 C CE2 . TYR G 1 1 ? 3.149   -3.062  2.367   1.00 98.31  ? 1   TYR M CE2 1 
ATOM   335 C CZ  . TYR G 1 1 ? 4.228   -3.449  2.829   1.00 98.01  ? 1   TYR M CZ  1 
ATOM   336 O OH  . TYR G 1 1 ? 5.313   -2.770  2.613   1.00 100.35 ? 1   TYR M OH  1 
ATOM   337 N N   . TYR G 1 2 ? 1.913   -4.900  6.957   1.00 87.81  ? 2   TYR M N   1 
ATOM   338 C CA  . TYR G 1 2 ? 2.017   -3.704  7.707   1.00 85.23  ? 2   TYR M CA  1 
ATOM   339 C C   . TYR G 1 2 ? 3.418   -3.343  8.014   1.00 81.64  ? 2   TYR M C   1 
ATOM   340 O O   . TYR G 1 2 ? 4.138   -4.186  8.391   1.00 84.22  ? 2   TYR M O   1 
ATOM   341 C CB  . TYR G 1 2 ? 1.246   -3.858  8.923   1.00 84.68  ? 2   TYR M CB  1 
ATOM   342 C CG  . TYR G 1 2 ? 1.667   -4.766  9.927   1.00 83.47  ? 2   TYR M CG  1 
ATOM   343 C CD1 . TYR G 1 2 ? 2.456   -4.389  10.871  1.00 81.99  ? 2   TYR M CD1 1 
ATOM   344 C CD2 . TYR G 1 2 ? 1.140   -5.930  10.032  1.00 84.82  ? 2   TYR M CD2 1 
ATOM   345 C CE1 . TYR G 1 2 ? 2.785   -5.153  11.768  1.00 84.34  ? 2   TYR M CE1 1 
ATOM   346 C CE2 . TYR G 1 2 ? 1.486   -6.700  10.947  1.00 86.31  ? 2   TYR M CE2 1 
ATOM   347 C CZ  . TYR G 1 2 ? 2.316   -6.293  11.806  1.00 87.33  ? 2   TYR M CZ  1 
ATOM   348 O OH  . TYR G 1 2 ? 2.712   -7.054  12.795  1.00 92.50  ? 2   TYR M OH  1 
ATOM   349 N N   . CYS G 1 3 ? 3.857   -2.145  7.841   1.00 78.71  ? 3   CYS M N   1 
ATOM   350 C CA  . CYS G 1 3 ? 5.228   -1.908  8.046   1.00 74.76  ? 3   CYS M CA  1 
ATOM   351 C C   . CYS G 1 3 ? 5.412   -1.022  9.218   1.00 72.67  ? 3   CYS M C   1 
ATOM   352 O O   . CYS G 1 3 ? 4.667   -0.134  9.413   1.00 75.21  ? 3   CYS M O   1 
ATOM   353 C CB  . CYS G 1 3 ? 5.787   -1.255  6.875   1.00 74.95  ? 3   CYS M CB  1 
ATOM   354 S SG  . CYS G 1 3 ? 6.165   -2.360  5.483   1.00 96.33  ? 3   CYS M SG  1 
ATOM   355 N N   . TYR G 1 4 ? 6.413   -1.264  10.053  1.00 70.52  ? 4   TYR M N   1 
ATOM   356 C CA  . TYR G 1 4 ? 6.641   -0.292  11.152  1.00 71.26  ? 4   TYR M CA  1 
ATOM   357 C C   . TYR G 1 4 ? 7.938   0.390   10.868  1.00 74.09  ? 4   TYR M C   1 
ATOM   358 O O   . TYR G 1 4 ? 8.985   -0.269  11.037  1.00 78.51  ? 4   TYR M O   1 
ATOM   359 C CB  . TYR G 1 4 ? 6.781   -1.040  12.476  1.00 75.00  ? 4   TYR M CB  1 
ATOM   360 C CG  . TYR G 1 4 ? 5.506   -1.238  13.278  1.00 75.54  ? 4   TYR M CG  1 
ATOM   361 C CD1 . TYR G 1 4 ? 4.683   -2.335  13.055  1.00 78.71  ? 4   TYR M CD1 1 
ATOM   362 C CD2 . TYR G 1 4 ? 5.140   -0.340  14.269  1.00 75.05  ? 4   TYR M CD2 1 
ATOM   363 C CE1 . TYR G 1 4 ? 3.526   -2.523  13.789  1.00 80.45  ? 4   TYR M CE1 1 
ATOM   364 C CE2 . TYR G 1 4 ? 3.982   -0.517  15.008  1.00 78.37  ? 4   TYR M CE2 1 
ATOM   365 C CZ  . TYR G 1 4 ? 3.174   -1.612  14.769  1.00 79.54  ? 4   TYR M CZ  1 
ATOM   366 N N   . TYR G 1 5 ? 7.920   1.662   10.443  1.00 73.92  ? 5   TYR M N   1 
ATOM   367 C CA  . TYR G 1 5 ? 9.204   2.148   10.173  1.00 74.54  ? 5   TYR M CA  1 
ATOM   368 C C   . TYR G 1 5 ? 9.694   2.443   11.441  1.00 75.94  ? 5   TYR M C   1 
ATOM   369 O O   . TYR G 1 5 ? 10.622  3.235   11.486  1.00 76.47  ? 5   TYR M O   1 
ATOM   370 C CB  . TYR G 1 5 ? 9.273   3.367   9.356   1.00 75.74  ? 5   TYR M CB  1 
ATOM   371 C CG  . TYR G 1 5 ? 8.772   3.101   8.108   1.00 74.58  ? 5   TYR M CG  1 
ATOM   372 C CD1 . TYR G 1 5 ? 7.532   3.193   7.902   1.00 76.78  ? 5   TYR M CD1 1 
ATOM   373 C CD2 . TYR G 1 5 ? 9.499   2.666   7.183   1.00 71.92  ? 5   TYR M CD2 1 
ATOM   374 C CE1 . TYR G 1 5 ? 7.046   2.893   6.867   1.00 75.79  ? 5   TYR M CE1 1 
ATOM   375 C CE2 . TYR G 1 5 ? 8.993   2.362   6.115   1.00 73.82  ? 5   TYR M CE2 1 
ATOM   376 C CZ  . TYR G 1 5 ? 7.755   2.469   5.974   1.00 75.12  ? 5   TYR M CZ  1 
ATOM   377 O OH  . TYR G 1 5 ? 7.122   2.161   4.868   1.00 77.27  ? 5   TYR M OH  1 
ATOM   378 O OXT . TYR G 1 5 ? 9.186   1.898   12.531  1.00 0.00   ? 5   TYR M OXT 1 
ATOM   379 N N   . TYR H 1 1 ? 13.304  -0.970  10.490  1.00 92.16  ? 1   TYR N N   1 
ATOM   380 C CA  . TYR H 1 1 ? 12.393  -0.953  9.446   1.00 91.03  ? 1   TYR N CA  1 
ATOM   381 C C   . TYR H 1 1 ? 12.033  -2.334  9.481   1.00 91.99  ? 1   TYR N C   1 
ATOM   382 O O   . TYR H 1 1 ? 12.844  -3.092  9.354   1.00 94.44  ? 1   TYR N O   1 
ATOM   383 C CB  . TYR H 1 1 ? 13.072  -0.494  8.226   1.00 93.33  ? 1   TYR N CB  1 
ATOM   384 C CG  . TYR H 1 1 ? 12.297  -0.711  7.095   1.00 96.55  ? 1   TYR N CG  1 
ATOM   385 C CD1 . TYR H 1 1 ? 11.071  -0.440  7.093   1.00 94.61  ? 1   TYR N CD1 1 
ATOM   386 C CD2 . TYR H 1 1 ? 12.796  -1.183  6.025   1.00 98.32  ? 1   TYR N CD2 1 
ATOM   387 C CE1 . TYR H 1 1 ? 10.367  -0.673  6.117   1.00 94.81  ? 1   TYR N CE1 1 
ATOM   388 C CE2 . TYR H 1 1 ? 12.076  -1.417  5.055   1.00 98.31  ? 1   TYR N CE2 1 
ATOM   389 C CZ  . TYR H 1 1 ? 10.863  -1.171  5.124   1.00 98.01  ? 1   TYR N CZ  1 
ATOM   390 O OH  . TYR H 1 1 ? 10.090  -1.412  4.111   1.00 100.35 ? 1   TYR N OH  1 
ATOM   391 N N   . TYR H 1 2 ? 10.846  -2.706  9.830   1.00 87.81  ? 2   TYR N N   1 
ATOM   392 C CA  . TYR H 1 2 ? 10.561  -4.077  9.620   1.00 85.23  ? 2   TYR N CA  1 
ATOM   393 C C   . TYR H 1 2 ? 9.232   -4.297  9.012   1.00 81.64  ? 2   TYR N C   1 
ATOM   394 O O   . TYR H 1 2 ? 8.321   -3.699  9.440   1.00 84.22  ? 2   TYR N O   1 
ATOM   395 C CB  . TYR H 1 2 ? 10.669  -4.767  10.889  1.00 84.68  ? 2   TYR N CB  1 
ATOM   396 C CG  . TYR H 1 2 ? 9.728   -4.519  11.919  1.00 83.47  ? 2   TYR N CG  1 
ATOM   397 C CD1 . TYR H 1 2 ? 8.649   -5.213  12.012  1.00 81.99  ? 2   TYR N CD1 1 
ATOM   398 C CD2 . TYR H 1 2 ? 10.000  -3.724  12.891  1.00 84.82  ? 2   TYR N CD2 1 
ATOM   399 C CE1 . TYR H 1 2 ? 7.856   -5.039  12.929  1.00 84.34  ? 2   TYR N CE1 1 
ATOM   400 C CE2 . TYR H 1 2 ? 9.184   -3.552  13.813  1.00 86.31  ? 2   TYR N CE2 1 
ATOM   401 C CZ  . TYR H 1 2 ? 8.112   -4.218  13.812  1.00 87.33  ? 2   TYR N CZ  1 
ATOM   402 O OH  . TYR H 1 2 ? 7.218   -4.083  14.758  1.00 92.50  ? 2   TYR N OH  1 
ATOM   403 N N   . CYS H 1 3 ? 9.072   -5.095  8.013   1.00 78.71  ? 3   CYS N N   1 
ATOM   404 C CA  . CYS H 1 3 ? 7.799   -5.163  7.421   1.00 74.76  ? 3   CYS N CA  1 
ATOM   405 C C   . CYS H 1 3 ? 7.214   -6.503  7.644   1.00 72.67  ? 3   CYS N C   1 
ATOM   406 O O   . CYS H 1 3 ? 7.891   -7.462  7.597   1.00 75.21  ? 3   CYS N O   1 
ATOM   407 C CB  . CYS H 1 3 ? 7.919   -4.940  5.989   1.00 74.95  ? 3   CYS N CB  1 
ATOM   408 S SG  . CYS H 1 3 ? 8.083   -3.200  5.492   1.00 96.33  ? 3   CYS N SG  1 
ATOM   409 N N   . TYR H 1 4 ? 5.923   -6.594  7.909   1.00 70.52  ? 4   TYR N N   1 
ATOM   410 C CA  . TYR H 1 4 ? 5.346   -7.956  8.016   1.00 71.26  ? 4   TYR N CA  1 
ATOM   411 C C   . TYR H 1 4 ? 4.415   -8.117  6.865   1.00 74.09  ? 4   TYR N C   1 
ATOM   412 O O   . TYR H 1 4 ? 3.346   -7.477  6.890   1.00 78.51  ? 4   TYR N O   1 
ATOM   413 C CB  . TYR H 1 4 ? 4.575   -8.071  9.330   1.00 75.00  ? 4   TYR N CB  1 
ATOM   414 C CG  . TYR H 1 4 ? 5.368   -8.664  10.482  1.00 75.54  ? 4   TYR N CG  1 
ATOM   415 C CD1 . TYR H 1 4 ? 6.346   -7.925  11.135  1.00 78.71  ? 4   TYR N CD1 1 
ATOM   416 C CD2 . TYR H 1 4 ? 5.136   -9.963  10.916  1.00 75.05  ? 4   TYR N CD2 1 
ATOM   417 C CE1 . TYR H 1 4 ? 7.071   -8.461  12.183  1.00 80.45  ? 4   TYR N CE1 1 
ATOM   418 C CE2 . TYR H 1 4 ? 5.854   -10.510 11.964  1.00 78.37  ? 4   TYR N CE2 1 
ATOM   419 C CZ  . TYR H 1 4 ? 6.823   -9.756  12.601  1.00 79.54  ? 4   TYR N CZ  1 
ATOM   420 N N   . TYR H 1 5 ? 4.776   -8.925  5.858   1.00 73.92  ? 5   TYR N N   1 
ATOM   421 C CA  . TYR H 1 5 ? 3.827   -8.945  4.831   1.00 74.54  ? 5   TYR N CA  1 
ATOM   422 C C   . TYR H 1 5 ? 2.854   -9.807  5.326   1.00 75.94  ? 5   TYR N C   1 
ATOM   423 O O   . TYR H 1 5 ? 2.114   -10.312 4.497   1.00 76.47  ? 5   TYR N O   1 
ATOM   424 C CB  . TYR H 1 5 ? 4.289   -9.464  3.538   1.00 75.74  ? 5   TYR N CB  1 
ATOM   425 C CG  . TYR H 1 5 ? 5.267   -8.640  3.045   1.00 74.58  ? 5   TYR N CG  1 
ATOM   426 C CD1 . TYR H 1 5 ? 6.465   -8.816  3.391   1.00 76.78  ? 5   TYR N CD1 1 
ATOM   427 C CD2 . TYR H 1 5 ? 4.994   -7.642  2.332   1.00 71.92  ? 5   TYR N CD2 1 
ATOM   428 C CE1 . TYR H 1 5 ? 7.327   -8.078  3.058   1.00 75.79  ? 5   TYR N CE1 1 
ATOM   429 C CE2 . TYR H 1 5 ? 5.887   -6.889  1.988   1.00 73.82  ? 5   TYR N CE2 1 
ATOM   430 C CZ  . TYR H 1 5 ? 7.056   -7.112  2.372   1.00 75.12  ? 5   TYR N CZ  1 
ATOM   431 O OH  . TYR H 1 5 ? 8.078   -6.356  2.058   1.00 77.27  ? 5   TYR N OH  1 
ATOM   432 O OXT . TYR H 1 5 ? 2.738   -10.064 6.615   1.00 0.00   ? 5   TYR N OXT 1 
ATOM   433 N N   . TYR I 1 1 ? -4.166  4.111   -6.071  1.00 92.16  ? 1   TYR Q N   1 
ATOM   434 C CA  . TYR I 1 1 ? -4.719  3.561   -4.924  1.00 91.03  ? 1   TYR Q CA  1 
ATOM   435 C C   . TYR I 1 1 ? -6.089  3.834   -5.223  1.00 91.99  ? 1   TYR Q C   1 
ATOM   436 O O   . TYR I 1 1 ? -6.388  4.897   -5.398  1.00 94.44  ? 1   TYR Q O   1 
ATOM   437 C CB  . TYR I 1 1 ? -4.166  4.247   -3.748  1.00 93.33  ? 1   TYR Q CB  1 
ATOM   438 C CG  . TYR I 1 1 ? -4.873  3.938   -2.594  1.00 96.55  ? 1   TYR Q CG  1 
ATOM   439 C CD1 . TYR I 1 1 ? -5.213  2.755   -2.345  1.00 94.61  ? 1   TYR Q CD1 1 
ATOM   440 C CD2 . TYR I 1 1 ? -5.195  4.833   -1.751  1.00 98.32  ? 1   TYR Q CD2 1 
ATOM   441 C CE1 . TYR I 1 1 ? -5.879  2.479   -1.354  1.00 94.81  ? 1   TYR Q CE1 1 
ATOM   442 C CE2 . TYR I 1 1 ? -5.868  4.539   -0.763  1.00 98.31  ? 1   TYR Q CE2 1 
ATOM   443 C CZ  . TYR I 1 1 ? -6.214  3.365   -0.590  1.00 98.01  ? 1   TYR Q CZ  1 
ATOM   444 O OH  . TYR I 1 1 ? -6.924  3.039   0.446   1.00 100.35 ? 1   TYR Q OH  1 
ATOM   445 N N   . TYR I 1 2 ? -6.925  2.878   -5.464  1.00 87.81  ? 2   TYR Q N   1 
ATOM   446 C CA  . TYR I 1 2 ? -8.283  3.273   -5.536  1.00 85.23  ? 2   TYR Q CA  1 
ATOM   447 C C   . TYR I 1 2 ? -9.181  2.356   -4.800  1.00 81.64  ? 2   TYR Q C   1 
ATOM   448 O O   . TYR I 1 2 ? -9.028  1.203   -4.936  1.00 84.22  ? 2   TYR Q O   1 
ATOM   449 C CB  . TYR I 1 2 ? -8.662  3.357   -6.930  1.00 84.68  ? 2   TYR Q CB  1 
ATOM   450 C CG  . TYR I 1 2 ? -8.747  2.184   -7.721  1.00 83.47  ? 2   TYR Q CG  1 
ATOM   451 C CD1 . TYR I 1 2 ? -9.847  1.523   -7.808  1.00 81.99  ? 2   TYR Q CD1 1 
ATOM   452 C CD2 . TYR I 1 2 ? -7.795  1.846   -8.513  1.00 84.82  ? 2   TYR Q CD2 1 
ATOM   453 C CE1 . TYR I 1 2 ? -9.942  0.536   -8.528  1.00 84.34  ? 2   TYR Q CE1 1 
ATOM   454 C CE2 . TYR I 1 2 ? -7.903  0.839   -9.236  1.00 86.31  ? 2   TYR Q CE2 1 
ATOM   455 C CZ  . TYR I 1 2 ? -8.986  0.194   -9.225  1.00 87.33  ? 2   TYR Q CZ  1 
ATOM   456 O OH  . TYR I 1 2 ? -9.161  -0.869  -9.969  1.00 92.50  ? 2   TYR Q OH  1 
ATOM   457 N N   . CYS I 1 3 ? -10.088 2.800   -4.001  1.00 78.71  ? 3   CYS Q N   1 
ATOM   458 C CA  . CYS I 1 3 ? -10.825 1.865   -3.253  1.00 74.76  ? 3   CYS Q CA  1 
ATOM   459 C C   . CYS I 1 3 ? -12.238 1.879   -3.690  1.00 72.67  ? 3   CYS Q C   1 
ATOM   460 O O   . CYS I 1 3 ? -12.764 2.893   -3.969  1.00 75.21  ? 3   CYS Q O   1 
ATOM   461 C CB  . CYS I 1 3 ? -10.768 2.218   -1.844  1.00 74.95  ? 3   CYS Q CB  1 
ATOM   462 S SG  . CYS I 1 3 ? -9.240  1.730   -0.990  1.00 96.33  ? 3   CYS Q SG  1 
ATOM   463 N N   . TYR I 1 4 ? -12.892 0.729   -3.784  1.00 70.52  ? 4   TYR Q N   1 
ATOM   464 C CA  . TYR I 1 4 ? -14.338 0.785   -4.112  1.00 71.26  ? 4   TYR Q CA  1 
ATOM   465 C C   . TYR I 1 4 ? -15.077 0.325   -2.900  1.00 74.09  ? 4   TYR Q C   1 
ATOM   466 O O   . TYR I 1 4 ? -15.039 -0.892  -2.625  1.00 78.51  ? 4   TYR Q O   1 
ATOM   467 C CB  . TYR I 1 4 ? -14.645 -0.191  -5.247  1.00 75.00  ? 4   TYR Q CB  1 
ATOM   468 C CG  . TYR I 1 4 ? -14.577 0.373   -6.657  1.00 75.54  ? 4   TYR Q CG  1 
ATOM   469 C CD1 . TYR I 1 4 ? -13.382 0.399   -7.362  1.00 78.71  ? 4   TYR Q CD1 1 
ATOM   470 C CD2 . TYR I 1 4 ? -15.715 0.859   -7.286  1.00 75.05  ? 4   TYR Q CD2 1 
ATOM   471 C CE1 . TYR I 1 4 ? -13.320 0.903   -8.649  1.00 80.45  ? 4   TYR Q CE1 1 
ATOM   472 C CE2 . TYR I 1 4 ? -15.665 1.368   -8.572  1.00 78.37  ? 4   TYR Q CE2 1 
ATOM   473 C CZ  . TYR I 1 4 ? -14.464 1.390   -9.257  1.00 79.54  ? 4   TYR Q CZ  1 
ATOM   474 N N   . TYR I 1 5 ? -15.738 1.231   -2.163  1.00 73.92  ? 5   TYR Q N   1 
ATOM   475 C CA  . TYR I 1 5 ? -16.339 0.662   -1.036  1.00 74.54  ? 5   TYR Q CA  1 
ATOM   476 C C   . TYR I 1 5 ? -17.481 0.068   -1.564  1.00 75.94  ? 5   TYR Q C   1 
ATOM   477 O O   . TYR I 1 5 ? -18.381 -0.159  -0.772  1.00 76.47  ? 5   TYR Q O   1 
ATOM   478 C CB  . TYR I 1 5 ? -16.751 1.597   0.017   1.00 75.74  ? 5   TYR Q CB  1 
ATOM   479 C CG  . TYR I 1 5 ? -15.639 2.211   0.534   1.00 74.58  ? 5   TYR Q CG  1 
ATOM   480 C CD1 . TYR I 1 5 ? -15.183 3.246   -0.023  1.00 76.78  ? 5   TYR Q CD1 1 
ATOM   481 C CD2 . TYR I 1 5 ? -14.995 1.716   1.490   1.00 71.92  ? 5   TYR Q CD2 1 
ATOM   482 C CE1 . TYR I 1 5 ? -14.180 3.760   0.337   1.00 75.79  ? 5   TYR Q CE1 1 
ATOM   483 C CE2 . TYR I 1 5 ? -13.963 2.251   1.859   1.00 73.82  ? 5   TYR Q CE2 1 
ATOM   484 C CZ  . TYR I 1 5 ? -13.557 3.272   1.263   1.00 75.12  ? 5   TYR Q CZ  1 
ATOM   485 O OH  . TYR I 1 5 ? -12.461 3.912   1.583   1.00 77.27  ? 5   TYR Q OH  1 
ATOM   486 O OXT . TYR I 1 5 ? -17.585 -0.231  -2.845  1.00 0.00   ? 5   TYR Q OXT 1 
ATOM   487 N N   . TYR J 1 1 ? -15.583 -4.316  0.100   1.00 92.16  ? 1   TYR R N   1 
ATOM   488 C CA  . TYR J 1 1 ? -14.668 -3.298  0.322   1.00 91.03  ? 1   TYR R CA  1 
ATOM   489 C C   . TYR J 1 1 ? -13.571 -3.865  -0.393  1.00 91.99  ? 1   TYR R C   1 
ATOM   490 O O   . TYR J 1 1 ? -13.202 -4.872  -0.079  1.00 94.44  ? 1   TYR R O   1 
ATOM   491 C CB  . TYR J 1 1 ? -14.478 -3.132  1.771   1.00 93.33  ? 1   TYR R CB  1 
ATOM   492 C CG  . TYR J 1 1 ? -13.386 -2.326  2.057   1.00 96.55  ? 1   TYR R CG  1 
ATOM   493 C CD1 . TYR J 1 1 ? -13.187 -1.261  1.420   1.00 94.61  ? 1   TYR R CD1 1 
ATOM   494 C CD2 . TYR J 1 1 ? -12.553 -2.630  2.968   1.00 98.32  ? 1   TYR R CD2 1 
ATOM   495 C CE1 . TYR J 1 1 ? -12.199 -0.568  1.630   1.00 94.81  ? 1   TYR R CE1 1 
ATOM   496 C CE2 . TYR J 1 1 ? -11.562 -1.925  3.162   1.00 98.31  ? 1   TYR R CE2 1 
ATOM   497 C CZ  . TYR J 1 1 ? -11.394 -0.909  2.475   1.00 98.01  ? 1   TYR R CZ  1 
ATOM   498 O OH  . TYR J 1 1 ? -10.355 -0.156  2.668   1.00 100.35 ? 1   TYR R OH  1 
ATOM   499 N N   . TYR J 1 2 ? -13.130 -3.324  -1.481  1.00 87.81  ? 2   TYR R N   1 
ATOM   500 C CA  . TYR J 1 2 ? -11.915 -3.862  -1.969  1.00 85.23  ? 2   TYR R CA  1 
ATOM   501 C C   . TYR J 1 2 ? -10.960 -2.817  -2.395  1.00 81.64  ? 2   TYR R C   1 
ATOM   502 O O   . TYR J 1 2 ? -11.362 -1.928  -3.042  1.00 84.22  ? 2   TYR R O   1 
ATOM   503 C CB  . TYR J 1 2 ? -12.219 -4.759  -3.063  1.00 84.68  ? 2   TYR R CB  1 
ATOM   504 C CG  . TYR J 1 2 ? -12.724 -4.251  -4.287  1.00 83.47  ? 2   TYR R CG  1 
ATOM   505 C CD1 . TYR J 1 2 ? -11.930 -3.898  -5.236  1.00 81.99  ? 2   TYR R CD1 1 
ATOM   506 C CD2 . TYR J 1 2 ? -13.978 -4.292  -4.557  1.00 84.82  ? 2   TYR R CD2 1 
ATOM   507 C CE1 . TYR J 1 2 ? -12.358 -3.505  -6.313  1.00 84.34  ? 2   TYR R CE1 1 
ATOM   508 C CE2 . TYR J 1 2 ? -14.402 -3.885  -5.653  1.00 86.31  ? 2   TYR R CE2 1 
ATOM   509 C CZ  . TYR J 1 2 ? -13.573 -3.489  -6.519  1.00 87.33  ? 2   TYR R CZ  1 
ATOM   510 O OH  . TYR J 1 2 ? -13.959 -3.055  -7.693  1.00 92.50  ? 2   TYR R OH  1 
ATOM   511 N N   . CYS J 1 3 ? -9.722  -2.852  -2.039  1.00 78.71  ? 3   CYS R N   1 
ATOM   512 C CA  . CYS J 1 3 ? -8.903  -1.764  -2.389  1.00 74.76  ? 3   CYS R CA  1 
ATOM   513 C C   . CYS J 1 3 ? -7.879  -2.201  -3.361  1.00 72.67  ? 3   CYS R C   1 
ATOM   514 O O   . CYS J 1 3 ? -7.370  -3.256  -3.255  1.00 75.21  ? 3   CYS R O   1 
ATOM   515 C CB  . CYS J 1 3 ? -8.234  -1.258  -1.201  1.00 74.95  ? 3   CYS R CB  1 
ATOM   516 S SG  . CYS J 1 3 ? -9.250  -0.186  -0.144  1.00 96.33  ? 3   CYS R SG  1 
ATOM   517 N N   . TYR J 1 4 ? -7.559  -1.388  -4.353  1.00 70.52  ? 4   TYR R N   1 
ATOM   518 C CA  . TYR J 1 4 ? -6.448  -1.808  -5.242  1.00 71.26  ? 4   TYR R CA  1 
ATOM   519 C C   . TYR J 1 4 ? -5.334  -0.847  -5.017  1.00 74.09  ? 4   TYR R C   1 
ATOM   520 O O   . TYR J 1 4 ? -5.472  0.313   -5.450  1.00 78.51  ? 4   TYR R O   1 
ATOM   521 C CB  . TYR J 1 4 ? -6.916  -1.732  -6.695  1.00 75.00  ? 4   TYR R CB  1 
ATOM   522 C CG  . TYR J 1 4 ? -7.439  -3.039  -7.265  1.00 75.54  ? 4   TYR R CG  1 
ATOM   523 C CD1 . TYR J 1 4 ? -8.686  -3.531  -6.902  1.00 78.71  ? 4   TYR R CD1 1 
ATOM   524 C CD2 . TYR J 1 4 ? -6.685  -3.779  -8.165  1.00 75.05  ? 4   TYR R CD2 1 
ATOM   525 C CE1 . TYR J 1 4 ? -9.166  -4.722  -7.418  1.00 80.45  ? 4   TYR R CE1 1 
ATOM   526 C CE2 . TYR J 1 4 ? -7.154  -4.972  -8.687  1.00 78.37  ? 4   TYR R CE2 1 
ATOM   527 C CZ  . TYR J 1 4 ? -8.399  -5.443  -8.313  1.00 79.54  ? 4   TYR R CZ  1 
ATOM   528 N N   . TYR J 1 5 ? -4.251  -1.270  -4.349  1.00 73.92  ? 5   TYR R N   1 
ATOM   529 C CA  . TYR J 1 5 ? -3.309  -0.252  -4.174  1.00 74.54  ? 5   TYR R CA  1 
ATOM   530 C C   . TYR J 1 5 ? -2.670  -0.208  -5.409  1.00 75.94  ? 5   TYR R C   1 
ATOM   531 O O   . TYR J 1 5 ? -1.563  0.305   -5.422  1.00 76.47  ? 5   TYR R O   1 
ATOM   532 C CB  . TYR J 1 5 ? -2.293  -0.484  -3.139  1.00 75.74  ? 5   TYR R CB  1 
ATOM   533 C CG  . TYR J 1 5 ? -2.907  -0.555  -1.914  1.00 74.58  ? 5   TYR R CG  1 
ATOM   534 C CD1 . TYR J 1 5 ? -3.375  -1.653  -1.513  1.00 76.78  ? 5   TYR R CD1 1 
ATOM   535 C CD2 . TYR J 1 5 ? -3.111  0.468   -1.216  1.00 71.92  ? 5   TYR R CD2 1 
ATOM   536 C CE1 . TYR J 1 5 ? -3.985  -1.745  -0.505  1.00 75.79  ? 5   TYR R CE1 1 
ATOM   537 C CE2 . TYR J 1 5 ? -3.737  0.368   -0.176  1.00 73.82  ? 5   TYR R CE2 1 
ATOM   538 C CZ  . TYR J 1 5 ? -4.183  -0.749  0.164   1.00 75.12  ? 5   TYR R CZ  1 
ATOM   539 O OH  . TYR J 1 5 ? -4.871  -0.952  1.261   1.00 77.27  ? 5   TYR R OH  1 
ATOM   540 O OXT . TYR J 1 5 ? -3.228  -0.692  -6.502  1.00 0.00   ? 5   TYR R OXT 1 
ATOM   541 N N   . TYR K 1 1 ? -0.843  -4.850  -5.507  1.00 92.16  ? 1   TYR U N   1 
ATOM   542 C CA  . TYR K 1 1 ? -1.140  -5.245  -4.210  1.00 91.03  ? 1   TYR U CA  1 
ATOM   543 C C   . TYR K 1 1 ? -2.545  -5.001  -4.253  1.00 91.99  ? 1   TYR U C   1 
ATOM   544 O O   . TYR K 1 1 ? -2.892  -3.966  -4.496  1.00 94.44  ? 1   TYR U O   1 
ATOM   545 C CB  . TYR K 1 1 ? -0.370  -4.422  -3.268  1.00 93.33  ? 1   TYR U CB  1 
ATOM   546 C CG  . TYR K 1 1 ? -0.819  -4.576  -1.965  1.00 96.55  ? 1   TYR U CG  1 
ATOM   547 C CD1 . TYR K 1 1 ? -1.081  -5.716  -1.506  1.00 94.61  ? 1   TYR U CD1 1 
ATOM   548 C CD2 . TYR K 1 1 ? -0.978  -3.581  -1.192  1.00 98.32  ? 1   TYR U CD2 1 
ATOM   549 C CE1 . TYR K 1 1 ? -1.526  -5.860  -0.373  1.00 94.81  ? 1   TYR U CE1 1 
ATOM   550 C CE2 . TYR K 1 1 ? -1.430  -3.741  -0.057  1.00 98.31  ? 1   TYR U CE2 1 
ATOM   551 C CZ  . TYR K 1 1 ? -1.712  -4.881  0.328   1.00 98.01  ? 1   TYR U CZ  1 
ATOM   552 O OH  . TYR K 1 1 ? -2.191  -5.068  1.520   1.00 100.35 ? 1   TYR U OH  1 
ATOM   553 N N   . TYR K 1 2 ? -3.396  -5.972  -4.198  1.00 87.81  ? 2   TYR U N   1 
ATOM   554 C CA  . TYR K 1 2 ? -4.746  -5.578  -4.038  1.00 85.23  ? 2   TYR U CA  1 
ATOM   555 C C   . TYR K 1 2 ? -5.460  -6.387  -3.026  1.00 81.64  ? 2   TYR U C   1 
ATOM   556 O O   . TYR K 1 2 ? -5.318  -7.549  -3.044  1.00 84.22  ? 2   TYR U O   1 
ATOM   557 C CB  . TYR K 1 2 ? -5.404  -5.666  -5.325  1.00 84.68  ? 2   TYR U CB  1 
ATOM   558 C CG  . TYR K 1 2 ? -5.630  -6.929  -5.929  1.00 83.47  ? 2   TYR U CG  1 
ATOM   559 C CD1 . TYR K 1 2 ? -6.712  -7.587  -5.703  1.00 81.99  ? 2   TYR U CD1 1 
ATOM   560 C CD2 . TYR K 1 2 ? -4.853  -7.373  -6.850  1.00 84.82  ? 2   TYR U CD2 1 
ATOM   561 C CE1 . TYR K 1 2 ? -6.935  -8.655  -6.261  1.00 84.34  ? 2   TYR U CE1 1 
ATOM   562 C CE2 . TYR K 1 2 ? -5.088  -8.462  -7.404  1.00 86.31  ? 2   TYR U CE2 1 
ATOM   563 C CZ  . TYR K 1 2 ? -6.136  -9.092  -7.091  1.00 87.33  ? 2   TYR U CZ  1 
ATOM   564 O OH  . TYR K 1 2 ? -6.441  -10.239 -7.645  1.00 92.50  ? 2   TYR U OH  1 
ATOM   565 N N   . CYS K 1 3 ? -6.191  -5.838  -2.120  1.00 78.71  ? 3   CYS U N   1 
ATOM   566 C CA  . CYS K 1 3 ? -6.744  -6.665  -1.125  1.00 74.76  ? 3   CYS U CA  1 
ATOM   567 C C   . CYS K 1 3 ? -8.216  -6.694  -1.261  1.00 72.67  ? 3   CYS U C   1 
ATOM   568 O O   . CYS K 1 3 ? -8.805  -5.719  -1.551  1.00 75.21  ? 3   CYS U O   1 
ATOM   569 C CB  . CYS K 1 3 ? -6.405  -6.139  0.186   1.00 74.95  ? 3   CYS U CB  1 
ATOM   570 S SG  . CYS K 1 3 ? -4.727  -6.526  0.764   1.00 96.33  ? 3   CYS U SG  1 
ATOM   571 N N   . TYR K 1 4 ? -8.855  -7.842  -1.075  1.00 70.52  ? 4   TYR U N   1 
ATOM   572 C CA  . TYR K 1 4 ? -10.339 -7.814  -1.103  1.00 71.26  ? 4   TYR U CA  1 
ATOM   573 C C   . TYR K 1 4 ? -10.807 -8.111  0.282   1.00 74.09  ? 4   TYR U C   1 
ATOM   574 O O   . TYR K 1 4 ? -10.691 -9.284  0.694   1.00 78.51  ? 4   TYR U O   1 
ATOM   575 C CB  . TYR K 1 4 ? -10.854 -8.922  -2.021  1.00 75.00  ? 4   TYR U CB  1 
ATOM   576 C CG  . TYR K 1 4 ? -11.086 -8.540  -3.473  1.00 75.54  ? 4   TYR U CG  1 
ATOM   577 C CD1 . TYR K 1 4 ? -10.060 -8.614  -4.405  1.00 78.71  ? 4   TYR U CD1 1 
ATOM   578 C CD2 . TYR K 1 4 ? -12.336 -8.129  -3.911  1.00 75.05  ? 4   TYR U CD2 1 
ATOM   579 C CE1 . TYR K 1 4 ? -10.271 -8.276  -5.731  1.00 80.45  ? 4   TYR U CE1 1 
ATOM   580 C CE2 . TYR K 1 4 ? -12.559 -7.786  -5.234  1.00 78.37  ? 4   TYR U CE2 1 
ATOM   581 C CZ  . TYR K 1 4 ? -11.523 -7.861  -6.147  1.00 79.54  ? 4   TYR U CZ  1 
ATOM   582 N N   . TYR K 1 5 ? -11.319 -7.114  1.020   1.00 73.92  ? 5   TYR U N   1 
ATOM   583 C CA  . TYR K 1 5 ? -11.667 -7.532  2.308   1.00 74.54  ? 5   TYR U CA  1 
ATOM   584 C C   . TYR K 1 5 ? -12.882 -8.177  2.105   1.00 75.94  ? 5   TYR U C   1 
ATOM   585 O O   . TYR K 1 5 ? -13.597 -8.295  3.086   1.00 76.47  ? 5   TYR U O   1 
ATOM   586 C CB  . TYR K 1 5 ? -11.870 -6.467  3.299   1.00 75.74  ? 5   TYR U CB  1 
ATOM   587 C CG  . TYR K 1 5 ? -10.687 -5.803  3.495   1.00 74.58  ? 5   TYR U CG  1 
ATOM   588 C CD1 . TYR K 1 5 ? -10.372 -4.850  2.732   1.00 76.78  ? 5   TYR U CD1 1 
ATOM   589 C CD2 . TYR K 1 5 ? -9.852  -6.179  4.353   1.00 71.92  ? 5   TYR U CD2 1 
ATOM   590 C CE1 . TYR K 1 5 ? -9.325  -4.305  2.811   1.00 75.79  ? 5   TYR U CE1 1 
ATOM   591 C CE2 . TYR K 1 5 ? -8.776  -5.611  4.433   1.00 73.82  ? 5   TYR U CE2 1 
ATOM   592 C CZ  . TYR K 1 5 ? -8.519  -4.677  3.643   1.00 75.12  ? 5   TYR U CZ  1 
ATOM   593 O OH  . TYR K 1 5 ? -7.390  -4.012  3.649   1.00 77.27  ? 5   TYR U OH  1 
ATOM   594 O OXT . TYR K 1 5 ? -13.240 -8.635  0.920   1.00 0.00   ? 5   TYR U OXT 1 
ATOM   595 N N   . TYR L 1 1 ? -10.606 -12.334 3.879   1.00 92.16  ? 1   TYR V N   1 
ATOM   596 C CA  . TYR L 1 1 ? -9.684  -11.303 3.780   1.00 91.03  ? 1   TYR V CA  1 
ATOM   597 C C   . TYR L 1 1 ? -8.745  -11.965 2.931   1.00 91.99  ? 1   TYR V C   1 
ATOM   598 O O   . TYR L 1 1 ? -8.304  -12.927 3.286   1.00 94.44  ? 1   TYR V O   1 
ATOM   599 C CB  . TYR L 1 1 ? -9.204  -10.958 5.126   1.00 93.33  ? 1   TYR V CB  1 
ATOM   600 C CG  . TYR L 1 1 ? -8.091  -10.131 5.078   1.00 96.55  ? 1   TYR V CG  1 
ATOM   601 C CD1 . TYR L 1 1 ? -8.046  -9.156  4.286   1.00 94.61  ? 1   TYR V CD1 1 
ATOM   602 C CD2 . TYR L 1 1 ? -7.084  -10.326 5.830   1.00 98.32  ? 1   TYR V CD2 1 
ATOM   603 C CE1 . TYR L 1 1 ? -7.048  -8.450  4.201   1.00 94.81  ? 1   TYR V CE1 1 
ATOM   604 C CE2 . TYR L 1 1 ? -6.087  -9.612  5.728   1.00 98.31  ? 1   TYR V CE2 1 
ATOM   605 C CZ  . TYR L 1 1 ? -6.080  -8.690  4.899   1.00 98.01  ? 1   TYR V CZ  1 
ATOM   606 O OH  . TYR L 1 1 ? -5.038  -7.928  4.780   1.00 100.35 ? 1   TYR V OH  1 
ATOM   607 N N   . TYR L 1 2 ? -8.547  -11.570 1.718   1.00 87.81  ? 2   TYR V N   1 
ATOM   608 C CA  . TYR L 1 2 ? -7.448  -12.175 1.061   1.00 85.23  ? 2   TYR V CA  1 
ATOM   609 C C   . TYR L 1 2 ? -6.618  -11.200 0.322   1.00 81.64  ? 2   TYR V C   1 
ATOM   610 O O   . TYR L 1 2 ? -7.160  -10.396 -0.335  1.00 84.22  ? 2   TYR V O   1 
ATOM   611 C CB  . TYR L 1 2 ? -7.953  -13.200 0.173   1.00 84.68  ? 2   TYR V CB  1 
ATOM   612 C CG  . TYR L 1 2 ? -8.707  -12.846 -0.975  1.00 83.47  ? 2   TYR V CG  1 
ATOM   613 C CD1 . TYR L 1 2 ? -8.130  -12.622 -2.102  1.00 81.99  ? 2   TYR V CD1 1 
ATOM   614 C CD2 . TYR L 1 2 ? -9.988  -12.909 -0.975  1.00 84.82  ? 2   TYR V CD2 1 
ATOM   615 C CE1 . TYR L 1 2 ? -8.776  -12.365 -3.109  1.00 84.34  ? 2   TYR V CE1 1 
ATOM   616 C CE2 . TYR L 1 2 ? -10.634 -12.640 -2.003  1.00 86.31  ? 2   TYR V CE2 1 
ATOM   617 C CZ  . TYR L 1 2 ? -10.007 -12.364 -3.063  1.00 87.33  ? 2   TYR V CZ  1 
ATOM   618 O OH  . TYR L 1 2 ? -10.633 -12.078 -4.176  1.00 92.50  ? 2   TYR V OH  1 
ATOM   619 N N   . CYS L 1 3 ? -5.333  -11.201 0.417   1.00 78.71  ? 3   CYS V N   1 
ATOM   620 C CA  . CYS L 1 3 ? -4.623  -10.172 -0.226  1.00 74.76  ? 3   CYS V CA  1 
ATOM   621 C C   . CYS L 1 3 ? -3.811  -10.737 -1.326  1.00 72.67  ? 3   CYS V C   1 
ATOM   622 O O   . CYS L 1 3 ? -3.273  -11.774 -1.194  1.00 75.21  ? 3   CYS V O   1 
ATOM   623 C CB  . CYS L 1 3 ? -3.735  -9.528  0.726   1.00 74.95  ? 3   CYS V CB  1 
ATOM   624 S SG  . CYS L 1 3 ? -4.530  -8.320  1.827   1.00 96.33  ? 3   CYS V SG  1 
ATOM   625 N N   . TYR L 1 4 ? -3.715  -10.059 -2.455  1.00 70.52  ? 4   TYR V N   1 
ATOM   626 C CA  . TYR L 1 4 ? -2.803  -10.597 -3.494  1.00 71.26  ? 4   TYR V CA  1 
ATOM   627 C C   . TYR L 1 4 ? -1.683  -9.624  -3.623  1.00 74.09  ? 4   TYR V C   1 
ATOM   628 O O   . TYR L 1 4 ? -1.926  -8.527  -4.161  1.00 78.51  ? 4   TYR V O   1 
ATOM   629 C CB  . TYR L 1 4 ? -3.558  -10.701 -4.818  1.00 75.00  ? 4   TYR V CB  1 
ATOM   630 C CG  . TYR L 1 4 ? -4.163  -12.065 -5.099  1.00 75.54  ? 4   TYR V CG  1 
ATOM   631 C CD1 . TYR L 1 4 ? -5.303  -12.495 -4.431  1.00 78.71  ? 4   TYR V CD1 1 
ATOM   632 C CD2 . TYR L 1 4 ? -3.597  -12.920 -6.036  1.00 75.05  ? 4   TYR V CD2 1 
ATOM   633 C CE1 . TYR L 1 4 ? -5.857  -13.737 -4.684  1.00 80.45  ? 4   TYR V CE1 1 
ATOM   634 C CE2 . TYR L 1 4 ? -4.142  -14.163 -6.298  1.00 78.37  ? 4   TYR V CE2 1 
ATOM   635 C CZ  . TYR L 1 4 ? -5.277  -14.572 -5.620  1.00 79.54  ? 4   TYR V CZ  1 
ATOM   636 N N   . TYR L 1 5 ? -0.479  -9.969  -3.144  1.00 73.92  ? 5   TYR V N   1 
ATOM   637 C CA  . TYR L 1 5 ? 0.462   -8.945  -3.295  1.00 74.54  ? 5   TYR V CA  1 
ATOM   638 C C   . TYR L 1 5 ? 0.834   -9.061  -4.631  1.00 75.94  ? 5   TYR V C   1 
ATOM   639 O O   . TYR L 1 5 ? 1.906   -8.566  -4.935  1.00 76.47  ? 5   TYR V O   1 
ATOM   640 C CB  . TYR L 1 5 ? 1.671   -9.055  -2.470  1.00 75.74  ? 5   TYR V CB  1 
ATOM   641 C CG  . TYR L 1 5 ? 1.321   -8.965  -1.146  1.00 74.58  ? 5   TYR V CG  1 
ATOM   642 C CD1 . TYR L 1 5 ? 0.966   -10.002 -0.524  1.00 76.78  ? 5   TYR V CD1 1 
ATOM   643 C CD2 . TYR L 1 5 ? 1.247   -7.859  -0.554  1.00 71.92  ? 5   TYR V CD2 1 
ATOM   644 C CE1 . TYR L 1 5 ? 0.576   -9.959  0.591   1.00 75.79  ? 5   TYR V CE1 1 
ATOM   645 C CE2 . TYR L 1 5 ? 0.849   -7.823  0.597   1.00 73.82  ? 5   TYR V CE2 1 
ATOM   646 C CZ  . TYR L 1 5 ? 0.502   -8.885  1.157   1.00 75.12  ? 5   TYR V CZ  1 
ATOM   647 O OH  . TYR L 1 5 ? 0.056   -8.942  2.389   1.00 77.27  ? 5   TYR V OH  1 
ATOM   648 O OXT . TYR L 1 5 ? 0.070   -9.672  -5.518  1.00 0.00   ? 5   TYR V OXT 1 
HETATM 649 C C1  . BDP M 2 . ? 8.050   17.340  -4.697  1.00 20.00  ? 101 BDP A C1  1 
HETATM 650 C C2  . BDP M 2 . ? 8.959   18.206  -3.792  1.00 20.00  ? 101 BDP A C2  1 
HETATM 651 C C3  . BDP M 2 . ? 9.027   19.606  -4.317  1.00 20.00  ? 101 BDP A C3  1 
HETATM 652 C C4  . BDP M 2 . ? 9.506   19.643  -5.722  1.00 20.00  ? 101 BDP A C4  1 
HETATM 653 C C5  . BDP M 2 . ? 8.601   18.779  -6.617  1.00 20.00  ? 101 BDP A C5  1 
HETATM 654 C C6  . BDP M 2 . ? 9.136   18.768  -7.995  1.00 20.00  ? 101 BDP A C6  1 
HETATM 655 O O2  . BDP M 2 . ? 8.445   18.213  -2.468  1.00 20.00  ? 101 BDP A O2  1 
HETATM 656 O O3  . BDP M 2 . ? 9.937   20.384  -3.483  1.00 20.00  ? 101 BDP A O3  1 
HETATM 657 O O4  . BDP M 2 . ? 9.507   20.994  -6.193  1.00 20.00  ? 101 BDP A O4  1 
HETATM 658 O O5  . BDP M 2 . ? 8.526   17.377  -6.091  1.00 20.00  ? 101 BDP A O5  1 
HETATM 659 O O6A . BDP M 2 . ? 8.761   19.645  -8.820  1.00 20.00  ? 101 BDP A O6A 1 
HETATM 660 O O1  . BDP M 2 . ? 8.050   16.056  -4.243  1.00 20.00  ? 101 BDP A O1  1 
HETATM 661 O O6B . BDP M 2 . ? 9.963   17.889  -8.351  1.00 20.00  ? 101 BDP A O6B 1 
HETATM 662 C C1  . BDP N 2 . ? 12.093  5.512   -3.736  1.00 20.00  ? 101 BDP B C1  1 
HETATM 663 C C2  . BDP N 2 . ? 13.472  5.244   -4.387  1.00 20.00  ? 101 BDP B C2  1 
HETATM 664 C C3  . BDP N 2 . ? 14.322  4.415   -3.474  1.00 20.00  ? 101 BDP B C3  1 
HETATM 665 C C4  . BDP N 2 . ? 14.491  5.057   -2.147  1.00 20.00  ? 101 BDP B C4  1 
HETATM 666 C C5  . BDP N 2 . ? 13.119  5.325   -1.504  1.00 20.00  ? 101 BDP B C5  1 
HETATM 667 C C6  . BDP N 2 . ? 13.305  6.030   -0.219  1.00 20.00  ? 101 BDP B C6  1 
HETATM 668 O O2  . BDP N 2 . ? 13.291  4.568   -5.622  1.00 20.00  ? 101 BDP B O2  1 
HETATM 669 O O3  . BDP N 2 . ? 15.634  4.228   -4.086  1.00 20.00  ? 101 BDP B O3  1 
HETATM 670 O O4  . BDP N 2 . ? 15.267  4.206   -1.298  1.00 20.00  ? 101 BDP B O4  1 
HETATM 671 O O5  . BDP N 2 . ? 12.260  6.151   -2.418  1.00 20.00  ? 101 BDP B O5  1 
HETATM 672 O O6A . BDP N 2 . ? 13.328  7.289   -0.182  1.00 20.00  ? 101 BDP B O6A 1 
HETATM 673 O O1  . BDP N 2 . ? 11.359  6.321   -4.549  1.00 20.00  ? 101 BDP B O1  1 
HETATM 674 O O6B . BDP N 2 . ? 13.440  5.369   0.845   1.00 20.00  ? 101 BDP B O6B 1 
HETATM 675 C C1  . BDP O 2 . ? 11.286  8.248   -8.374  1.00 20.00  ? 101 BDP E C1  1 
HETATM 676 C C2  . BDP O 2 . ? 12.365  9.192   -7.785  1.00 20.00  ? 101 BDP E C2  1 
HETATM 677 C C3  . BDP O 2 . ? 12.318  10.521  -8.472  1.00 20.00  ? 101 BDP E C3  1 
HETATM 678 C C4  . BDP O 2 . ? 12.489  10.388  -9.941  1.00 20.00  ? 101 BDP E C4  1 
HETATM 679 C C5  . BDP O 2 . ? 11.417  9.448   -10.520 1.00 20.00  ? 101 BDP E C5  1 
HETATM 680 C C6  . BDP O 2 . ? 11.648  9.268   -11.969 1.00 20.00  ? 101 BDP E C6  1 
HETATM 681 O O2  . BDP O 2 . ? 12.142  9.360   -6.393  1.00 20.00  ? 101 BDP E O2  1 
HETATM 682 O O3  . BDP O 2 . ? 13.381  11.368  -7.943  1.00 20.00  ? 101 BDP E O3  1 
HETATM 683 O O4  . BDP O 2 . ? 12.387  11.674  -10.556 1.00 20.00  ? 101 BDP E O4  1 
HETATM 684 O O5  . BDP O 2 . ? 11.457  8.116   -9.831  1.00 20.00  ? 101 BDP E O5  1 
HETATM 685 O O6A . BDP O 2 . ? 11.105  10.053  -12.793 1.00 20.00  ? 101 BDP E O6A 1 
HETATM 686 O O1  . BDP O 2 . ? 11.385  7.025   -7.783  1.00 20.00  ? 101 BDP E O1  1 
HETATM 687 O O6B . BDP O 2 . ? 12.384  8.335   -12.385 1.00 20.00  ? 101 BDP E O6B 1 
HETATM 688 C C1  . BDP P 2 . ? 15.465  -3.481  -6.918  1.00 20.00  ? 101 BDP F C1  1 
HETATM 689 C C2  . BDP P 2 . ? 16.675  -3.853  -7.808  1.00 20.00  ? 101 BDP F C2  1 
HETATM 690 C C3  . BDP P 2 . ? 17.700  -4.592  -7.005  1.00 20.00  ? 101 BDP F C3  1 
HETATM 691 C C4  . BDP P 2 . ? 18.145  -3.807  -5.827  1.00 20.00  ? 101 BDP F C4  1 
HETATM 692 C C5  . BDP P 2 . ? 16.939  -3.437  -4.946  1.00 20.00  ? 101 BDP F C5  1 
HETATM 693 C C6  . BDP P 2 . ? 17.391  -2.594  -3.819  1.00 20.00  ? 101 BDP F C6  1 
HETATM 694 O O2  . BDP P 2 . ? 16.239  -4.661  -8.892  1.00 20.00  ? 101 BDP F O2  1 
HETATM 695 O O3  . BDP P 2 . ? 18.854  -4.877  -7.853  1.00 20.00  ? 101 BDP F O3  1 
HETATM 696 O O4  . BDP P 2 . ? 19.084  -4.573  -5.067  1.00 20.00  ? 101 BDP F O4  1 
HETATM 697 O O5  . BDP P 2 . ? 15.906  -2.701  -5.749  1.00 20.00  ? 101 BDP F O5  1 
HETATM 698 O O6A . BDP P 2 . ? 17.419  -1.341  -3.934  1.00 20.00  ? 101 BDP F O6A 1 
HETATM 699 O O1  . BDP P 2 . ? 14.574  -2.754  -7.647  1.00 20.00  ? 101 BDP F O1  1 
HETATM 700 O O6B . BDP P 2 . ? 17.750  -3.133  -2.738  1.00 20.00  ? 101 BDP F O6B 1 
HETATM 701 C C1  . BDP Q 2 . ? -6.312  5.757   16.066  1.00 20.00  ? 101 BDP I C1  1 
HETATM 702 C C2  . BDP Q 2 . ? -7.642  5.385   16.765  1.00 20.00  ? 101 BDP I C2  1 
HETATM 703 C C3  . BDP Q 2 . ? -8.082  6.498   17.663  1.00 20.00  ? 101 BDP I C3  1 
HETATM 704 C C4  . BDP Q 2 . ? -7.044  6.835   18.669  1.00 20.00  ? 101 BDP I C4  1 
HETATM 705 C C5  . BDP Q 2 . ? -5.724  7.201   17.970  1.00 20.00  ? 101 BDP I C5  1 
HETATM 706 C C6  . BDP Q 2 . ? -4.681  7.462   18.987  1.00 20.00  ? 101 BDP I C6  1 
HETATM 707 O O2  . BDP Q 2 . ? -8.640  5.133   15.787  1.00 20.00  ? 101 BDP I O2  1 
HETATM 708 O O3  . BDP Q 2 . ? -9.303  6.098   18.355  1.00 20.00  ? 101 BDP I O3  1 
HETATM 709 O O4  . BDP Q 2 . ? -7.489  7.933   19.471  1.00 20.00  ? 101 BDP I O4  1 
HETATM 710 O O5  . BDP Q 2 . ? -5.281  6.091   17.064  1.00 20.00  ? 101 BDP I O5  1 
HETATM 711 O O6A . BDP Q 2 . ? -4.524  8.628   19.439  1.00 20.00  ? 101 BDP I O6A 1 
HETATM 712 O O1  . BDP Q 2 . ? -5.893  4.710   15.303  1.00 20.00  ? 101 BDP I O1  1 
HETATM 713 O O6B . BDP Q 2 . ? -3.951  6.525   19.405  1.00 20.00  ? 101 BDP I O6B 1 
HETATM 714 C C1  . BDP R 2 . ? -0.314  -4.975  13.614  1.00 20.00  ? 101 BDP J C1  1 
HETATM 715 C C2  . BDP R 2 . ? 0.225   -5.716  14.863  1.00 20.00  ? 101 BDP J C2  1 
HETATM 716 C C3  . BDP R 2 . ? -0.079  -7.180  14.767  1.00 20.00  ? 101 BDP J C3  1 
HETATM 717 C C4  . BDP R 2 . ? -1.532  -7.429  14.602  1.00 20.00  ? 101 BDP J C4  1 
HETATM 718 C C5  . BDP R 2 . ? -2.065  -6.689  13.363  1.00 20.00  ? 101 BDP J C5  1 
HETATM 719 C C6  . BDP R 2 . ? -3.525  -6.889  13.258  1.00 20.00  ? 101 BDP J C6  1 
HETATM 720 O O2  . BDP R 2 . ? 1.627   -5.521  14.963  1.00 20.00  ? 101 BDP J O2  1 
HETATM 721 O O3  . BDP R 2 . ? 0.386   -7.842  15.981  1.00 20.00  ? 101 BDP J O3  1 
HETATM 722 O O4  . BDP R 2 . ? -1.765  -8.834  14.465  1.00 20.00  ? 101 BDP J O4  1 
HETATM 723 O O5  . BDP R 2 . ? -1.758  -5.222  13.451  1.00 20.00  ? 101 BDP J O5  1 
HETATM 724 O O6A . BDP R 2 . ? -4.319  -6.084  13.813  1.00 20.00  ? 101 BDP J O6A 1 
HETATM 725 O O1  . BDP R 2 . ? -0.087  -3.639  13.749  1.00 20.00  ? 101 BDP J O1  1 
HETATM 726 O O6B . BDP R 2 . ? -3.978  -7.869  12.608  1.00 20.00  ? 101 BDP J O6B 1 
HETATM 727 C C1  . BDP S 2 . ? 1.772   -0.667  16.212  1.00 20.00  ? 101 BDP M C1  1 
HETATM 728 C C2  . BDP S 2 . ? 0.628   -0.955  17.216  1.00 20.00  ? 101 BDP M C2  1 
HETATM 729 C C3  . BDP S 2 . ? 0.370   0.251   18.064  1.00 20.00  ? 101 BDP M C3  1 
HETATM 730 C C4  . BDP S 2 . ? 1.593   0.691   18.781  1.00 20.00  ? 101 BDP M C4  1 
HETATM 731 C C5  . BDP S 2 . ? 2.727   0.973   17.779  1.00 20.00  ? 101 BDP M C5  1 
HETATM 732 C C6  . BDP S 2 . ? 3.957   1.338   18.515  1.00 20.00  ? 101 BDP M C6  1 
HETATM 733 O O2  . BDP S 2 . ? -0.550  -1.308  16.507  1.00 20.00  ? 101 BDP M O2  1 
HETATM 734 O O3  . BDP S 2 . ? -0.667  -0.066  19.040  1.00 20.00  ? 101 BDP M O3  1 
HETATM 735 O O4  . BDP S 2 . ? 1.310   1.871   19.536  1.00 20.00  ? 101 BDP M O4  1 
HETATM 736 O O5  . BDP S 2 . ? 2.985   -0.232  16.924  1.00 20.00  ? 101 BDP M O5  1 
HETATM 737 O O6A . BDP S 2 . ? 4.187   2.545   18.794  1.00 20.00  ? 101 BDP M O6A 1 
HETATM 738 O O1  . BDP S 2 . ? 2.036   -1.794  15.493  1.00 20.00  ? 101 BDP M O1  1 
HETATM 739 O O6B . BDP S 2 . ? 4.777   0.448   18.862  1.00 20.00  ? 101 BDP M O6B 1 
HETATM 740 C C1  . BDP T 2 . ? 7.307   -11.630 13.693  1.00 20.00  ? 101 BDP N C1  1 
HETATM 741 C C2  . BDP T 2 . ? 8.115   -12.234 14.869  1.00 20.00  ? 101 BDP N C2  1 
HETATM 742 C C3  . BDP T 2 . ? 7.824   -13.697 14.997  1.00 20.00  ? 101 BDP N C3  1 
HETATM 743 C C4  . BDP T 2 . ? 6.375   -13.956 15.176  1.00 20.00  ? 101 BDP N C4  1 
HETATM 744 C C5  . BDP T 2 . ? 5.576   -13.353 14.008  1.00 20.00  ? 101 BDP N C5  1 
HETATM 745 C C6  . BDP T 2 . ? 4.131   -13.556 14.242  1.00 20.00  ? 101 BDP N C6  1 
HETATM 746 O O2  . BDP T 2 . ? 9.502   -12.036 14.644  1.00 20.00  ? 101 BDP N O2  1 
HETATM 747 O O3  . BDP T 2 . ? 8.552   -14.226 16.147  1.00 20.00  ? 101 BDP N O3  1 
HETATM 748 O O4  . BDP T 2 . ? 6.144   -15.367 15.245  1.00 20.00  ? 101 BDP N O4  1 
HETATM 749 O O5  . BDP T 2 . ? 5.867   -11.886 13.872  1.00 20.00  ? 101 BDP N O5  1 
HETATM 750 O O6A . BDP T 2 . ? 3.460   -12.693 14.865  1.00 20.00  ? 101 BDP N O6A 1 
HETATM 751 O O1  . BDP T 2 . ? 7.532   -10.289 13.633  1.00 20.00  ? 101 BDP N O1  1 
HETATM 752 O O6B . BDP T 2 . ? 3.568   -14.599 13.814  1.00 20.00  ? 101 BDP N O6B 1 
HETATM 753 C C1  . BDP U 2 . ? -15.575 2.520   -10.813 1.00 20.00  ? 101 BDP Q C1  1 
HETATM 754 C C2  . BDP U 2 . ? -15.610 2.868   -12.321 1.00 20.00  ? 101 BDP Q C2  1 
HETATM 755 C C3  . BDP U 2 . ? -16.918 3.502   -12.676 1.00 20.00  ? 101 BDP Q C3  1 
HETATM 756 C C4  . BDP U 2 . ? -18.066 2.631   -12.318 1.00 20.00  ? 101 BDP Q C4  1 
HETATM 757 C C5  . BDP U 2 . ? -18.026 2.287   -10.818 1.00 20.00  ? 101 BDP Q C5  1 
HETATM 758 C C6  . BDP U 2 . ? -19.132 1.360   -10.495 1.00 20.00  ? 101 BDP Q C6  1 
HETATM 759 O O2  . BDP U 2 . ? -14.545 3.755   -12.629 1.00 20.00  ? 101 BDP Q O2  1 
HETATM 760 O O3  . BDP U 2 . ? -16.949 3.762   -14.111 1.00 20.00  ? 101 BDP Q O3  1 
HETATM 761 O O4  . BDP U 2 . ? -19.292 3.299   -12.628 1.00 20.00  ? 101 BDP Q O4  1 
HETATM 762 O O5  . BDP U 2 . ? -16.715 1.656   -10.458 1.00 20.00  ? 101 BDP Q O5  1 
HETATM 763 O O6A . BDP U 2 . ? -20.254 1.820   -10.146 1.00 20.00  ? 101 BDP Q O6A 1 
HETATM 764 O O1  . BDP U 2 . ? -14.406 1.887   -10.522 1.00 20.00  ? 101 BDP Q O1  1 
HETATM 765 O O6B . BDP U 2 . ? -18.961 0.115   -10.566 1.00 20.00  ? 101 BDP Q O6B 1 
HETATM 766 C C1  . BDP V 2 . ? -7.856  -7.265  -9.463  1.00 20.00  ? 101 BDP R C1  1 
HETATM 767 C C2  . BDP V 2 . ? -8.390  -8.597  -10.045 1.00 20.00  ? 101 BDP R C2  1 
HETATM 768 C C3  . BDP V 2 . ? -7.312  -9.295  -10.814 1.00 20.00  ? 101 BDP R C3  1 
HETATM 769 C C4  . BDP V 2 . ? -6.767  -8.439  -11.897 1.00 20.00  ? 101 BDP R C4  1 
HETATM 770 C C5  . BDP V 2 . ? -6.240  -7.116  -11.316 1.00 20.00  ? 101 BDP R C5  1 
HETATM 771 C C6  . BDP V 2 . ? -5.770  -6.247  -12.415 1.00 20.00  ? 101 BDP R C6  1 
HETATM 772 O O2  . BDP V 2 . ? -8.844  -9.429  -8.987  1.00 20.00  ? 101 BDP R O2  1 
HETATM 773 O O3  . BDP V 2 . ? -7.858  -10.516 -11.399 1.00 20.00  ? 101 BDP R O3  1 
HETATM 774 O O4  . BDP V 2 . ? -5.710  -9.129  -12.568 1.00 20.00  ? 101 BDP R O4  1 
HETATM 775 O O5  . BDP V 2 . ? -7.316  -6.415  -10.539 1.00 20.00  ? 101 BDP R O5  1 
HETATM 776 O O6A . BDP V 2 . ? -6.561  -5.439  -12.970 1.00 20.00  ? 101 BDP R O6A 1 
HETATM 777 O O1  . BDP V 2 . ? -8.867  -6.613  -8.824  1.00 20.00  ? 101 BDP R O1  1 
HETATM 778 O O6B . BDP V 2 . ? -4.571  -6.313  -12.799 1.00 20.00  ? 101 BDP R O6B 1 
HETATM 779 C C1  . BDP W 2 . ? -12.950 -6.927  -7.572  1.00 20.00  ? 101 BDP U C1  1 
HETATM 780 C C2  . BDP W 2 . ? -13.298 -6.771  -9.072  1.00 20.00  ? 101 BDP U C2  1 
HETATM 781 C C3  . BDP W 2 . ? -14.662 -6.175  -9.228  1.00 20.00  ? 101 BDP U C3  1 
HETATM 782 C C4  . BDP W 2 . ? -15.697 -6.984  -8.535  1.00 20.00  ? 101 BDP U C4  1 
HETATM 783 C C5  . BDP W 2 . ? -15.347 -7.137  -7.045  1.00 20.00  ? 101 BDP U C5  1 
HETATM 784 C C6  . BDP W 2 . ? -16.347 -8.006  -6.388  1.00 20.00  ? 101 BDP U C6  1 
HETATM 785 O O2  . BDP W 2 . ? -12.334 -5.939  -9.701  1.00 20.00  ? 101 BDP U O2  1 
HETATM 786 O O3  . BDP W 2 . ? -14.990 -6.097  -10.647 1.00 20.00  ? 101 BDP U O3  1 
HETATM 787 O O4  . BDP W 2 . ? -16.972 -6.350  -8.669  1.00 20.00  ? 101 BDP U O4  1 
HETATM 788 O O5  . BDP W 2 . ? -13.977 -7.730  -6.885  1.00 20.00  ? 101 BDP U O5  1 
HETATM 789 O O6A . BDP W 2 . ? -17.380 -7.498  -5.877  1.00 20.00  ? 101 BDP U O6A 1 
HETATM 790 O O1  . BDP W 2 . ? -11.735 -7.528  -7.449  1.00 20.00  ? 101 BDP U O1  1 
HETATM 791 O O6B . BDP W 2 . ? -16.171 -9.252  -6.337  1.00 20.00  ? 101 BDP U O6B 1 
HETATM 792 C C1  . BDP X 2 . ? -4.949  -16.531 -6.620  1.00 20.00  ? 101 BDP V C1  1 
HETATM 793 C C2  . BDP X 2 . ? -5.567  -17.920 -6.908  1.00 20.00  ? 101 BDP V C2  1 
HETATM 794 C C3  . BDP X 2 . ? -4.656  -18.719 -7.789  1.00 20.00  ? 101 BDP V C3  1 
HETATM 795 C C4  . BDP X 2 . ? -4.359  -18.011 -9.058  1.00 20.00  ? 101 BDP V C4  1 
HETATM 796 C C5  . BDP X 2 . ? -3.748  -16.629 -8.768  1.00 20.00  ? 101 BDP V C5  1 
HETATM 797 C C6  . BDP X 2 . ? -3.528  -15.909 -10.040 1.00 20.00  ? 101 BDP V C6  1 
HETATM 798 O O2  . BDP X 2 . ? -5.780  -18.608 -5.685  1.00 20.00  ? 101 BDP V O2  1 
HETATM 799 O O3  . BDP X 2 . ? -5.290  -19.999 -8.093  1.00 20.00  ? 101 BDP V O3  1 
HETATM 800 O O4  . BDP X 2 . ? -3.450  -18.789 -9.841  1.00 20.00  ? 101 BDP V O4  1 
HETATM 801 O O5  . BDP X 2 . ? -4.654  -15.826 -7.881  1.00 20.00  ? 101 BDP V O5  1 
HETATM 802 O O6A . BDP X 2 . ? -4.430  -15.172 -10.518 1.00 20.00  ? 101 BDP V O6A 1 
HETATM 803 O O1  . BDP X 2 . ? -5.817  -15.795 -5.875  1.00 20.00  ? 101 BDP V O1  1 
HETATM 804 O O6B . BDP X 2 . ? -2.432  -16.035 -10.650 1.00 20.00  ? 101 BDP V O6B 1 
# 
